data_2X44
# 
_entry.id   2X44 
# 
_audit_conform.dict_name       mmcif_pdbx.dic 
_audit_conform.dict_version    5.399 
_audit_conform.dict_location   http://mmcif.pdb.org/dictionaries/ascii/mmcif_pdbx.dic 
# 
loop_
_database_2.database_id 
_database_2.database_code 
_database_2.pdbx_database_accession 
_database_2.pdbx_DOI 
PDB   2X44         pdb_00002x44 10.2210/pdb2x44/pdb 
PDBE  EBI-42660    ?            ?                   
WWPDB D_1290042660 ?            ?                   
# 
loop_
_pdbx_audit_revision_history.ordinal 
_pdbx_audit_revision_history.data_content_type 
_pdbx_audit_revision_history.major_revision 
_pdbx_audit_revision_history.minor_revision 
_pdbx_audit_revision_history.revision_date 
1 'Structure model' 1 0 2010-04-07 
2 'Structure model' 1 1 2011-07-13 
3 'Structure model' 1 2 2011-08-10 
4 'Structure model' 1 3 2023-12-20 
5 'Structure model' 1 4 2024-11-20 
# 
_pdbx_audit_revision_details.ordinal             1 
_pdbx_audit_revision_details.revision_ordinal    1 
_pdbx_audit_revision_details.data_content_type   'Structure model' 
_pdbx_audit_revision_details.provider            repository 
_pdbx_audit_revision_details.type                'Initial release' 
_pdbx_audit_revision_details.description         ? 
_pdbx_audit_revision_details.details             ? 
# 
loop_
_pdbx_audit_revision_group.ordinal 
_pdbx_audit_revision_group.revision_ordinal 
_pdbx_audit_revision_group.data_content_type 
_pdbx_audit_revision_group.group 
1  2 'Structure model' Advisory                    
2  2 'Structure model' 'Version format compliance' 
3  3 'Structure model' 'Database references'       
4  3 'Structure model' 'Derived calculations'      
5  3 'Structure model' 'Refinement description'    
6  4 'Structure model' 'Data collection'           
7  4 'Structure model' 'Database references'       
8  4 'Structure model' Other                       
9  4 'Structure model' 'Refinement description'    
10 5 'Structure model' 'Structure summary'         
# 
loop_
_pdbx_audit_revision_category.ordinal 
_pdbx_audit_revision_category.revision_ordinal 
_pdbx_audit_revision_category.data_content_type 
_pdbx_audit_revision_category.category 
1 4 'Structure model' chem_comp_atom                
2 4 'Structure model' chem_comp_bond                
3 4 'Structure model' database_2                    
4 4 'Structure model' pdbx_database_status          
5 4 'Structure model' pdbx_initial_refinement_model 
6 5 'Structure model' pdbx_entry_details            
7 5 'Structure model' pdbx_modification_feature     
# 
loop_
_pdbx_audit_revision_item.ordinal 
_pdbx_audit_revision_item.revision_ordinal 
_pdbx_audit_revision_item.data_content_type 
_pdbx_audit_revision_item.item 
1 4 'Structure model' '_database_2.pdbx_DOI'                         
2 4 'Structure model' '_database_2.pdbx_database_accession'          
3 4 'Structure model' '_pdbx_database_status.status_code_sf'         
4 5 'Structure model' '_pdbx_entry_details.has_protein_modification' 
# 
_pdbx_database_status.status_code                     REL 
_pdbx_database_status.entry_id                        2X44 
_pdbx_database_status.deposit_site                    PDBE 
_pdbx_database_status.process_site                    PDBE 
_pdbx_database_status.SG_entry                        . 
_pdbx_database_status.recvd_initial_deposition_date   2010-01-28 
_pdbx_database_status.pdb_format_compatible           Y 
_pdbx_database_status.status_code_sf                  REL 
_pdbx_database_status.status_code_mr                  ? 
_pdbx_database_status.status_code_cs                  ? 
_pdbx_database_status.methods_development_category    ? 
_pdbx_database_status.status_code_nmr_data            ? 
# 
loop_
_pdbx_database_related.db_name 
_pdbx_database_related.db_id 
_pdbx_database_related.content_type 
_pdbx_database_related.details 
PDB 1AH1 unspecified 'CTLA-4, NMR, 20 STRUCTURES' 
PDB 1H6E unspecified 
'MU2 ADAPTIN SUBUNIT (AP50) OF AP2 ADAPTOR ( SECOND DOMAIN), COMPLEXED WITH CTLA-4 INTERNALIZATION PEPTIDE TTGVYVKMPPT' 
PDB 1I8L unspecified 'HUMAN B7-1/CTLA-4 CO-STIMULATORY COMPLEX' 
PDB 1I85 unspecified 'CRYSTAL STRUCTURE OF THE CTLA-4/B7-2 COMPLEX' 
# 
loop_
_audit_author.name 
_audit_author.pdbx_ordinal 
'Sonnen, A.F.-P.' 1 
'Yu, C.'          2 
'Evans, E.J.'     3 
'Stuart, D.I.'    4 
'Davis, S.J.'     5 
'Gilbert, R.J.C.' 6 
# 
_citation.id                        primary 
_citation.title                     'Domain Metastability: A Molecular Basis for Immunoglobulin Deposition?' 
_citation.journal_abbrev            J.Mol.Biol. 
_citation.journal_volume            399 
_citation.page_first                207 
_citation.page_last                 ? 
_citation.year                      2010 
_citation.journal_id_ASTM           JMOBAK 
_citation.country                   UK 
_citation.journal_id_ISSN           0022-2836 
_citation.journal_id_CSD            0070 
_citation.book_publisher            ? 
_citation.pdbx_database_id_PubMed   20394753 
_citation.pdbx_database_id_DOI      10.1016/J.JMB.2010.04.011 
# 
loop_
_citation_author.citation_id 
_citation_author.name 
_citation_author.ordinal 
_citation_author.identifier_ORCID 
primary 'Sonnen, A.F.'    1 ? 
primary 'Yu, C.'          2 ? 
primary 'Evans, E.J.'     3 ? 
primary 'Stuart, D.I.'    4 ? 
primary 'Davis, S.J.'     5 ? 
primary 'Gilbert, R.J.C.' 6 ? 
# 
loop_
_entity.id 
_entity.type 
_entity.src_method 
_entity.pdbx_description 
_entity.formula_weight 
_entity.pdbx_number_of_molecules 
_entity.pdbx_ec 
_entity.pdbx_mutation 
_entity.pdbx_fragment 
_entity.details 
1 polymer man 'CYTOTOXIC T-LYMPHOCYTE PROTEIN 4' 14092.069 1  ? YES 'RESIDUES 36-161' ? 
2 water   nat water                              18.015    50 ? ?   ?                 ? 
# 
_entity_name_com.entity_id   1 
_entity_name_com.name        'CYTOTOXIC T-LYMPHOCYTE-ASSOCIATED ANTIGEN 4, CTLA-4, CD152, CYTOTOXIC T-LYMPHOCYTE ANTIGEN 4' 
# 
_entity_poly.entity_id                      1 
_entity_poly.type                           'polypeptide(L)' 
_entity_poly.nstd_linkage                   no 
_entity_poly.nstd_monomer                   no 
_entity_poly.pdbx_seq_one_letter_code       
;MKAMHVAQPAVVLASSRGIASFVCEYASPGKATEVRVTVLRQADSQVTEVCAATYMMGNELTFLDDSICTGTSSGNQVNL
TIQGLRAMDTGLYICKVELMYPPPYYLGIGNGTQIYVIDPEPSPDSDLVPR
;
_entity_poly.pdbx_seq_one_letter_code_can   
;MKAMHVAQPAVVLASSRGIASFVCEYASPGKATEVRVTVLRQADSQVTEVCAATYMMGNELTFLDDSICTGTSSGNQVNL
TIQGLRAMDTGLYICKVELMYPPPYYLGIGNGTQIYVIDPEPSPDSDLVPR
;
_entity_poly.pdbx_strand_id                 D 
_entity_poly.pdbx_target_identifier         ? 
# 
_pdbx_entity_nonpoly.entity_id   2 
_pdbx_entity_nonpoly.name        water 
_pdbx_entity_nonpoly.comp_id     HOH 
# 
loop_
_entity_poly_seq.entity_id 
_entity_poly_seq.num 
_entity_poly_seq.mon_id 
_entity_poly_seq.hetero 
1 1   MET n 
1 2   LYS n 
1 3   ALA n 
1 4   MET n 
1 5   HIS n 
1 6   VAL n 
1 7   ALA n 
1 8   GLN n 
1 9   PRO n 
1 10  ALA n 
1 11  VAL n 
1 12  VAL n 
1 13  LEU n 
1 14  ALA n 
1 15  SER n 
1 16  SER n 
1 17  ARG n 
1 18  GLY n 
1 19  ILE n 
1 20  ALA n 
1 21  SER n 
1 22  PHE n 
1 23  VAL n 
1 24  CYS n 
1 25  GLU n 
1 26  TYR n 
1 27  ALA n 
1 28  SER n 
1 29  PRO n 
1 30  GLY n 
1 31  LYS n 
1 32  ALA n 
1 33  THR n 
1 34  GLU n 
1 35  VAL n 
1 36  ARG n 
1 37  VAL n 
1 38  THR n 
1 39  VAL n 
1 40  LEU n 
1 41  ARG n 
1 42  GLN n 
1 43  ALA n 
1 44  ASP n 
1 45  SER n 
1 46  GLN n 
1 47  VAL n 
1 48  THR n 
1 49  GLU n 
1 50  VAL n 
1 51  CYS n 
1 52  ALA n 
1 53  ALA n 
1 54  THR n 
1 55  TYR n 
1 56  MET n 
1 57  MET n 
1 58  GLY n 
1 59  ASN n 
1 60  GLU n 
1 61  LEU n 
1 62  THR n 
1 63  PHE n 
1 64  LEU n 
1 65  ASP n 
1 66  ASP n 
1 67  SER n 
1 68  ILE n 
1 69  CYS n 
1 70  THR n 
1 71  GLY n 
1 72  THR n 
1 73  SER n 
1 74  SER n 
1 75  GLY n 
1 76  ASN n 
1 77  GLN n 
1 78  VAL n 
1 79  ASN n 
1 80  LEU n 
1 81  THR n 
1 82  ILE n 
1 83  GLN n 
1 84  GLY n 
1 85  LEU n 
1 86  ARG n 
1 87  ALA n 
1 88  MET n 
1 89  ASP n 
1 90  THR n 
1 91  GLY n 
1 92  LEU n 
1 93  TYR n 
1 94  ILE n 
1 95  CYS n 
1 96  LYS n 
1 97  VAL n 
1 98  GLU n 
1 99  LEU n 
1 100 MET n 
1 101 TYR n 
1 102 PRO n 
1 103 PRO n 
1 104 PRO n 
1 105 TYR n 
1 106 TYR n 
1 107 LEU n 
1 108 GLY n 
1 109 ILE n 
1 110 GLY n 
1 111 ASN n 
1 112 GLY n 
1 113 THR n 
1 114 GLN n 
1 115 ILE n 
1 116 TYR n 
1 117 VAL n 
1 118 ILE n 
1 119 ASP n 
1 120 PRO n 
1 121 GLU n 
1 122 PRO n 
1 123 SER n 
1 124 PRO n 
1 125 ASP n 
1 126 SER n 
1 127 ASP n 
1 128 LEU n 
1 129 VAL n 
1 130 PRO n 
1 131 ARG n 
# 
_entity_src_gen.entity_id                          1 
_entity_src_gen.pdbx_src_id                        1 
_entity_src_gen.pdbx_alt_source_flag               sample 
_entity_src_gen.pdbx_seq_type                      ? 
_entity_src_gen.pdbx_beg_seq_num                   ? 
_entity_src_gen.pdbx_end_seq_num                   ? 
_entity_src_gen.gene_src_common_name               HUMAN 
_entity_src_gen.gene_src_genus                     ? 
_entity_src_gen.pdbx_gene_src_gene                 ? 
_entity_src_gen.gene_src_species                   ? 
_entity_src_gen.gene_src_strain                    ? 
_entity_src_gen.gene_src_tissue                    BLOOD 
_entity_src_gen.gene_src_tissue_fraction           ? 
_entity_src_gen.gene_src_details                   ? 
_entity_src_gen.pdbx_gene_src_fragment             ? 
_entity_src_gen.pdbx_gene_src_scientific_name      'HOMO SAPIENS' 
_entity_src_gen.pdbx_gene_src_ncbi_taxonomy_id     9606 
_entity_src_gen.pdbx_gene_src_variant              ? 
_entity_src_gen.pdbx_gene_src_cell_line            JURKAT 
_entity_src_gen.pdbx_gene_src_atcc                 ? 
_entity_src_gen.pdbx_gene_src_organ                ? 
_entity_src_gen.pdbx_gene_src_organelle            ? 
_entity_src_gen.pdbx_gene_src_cell                 T-LYMPHOCYTE 
_entity_src_gen.pdbx_gene_src_cellular_location    ? 
_entity_src_gen.host_org_common_name               ? 
_entity_src_gen.pdbx_host_org_scientific_name      'ESCHERICHIA COLI' 
_entity_src_gen.pdbx_host_org_ncbi_taxonomy_id     469008 
_entity_src_gen.host_org_genus                     ? 
_entity_src_gen.pdbx_host_org_gene                 ? 
_entity_src_gen.pdbx_host_org_organ                ? 
_entity_src_gen.host_org_species                   ? 
_entity_src_gen.pdbx_host_org_tissue               ? 
_entity_src_gen.pdbx_host_org_tissue_fraction      ? 
_entity_src_gen.pdbx_host_org_strain               'BL21(DE3)' 
_entity_src_gen.pdbx_host_org_variant              ? 
_entity_src_gen.pdbx_host_org_cell_line            ? 
_entity_src_gen.pdbx_host_org_atcc                 ? 
_entity_src_gen.pdbx_host_org_culture_collection   ? 
_entity_src_gen.pdbx_host_org_cell                 ? 
_entity_src_gen.pdbx_host_org_organelle            ? 
_entity_src_gen.pdbx_host_org_cellular_location    ? 
_entity_src_gen.pdbx_host_org_vector_type          ? 
_entity_src_gen.pdbx_host_org_vector               ? 
_entity_src_gen.host_org_details                   ? 
_entity_src_gen.expression_system_id               ? 
_entity_src_gen.plasmid_name                       ? 
_entity_src_gen.plasmid_details                    ? 
_entity_src_gen.pdbx_description                   'CDNA GENERATED DIRECTLY FROM JURKAT CELLS, CLONED AND MUTATED CYS122SER.' 
# 
loop_
_chem_comp.id 
_chem_comp.type 
_chem_comp.mon_nstd_flag 
_chem_comp.name 
_chem_comp.pdbx_synonyms 
_chem_comp.formula 
_chem_comp.formula_weight 
ALA 'L-peptide linking' y ALANINE         ? 'C3 H7 N O2'     89.093  
ARG 'L-peptide linking' y ARGININE        ? 'C6 H15 N4 O2 1' 175.209 
ASN 'L-peptide linking' y ASPARAGINE      ? 'C4 H8 N2 O3'    132.118 
ASP 'L-peptide linking' y 'ASPARTIC ACID' ? 'C4 H7 N O4'     133.103 
CYS 'L-peptide linking' y CYSTEINE        ? 'C3 H7 N O2 S'   121.158 
GLN 'L-peptide linking' y GLUTAMINE       ? 'C5 H10 N2 O3'   146.144 
GLU 'L-peptide linking' y 'GLUTAMIC ACID' ? 'C5 H9 N O4'     147.129 
GLY 'peptide linking'   y GLYCINE         ? 'C2 H5 N O2'     75.067  
HIS 'L-peptide linking' y HISTIDINE       ? 'C6 H10 N3 O2 1' 156.162 
HOH non-polymer         . WATER           ? 'H2 O'           18.015  
ILE 'L-peptide linking' y ISOLEUCINE      ? 'C6 H13 N O2'    131.173 
LEU 'L-peptide linking' y LEUCINE         ? 'C6 H13 N O2'    131.173 
LYS 'L-peptide linking' y LYSINE          ? 'C6 H15 N2 O2 1' 147.195 
MET 'L-peptide linking' y METHIONINE      ? 'C5 H11 N O2 S'  149.211 
PHE 'L-peptide linking' y PHENYLALANINE   ? 'C9 H11 N O2'    165.189 
PRO 'L-peptide linking' y PROLINE         ? 'C5 H9 N O2'     115.130 
SER 'L-peptide linking' y SERINE          ? 'C3 H7 N O3'     105.093 
THR 'L-peptide linking' y THREONINE       ? 'C4 H9 N O3'     119.119 
TYR 'L-peptide linking' y TYROSINE        ? 'C9 H11 N O3'    181.189 
VAL 'L-peptide linking' y VALINE          ? 'C5 H11 N O2'    117.146 
# 
loop_
_pdbx_poly_seq_scheme.asym_id 
_pdbx_poly_seq_scheme.entity_id 
_pdbx_poly_seq_scheme.seq_id 
_pdbx_poly_seq_scheme.mon_id 
_pdbx_poly_seq_scheme.ndb_seq_num 
_pdbx_poly_seq_scheme.pdb_seq_num 
_pdbx_poly_seq_scheme.auth_seq_num 
_pdbx_poly_seq_scheme.pdb_mon_id 
_pdbx_poly_seq_scheme.auth_mon_id 
_pdbx_poly_seq_scheme.pdb_strand_id 
_pdbx_poly_seq_scheme.pdb_ins_code 
_pdbx_poly_seq_scheme.hetero 
A 1 1   MET 1   0   0   MET MET D . n 
A 1 2   LYS 2   1   1   LYS LYS D . n 
A 1 3   ALA 3   2   2   ALA ALA D . n 
A 1 4   MET 4   3   3   MET MET D . n 
A 1 5   HIS 5   4   4   HIS HIS D . n 
A 1 6   VAL 6   5   5   VAL VAL D . n 
A 1 7   ALA 7   6   6   ALA ALA D . n 
A 1 8   GLN 8   7   7   GLN GLN D . n 
A 1 9   PRO 9   8   8   PRO PRO D . n 
A 1 10  ALA 10  9   9   ALA ALA D . n 
A 1 11  VAL 11  10  10  VAL VAL D . n 
A 1 12  VAL 12  11  11  VAL VAL D . n 
A 1 13  LEU 13  12  12  LEU LEU D . n 
A 1 14  ALA 14  13  13  ALA ALA D . n 
A 1 15  SER 15  14  14  SER SER D . n 
A 1 16  SER 16  15  15  SER SER D . n 
A 1 17  ARG 17  16  16  ARG ARG D . n 
A 1 18  GLY 18  17  17  GLY GLY D . n 
A 1 19  ILE 19  18  18  ILE ILE D . n 
A 1 20  ALA 20  19  19  ALA ALA D . n 
A 1 21  SER 21  20  20  SER SER D . n 
A 1 22  PHE 22  21  21  PHE PHE D . n 
A 1 23  VAL 23  22  22  VAL VAL D . n 
A 1 24  CYS 24  23  23  CYS CYS D . n 
A 1 25  GLU 25  24  24  GLU GLU D . n 
A 1 26  TYR 26  25  25  TYR TYR D . n 
A 1 27  ALA 27  26  26  ALA ALA D . n 
A 1 28  SER 28  27  27  SER SER D . n 
A 1 29  PRO 29  28  28  PRO PRO D . n 
A 1 30  GLY 30  29  29  GLY GLY D . n 
A 1 31  LYS 31  30  30  LYS LYS D . n 
A 1 32  ALA 32  31  31  ALA ALA D . n 
A 1 33  THR 33  32  32  THR THR D . n 
A 1 34  GLU 34  33  33  GLU GLU D . n 
A 1 35  VAL 35  34  34  VAL VAL D . n 
A 1 36  ARG 36  35  35  ARG ARG D . n 
A 1 37  VAL 37  36  36  VAL VAL D . n 
A 1 38  THR 38  37  37  THR THR D . n 
A 1 39  VAL 39  38  38  VAL VAL D . n 
A 1 40  LEU 40  39  39  LEU LEU D . n 
A 1 41  ARG 41  40  40  ARG ARG D . n 
A 1 42  GLN 42  41  41  GLN GLN D . n 
A 1 43  ALA 43  42  42  ALA ALA D . n 
A 1 44  ASP 44  43  43  ASP ASP D . n 
A 1 45  SER 45  44  44  SER SER D . n 
A 1 46  GLN 46  45  45  GLN GLN D . n 
A 1 47  VAL 47  46  46  VAL VAL D . n 
A 1 48  THR 48  47  47  THR THR D . n 
A 1 49  GLU 49  48  48  GLU GLU D . n 
A 1 50  VAL 50  49  49  VAL VAL D . n 
A 1 51  CYS 51  50  50  CYS CYS D . n 
A 1 52  ALA 52  51  51  ALA ALA D . n 
A 1 53  ALA 53  52  52  ALA ALA D . n 
A 1 54  THR 54  53  53  THR THR D . n 
A 1 55  TYR 55  54  54  TYR TYR D . n 
A 1 56  MET 56  55  55  MET MET D . n 
A 1 57  MET 57  56  56  MET MET D . n 
A 1 58  GLY 58  57  57  GLY GLY D . n 
A 1 59  ASN 59  58  58  ASN ASN D . n 
A 1 60  GLU 60  59  59  GLU GLU D . n 
A 1 61  LEU 61  60  60  LEU LEU D . n 
A 1 62  THR 62  61  61  THR THR D . n 
A 1 63  PHE 63  62  62  PHE PHE D . n 
A 1 64  LEU 64  63  63  LEU LEU D . n 
A 1 65  ASP 65  64  64  ASP ASP D . n 
A 1 66  ASP 66  65  65  ASP ASP D . n 
A 1 67  SER 67  66  66  SER SER D . n 
A 1 68  ILE 68  67  67  ILE ILE D . n 
A 1 69  CYS 69  68  68  CYS CYS D . n 
A 1 70  THR 70  69  69  THR THR D . n 
A 1 71  GLY 71  70  70  GLY GLY D . n 
A 1 72  THR 72  71  71  THR THR D . n 
A 1 73  SER 73  72  72  SER SER D . n 
A 1 74  SER 74  73  73  SER SER D . n 
A 1 75  GLY 75  74  74  GLY GLY D . n 
A 1 76  ASN 76  75  75  ASN ASN D . n 
A 1 77  GLN 77  76  76  GLN GLN D . n 
A 1 78  VAL 78  77  77  VAL VAL D . n 
A 1 79  ASN 79  78  78  ASN ASN D . n 
A 1 80  LEU 80  79  79  LEU LEU D . n 
A 1 81  THR 81  80  80  THR THR D . n 
A 1 82  ILE 82  81  81  ILE ILE D . n 
A 1 83  GLN 83  82  82  GLN GLN D . n 
A 1 84  GLY 84  83  83  GLY GLY D . n 
A 1 85  LEU 85  84  84  LEU LEU D . n 
A 1 86  ARG 86  85  85  ARG ARG D . n 
A 1 87  ALA 87  86  86  ALA ALA D . n 
A 1 88  MET 88  87  87  MET MET D . n 
A 1 89  ASP 89  88  88  ASP ASP D . n 
A 1 90  THR 90  89  89  THR THR D . n 
A 1 91  GLY 91  90  90  GLY GLY D . n 
A 1 92  LEU 92  91  91  LEU LEU D . n 
A 1 93  TYR 93  92  92  TYR TYR D . n 
A 1 94  ILE 94  93  93  ILE ILE D . n 
A 1 95  CYS 95  94  94  CYS CYS D . n 
A 1 96  LYS 96  95  95  LYS LYS D . n 
A 1 97  VAL 97  96  96  VAL VAL D . n 
A 1 98  GLU 98  97  97  GLU GLU D . n 
A 1 99  LEU 99  98  98  LEU LEU D . n 
A 1 100 MET 100 99  99  MET MET D . n 
A 1 101 TYR 101 100 100 TYR TYR D . n 
A 1 102 PRO 102 101 101 PRO PRO D . n 
A 1 103 PRO 103 102 102 PRO PRO D . n 
A 1 104 PRO 104 103 103 PRO PRO D . n 
A 1 105 TYR 105 104 104 TYR TYR D . n 
A 1 106 TYR 106 105 105 TYR TYR D . n 
A 1 107 LEU 107 106 106 LEU LEU D . n 
A 1 108 GLY 108 107 107 GLY GLY D . n 
A 1 109 ILE 109 108 108 ILE ILE D . n 
A 1 110 GLY 110 109 109 GLY GLY D . n 
A 1 111 ASN 111 110 110 ASN ASN D . n 
A 1 112 GLY 112 111 111 GLY GLY D . n 
A 1 113 THR 113 112 112 THR THR D . n 
A 1 114 GLN 114 113 113 GLN GLN D . n 
A 1 115 ILE 115 114 114 ILE ILE D . n 
A 1 116 TYR 116 115 115 TYR TYR D . n 
A 1 117 VAL 117 116 116 VAL VAL D . n 
A 1 118 ILE 118 117 117 ILE ILE D . n 
A 1 119 ASP 119 118 118 ASP ASP D . n 
A 1 120 PRO 120 119 119 PRO PRO D . n 
A 1 121 GLU 121 120 120 GLU GLU D . n 
A 1 122 PRO 122 121 ?   ?   ?   D . n 
A 1 123 SER 123 122 ?   ?   ?   D . n 
A 1 124 PRO 124 123 ?   ?   ?   D . n 
A 1 125 ASP 125 124 ?   ?   ?   D . n 
A 1 126 SER 126 125 ?   ?   ?   D . n 
A 1 127 ASP 127 126 ?   ?   ?   D . n 
A 1 128 LEU 128 127 ?   ?   ?   D . n 
A 1 129 VAL 129 128 ?   ?   ?   D . n 
A 1 130 PRO 130 129 ?   ?   ?   D . n 
A 1 131 ARG 131 130 ?   ?   ?   D . n 
# 
loop_
_pdbx_nonpoly_scheme.asym_id 
_pdbx_nonpoly_scheme.entity_id 
_pdbx_nonpoly_scheme.mon_id 
_pdbx_nonpoly_scheme.ndb_seq_num 
_pdbx_nonpoly_scheme.pdb_seq_num 
_pdbx_nonpoly_scheme.auth_seq_num 
_pdbx_nonpoly_scheme.pdb_mon_id 
_pdbx_nonpoly_scheme.auth_mon_id 
_pdbx_nonpoly_scheme.pdb_strand_id 
_pdbx_nonpoly_scheme.pdb_ins_code 
B 2 HOH 1  2001 2001 HOH HOH D . 
B 2 HOH 2  2002 2002 HOH HOH D . 
B 2 HOH 3  2003 2003 HOH HOH D . 
B 2 HOH 4  2004 2004 HOH HOH D . 
B 2 HOH 5  2005 2005 HOH HOH D . 
B 2 HOH 6  2006 2006 HOH HOH D . 
B 2 HOH 7  2007 2007 HOH HOH D . 
B 2 HOH 8  2008 2008 HOH HOH D . 
B 2 HOH 9  2009 2009 HOH HOH D . 
B 2 HOH 10 2010 2010 HOH HOH D . 
B 2 HOH 11 2011 2011 HOH HOH D . 
B 2 HOH 12 2012 2012 HOH HOH D . 
B 2 HOH 13 2013 2013 HOH HOH D . 
B 2 HOH 14 2014 2014 HOH HOH D . 
B 2 HOH 15 2015 2015 HOH HOH D . 
B 2 HOH 16 2016 2016 HOH HOH D . 
B 2 HOH 17 2017 2017 HOH HOH D . 
B 2 HOH 18 2018 2018 HOH HOH D . 
B 2 HOH 19 2019 2019 HOH HOH D . 
B 2 HOH 20 2020 2020 HOH HOH D . 
B 2 HOH 21 2021 2021 HOH HOH D . 
B 2 HOH 22 2022 2022 HOH HOH D . 
B 2 HOH 23 2023 2023 HOH HOH D . 
B 2 HOH 24 2024 2024 HOH HOH D . 
B 2 HOH 25 2025 2025 HOH HOH D . 
B 2 HOH 26 2026 2026 HOH HOH D . 
B 2 HOH 27 2027 2027 HOH HOH D . 
B 2 HOH 28 2028 2028 HOH HOH D . 
B 2 HOH 29 2029 2029 HOH HOH D . 
B 2 HOH 30 2030 2030 HOH HOH D . 
B 2 HOH 31 2031 2031 HOH HOH D . 
B 2 HOH 32 2032 2032 HOH HOH D . 
B 2 HOH 33 2033 2033 HOH HOH D . 
B 2 HOH 34 2034 2034 HOH HOH D . 
B 2 HOH 35 2035 2035 HOH HOH D . 
B 2 HOH 36 2036 2036 HOH HOH D . 
B 2 HOH 37 2037 2037 HOH HOH D . 
B 2 HOH 38 2038 2038 HOH HOH D . 
B 2 HOH 39 2039 2039 HOH HOH D . 
B 2 HOH 40 2040 2040 HOH HOH D . 
B 2 HOH 41 2041 2041 HOH HOH D . 
B 2 HOH 42 2042 2042 HOH HOH D . 
B 2 HOH 43 2043 2043 HOH HOH D . 
B 2 HOH 44 2044 2044 HOH HOH D . 
B 2 HOH 45 2045 2045 HOH HOH D . 
B 2 HOH 46 2046 2046 HOH HOH D . 
B 2 HOH 47 2047 2047 HOH HOH D . 
B 2 HOH 48 2048 2048 HOH HOH D . 
B 2 HOH 49 2049 2049 HOH HOH D . 
B 2 HOH 50 2050 2050 HOH HOH D . 
# 
loop_
_software.name 
_software.classification 
_software.version 
_software.citation_id 
_software.pdbx_ordinal 
REFMAC refinement       5.5.0047 ? 1 
XDS    'data reduction' .        ? 2 
XDS    'data scaling'   .        ? 3 
PHASER phasing          .        ? 4 
# 
_cell.entry_id           2X44 
_cell.length_a           42.951 
_cell.length_b           42.951 
_cell.length_c           140.101 
_cell.angle_alpha        90.00 
_cell.angle_beta         90.00 
_cell.angle_gamma        120.00 
_cell.Z_PDB              6 
_cell.pdbx_unique_axis   ? 
# 
_symmetry.entry_id                         2X44 
_symmetry.space_group_name_H-M             'P 31 2 1' 
_symmetry.pdbx_full_space_group_name_H-M   ? 
_symmetry.cell_setting                     ? 
_symmetry.Int_Tables_number                152 
# 
_exptl.entry_id          2X44 
_exptl.method            'X-RAY DIFFRACTION' 
_exptl.crystals_number   1 
# 
_exptl_crystal.id                    1 
_exptl_crystal.density_meas          ? 
_exptl_crystal.density_Matthews      2.87 
_exptl_crystal.density_percent_sol   57.16 
_exptl_crystal.description           NONE 
# 
_exptl_crystal_grow.crystal_id      1 
_exptl_crystal_grow.method          ? 
_exptl_crystal_grow.temp            ? 
_exptl_crystal_grow.temp_details    ? 
_exptl_crystal_grow.pH              7.5 
_exptl_crystal_grow.pdbx_pH_range   ? 
_exptl_crystal_grow.pdbx_details    
;0.02 M MAGNESIUM CHLORIDE, 0.1 M HEPES PH 7.5, 22 % W/V POLYACRYLIC ACID 5100 SODIUM SALT, 0.4 M NDSB-256 (OR 6 % 1,6-DIAMINOHEXANE).
;
# 
_diffrn.id                     1 
_diffrn.ambient_temp           100 
_diffrn.ambient_temp_details   ? 
_diffrn.crystal_id             1 
# 
_diffrn_detector.diffrn_id              1 
_diffrn_detector.detector               'IMAGE PLATE' 
_diffrn_detector.type                   'MAR scanner 345 mm plate' 
_diffrn_detector.pdbx_collection_date   2006-02-17 
_diffrn_detector.details                ? 
# 
_diffrn_radiation.diffrn_id                        1 
_diffrn_radiation.wavelength_id                    1 
_diffrn_radiation.pdbx_monochromatic_or_laue_m_l   M 
_diffrn_radiation.monochromator                    ? 
_diffrn_radiation.pdbx_diffrn_protocol             'SINGLE WAVELENGTH' 
_diffrn_radiation.pdbx_scattering_type             x-ray 
# 
_diffrn_radiation_wavelength.id           1 
_diffrn_radiation_wavelength.wavelength   1.5418 
_diffrn_radiation_wavelength.wt           1.0 
# 
_diffrn_source.diffrn_id                   1 
_diffrn_source.source                      'ROTATING ANODE' 
_diffrn_source.type                        RIGAKU 
_diffrn_source.pdbx_synchrotron_site       ? 
_diffrn_source.pdbx_synchrotron_beamline   ? 
_diffrn_source.pdbx_wavelength             1.5418 
_diffrn_source.pdbx_wavelength_list        ? 
# 
_reflns.pdbx_diffrn_id               1 
_reflns.pdbx_ordinal                 1 
_reflns.entry_id                     2X44 
_reflns.observed_criterion_sigma_I   2.0 
_reflns.observed_criterion_sigma_F   ? 
_reflns.d_resolution_low             18.60 
_reflns.d_resolution_high            2.60 
_reflns.number_obs                   4289 
_reflns.number_all                   ? 
_reflns.percent_possible_obs         85.0 
_reflns.pdbx_Rmerge_I_obs            0.04 
_reflns.pdbx_Rsym_value              ? 
_reflns.pdbx_netI_over_sigmaI        29.10 
_reflns.B_iso_Wilson_estimate        58.27 
_reflns.pdbx_redundancy              22.1 
# 
_reflns_shell.pdbx_diffrn_id         1 
_reflns_shell.pdbx_ordinal           1 
_reflns_shell.d_res_high             2.60 
_reflns_shell.d_res_low              2.70 
_reflns_shell.percent_possible_all   45.8 
_reflns_shell.Rmerge_I_obs           0.20 
_reflns_shell.pdbx_Rsym_value        ? 
_reflns_shell.meanI_over_sigI_obs    9.00 
_reflns_shell.pdbx_redundancy        21.3 
# 
_refine.pdbx_refine_id                           'X-RAY DIFFRACTION' 
_refine.entry_id                                 2X44 
_refine.pdbx_diffrn_id                           1 
_refine.pdbx_TLS_residual_ADP_flag               'LIKELY RESIDUAL' 
_refine.ls_number_reflns_obs                     4289 
_refine.ls_number_reflns_all                     ? 
_refine.pdbx_ls_sigma_I                          ? 
_refine.pdbx_ls_sigma_F                          . 
_refine.pdbx_data_cutoff_high_absF               ? 
_refine.pdbx_data_cutoff_low_absF                ? 
_refine.pdbx_data_cutoff_high_rms_absF           ? 
_refine.ls_d_res_low                             18.60 
_refine.ls_d_res_high                            2.60 
_refine.ls_percent_reflns_obs                    89.13 
_refine.ls_R_factor_obs                          0.19385 
_refine.ls_R_factor_all                          ? 
_refine.ls_R_factor_R_work                       0.19157 
_refine.ls_R_factor_R_free                       0.24501 
_refine.ls_R_factor_R_free_error                 ? 
_refine.ls_R_factor_R_free_error_details         ? 
_refine.ls_percent_reflns_R_free                 4.2 
_refine.ls_number_reflns_R_free                  189 
_refine.ls_number_parameters                     ? 
_refine.ls_number_restraints                     ? 
_refine.occupancy_min                            ? 
_refine.occupancy_max                            ? 
_refine.correlation_coeff_Fo_to_Fc               0.941 
_refine.correlation_coeff_Fo_to_Fc_free          0.903 
_refine.B_iso_mean                               22.845 
_refine.aniso_B[1][1]                            -1.30 
_refine.aniso_B[2][2]                            -1.30 
_refine.aniso_B[3][3]                            1.96 
_refine.aniso_B[1][2]                            -0.65 
_refine.aniso_B[1][3]                            0.00 
_refine.aniso_B[2][3]                            0.00 
_refine.solvent_model_details                    'BABINET MODEL WITH MASK' 
_refine.solvent_model_param_ksol                 ? 
_refine.solvent_model_param_bsol                 ? 
_refine.pdbx_solvent_vdw_probe_radii             1.20 
_refine.pdbx_solvent_ion_probe_radii             0.80 
_refine.pdbx_solvent_shrinkage_radii             0.80 
_refine.pdbx_ls_cross_valid_method               THROUGHOUT 
_refine.details                                  
'HYDROGENS HAVE BEEN ADDED IN THE RIDING POSITIONS. ATOM RECORD CONTAINS RESIDUAL B FACTORS ONLY.' 
_refine.pdbx_starting_model                      'PDB ENTRY 1I81' 
_refine.pdbx_method_to_determine_struct          'MOLECULAR REPLACEMENT' 
_refine.pdbx_isotropic_thermal_model             ? 
_refine.pdbx_stereochemistry_target_values       'MAXIMUM LIKELIHOOD' 
_refine.pdbx_stereochem_target_val_spec_case     ? 
_refine.pdbx_R_Free_selection_details            RANDOM 
_refine.pdbx_overall_ESU_R                       0.783 
_refine.pdbx_overall_ESU_R_Free                  0.318 
_refine.overall_SU_ML                            0.243 
_refine.pdbx_overall_phase_error                 ? 
_refine.overall_SU_B                             26.265 
_refine.overall_SU_R_Cruickshank_DPI             ? 
_refine.pdbx_overall_SU_R_free_Cruickshank_DPI   ? 
_refine.pdbx_overall_SU_R_Blow_DPI               ? 
_refine.pdbx_overall_SU_R_free_Blow_DPI          ? 
# 
_refine_hist.pdbx_refine_id                   'X-RAY DIFFRACTION' 
_refine_hist.cycle_id                         LAST 
_refine_hist.pdbx_number_atoms_protein        906 
_refine_hist.pdbx_number_atoms_nucleic_acid   0 
_refine_hist.pdbx_number_atoms_ligand         0 
_refine_hist.number_atoms_solvent             50 
_refine_hist.number_atoms_total               956 
_refine_hist.d_res_high                       2.60 
_refine_hist.d_res_low                        18.60 
# 
loop_
_refine_ls_restr.type 
_refine_ls_restr.dev_ideal 
_refine_ls_restr.dev_ideal_target 
_refine_ls_restr.weight 
_refine_ls_restr.number 
_refine_ls_restr.pdbx_refine_id 
_refine_ls_restr.pdbx_restraint_function 
r_bond_refined_d             0.006  0.022  ? 932  'X-RAY DIFFRACTION' ? 
r_bond_other_d               0.001  0.020  ? 603  'X-RAY DIFFRACTION' ? 
r_angle_refined_deg          1.024  1.975  ? 1270 'X-RAY DIFFRACTION' ? 
r_angle_other_deg            0.905  3.005  ? 1482 'X-RAY DIFFRACTION' ? 
r_dihedral_angle_1_deg       5.562  5.000  ? 122  'X-RAY DIFFRACTION' ? 
r_dihedral_angle_2_deg       31.691 24.857 ? 35   'X-RAY DIFFRACTION' ? 
r_dihedral_angle_3_deg       17.257 15.000 ? 154  'X-RAY DIFFRACTION' ? 
r_dihedral_angle_4_deg       13.121 15.000 ? 4    'X-RAY DIFFRACTION' ? 
r_chiral_restr               0.061  0.200  ? 150  'X-RAY DIFFRACTION' ? 
r_gen_planes_refined         0.003  0.021  ? 1040 'X-RAY DIFFRACTION' ? 
r_gen_planes_other           0.001  0.020  ? 172  'X-RAY DIFFRACTION' ? 
r_nbd_refined                ?      ?      ? ?    'X-RAY DIFFRACTION' ? 
r_nbd_other                  ?      ?      ? ?    'X-RAY DIFFRACTION' ? 
r_nbtor_refined              ?      ?      ? ?    'X-RAY DIFFRACTION' ? 
r_nbtor_other                ?      ?      ? ?    'X-RAY DIFFRACTION' ? 
r_xyhbond_nbd_refined        ?      ?      ? ?    'X-RAY DIFFRACTION' ? 
r_xyhbond_nbd_other          ?      ?      ? ?    'X-RAY DIFFRACTION' ? 
r_metal_ion_refined          ?      ?      ? ?    'X-RAY DIFFRACTION' ? 
r_metal_ion_other            ?      ?      ? ?    'X-RAY DIFFRACTION' ? 
r_symmetry_vdw_refined       ?      ?      ? ?    'X-RAY DIFFRACTION' ? 
r_symmetry_vdw_other         ?      ?      ? ?    'X-RAY DIFFRACTION' ? 
r_symmetry_hbond_refined     ?      ?      ? ?    'X-RAY DIFFRACTION' ? 
r_symmetry_hbond_other       ?      ?      ? ?    'X-RAY DIFFRACTION' ? 
r_symmetry_metal_ion_refined ?      ?      ? ?    'X-RAY DIFFRACTION' ? 
r_symmetry_metal_ion_other   ?      ?      ? ?    'X-RAY DIFFRACTION' ? 
r_mcbond_it                  3.142  3.000  ? 606  'X-RAY DIFFRACTION' ? 
r_mcbond_other               0.877  3.000  ? 247  'X-RAY DIFFRACTION' ? 
r_mcangle_it                 5.254  3.000  ? 982  'X-RAY DIFFRACTION' ? 
r_mcangle_other              ?      ?      ? ?    'X-RAY DIFFRACTION' ? 
r_scbond_it                  6.670  4.000  ? 326  'X-RAY DIFFRACTION' ? 
r_scbond_other               ?      ?      ? ?    'X-RAY DIFFRACTION' ? 
r_scangle_it                 10.460 6.000  ? 288  'X-RAY DIFFRACTION' ? 
r_scangle_other              ?      ?      ? ?    'X-RAY DIFFRACTION' ? 
r_long_range_B_refined       ?      ?      ? ?    'X-RAY DIFFRACTION' ? 
r_long_range_B_other         ?      ?      ? ?    'X-RAY DIFFRACTION' ? 
r_rigid_bond_restr           ?      ?      ? ?    'X-RAY DIFFRACTION' ? 
r_sphericity_free            ?      ?      ? ?    'X-RAY DIFFRACTION' ? 
r_sphericity_bonded          ?      ?      ? ?    'X-RAY DIFFRACTION' ? 
# 
_refine_ls_shell.pdbx_refine_id                   'X-RAY DIFFRACTION' 
_refine_ls_shell.pdbx_total_number_of_bins_used   20 
_refine_ls_shell.d_res_high                       2.600 
_refine_ls_shell.d_res_low                        2.666 
_refine_ls_shell.number_reflns_R_work             226 
_refine_ls_shell.R_factor_R_work                  0.243 
_refine_ls_shell.percent_reflns_obs               64.40 
_refine_ls_shell.R_factor_R_free                  0.237 
_refine_ls_shell.R_factor_R_free_error            ? 
_refine_ls_shell.percent_reflns_R_free            ? 
_refine_ls_shell.number_reflns_R_free             11 
_refine_ls_shell.number_reflns_all                ? 
_refine_ls_shell.R_factor_all                     ? 
# 
_struct.entry_id                  2X44 
_struct.title                     'Structure of a strand-swapped dimeric form of CTLA-4' 
_struct.pdbx_model_details        ? 
_struct.pdbx_CASP_flag            ? 
_struct.pdbx_model_type_details   ? 
# 
_struct_keywords.entry_id        2X44 
_struct_keywords.pdbx_keywords   'IMMUNE SYSTEM' 
_struct_keywords.text            
'IMMUNE SYSTEM, AMYLOIDOGENIC, SYSTEMIC LUPUS ERYTHEMATOSUS, IMMUNOGLOBULIN DOMAIN, MEMBRANE, GLYCOPROTEIN, TRANSMEMBRANE' 
# 
loop_
_struct_asym.id 
_struct_asym.pdbx_blank_PDB_chainid_flag 
_struct_asym.pdbx_modified 
_struct_asym.entity_id 
_struct_asym.details 
A N N 1 ? 
B N N 2 ? 
# 
loop_
_struct_ref.id 
_struct_ref.db_name 
_struct_ref.db_code 
_struct_ref.entity_id 
_struct_ref.pdbx_seq_one_letter_code 
_struct_ref.pdbx_align_begin 
_struct_ref.pdbx_db_accession 
_struct_ref.pdbx_db_isoform 
1 PDB 2X44        1 ? ? 2X44   ? 
2 UNP CTLA4_HUMAN 1 ? ? P16410 ? 
# 
loop_
_struct_ref_seq.align_id 
_struct_ref_seq.ref_id 
_struct_ref_seq.pdbx_PDB_id_code 
_struct_ref_seq.pdbx_strand_id 
_struct_ref_seq.seq_align_beg 
_struct_ref_seq.pdbx_seq_align_beg_ins_code 
_struct_ref_seq.seq_align_end 
_struct_ref_seq.pdbx_seq_align_end_ins_code 
_struct_ref_seq.pdbx_db_accession 
_struct_ref_seq.db_align_beg 
_struct_ref_seq.pdbx_db_align_beg_ins_code 
_struct_ref_seq.db_align_end 
_struct_ref_seq.pdbx_db_align_end_ins_code 
_struct_ref_seq.pdbx_auth_seq_align_beg 
_struct_ref_seq.pdbx_auth_seq_align_end 
1 1 2X44 D 1   ? 1   ? 2X44   0   ? 0   ? 0   0   
2 2 2X44 D 2   ? 127 ? P16410 36  ? 161 ? 1   126 
3 1 2X44 D 128 ? 131 ? 2X44   127 ? 130 ? 127 130 
# 
_struct_ref_seq_dif.align_id                     1 
_struct_ref_seq_dif.pdbx_pdb_id_code             2X44 
_struct_ref_seq_dif.mon_id                       SER 
_struct_ref_seq_dif.pdbx_pdb_strand_id           D 
_struct_ref_seq_dif.seq_num                      123 
_struct_ref_seq_dif.pdbx_pdb_ins_code            ? 
_struct_ref_seq_dif.pdbx_seq_db_name             UNP 
_struct_ref_seq_dif.pdbx_seq_db_accession_code   P16410 
_struct_ref_seq_dif.db_mon_id                    CYS 
_struct_ref_seq_dif.pdbx_seq_db_seq_num          157 
_struct_ref_seq_dif.details                      'engineered mutation' 
_struct_ref_seq_dif.pdbx_auth_seq_num            122 
_struct_ref_seq_dif.pdbx_ordinal                 1 
# 
_pdbx_struct_assembly.id                   1 
_pdbx_struct_assembly.details              author_and_software_defined_assembly 
_pdbx_struct_assembly.method_details       PISA 
_pdbx_struct_assembly.oligomeric_details   dimeric 
_pdbx_struct_assembly.oligomeric_count     2 
# 
loop_
_pdbx_struct_assembly_prop.biol_id 
_pdbx_struct_assembly_prop.type 
_pdbx_struct_assembly_prop.value 
_pdbx_struct_assembly_prop.details 
1 'ABSA (A^2)' 4780  ? 
1 MORE         -34.0 ? 
1 'SSA (A^2)'  13400 ? 
# 
_pdbx_struct_assembly_gen.assembly_id       1 
_pdbx_struct_assembly_gen.oper_expression   1,2 
_pdbx_struct_assembly_gen.asym_id_list      A,B 
# 
loop_
_pdbx_struct_oper_list.id 
_pdbx_struct_oper_list.type 
_pdbx_struct_oper_list.name 
_pdbx_struct_oper_list.symmetry_operation 
_pdbx_struct_oper_list.matrix[1][1] 
_pdbx_struct_oper_list.matrix[1][2] 
_pdbx_struct_oper_list.matrix[1][3] 
_pdbx_struct_oper_list.vector[1] 
_pdbx_struct_oper_list.matrix[2][1] 
_pdbx_struct_oper_list.matrix[2][2] 
_pdbx_struct_oper_list.matrix[2][3] 
_pdbx_struct_oper_list.vector[2] 
_pdbx_struct_oper_list.matrix[3][1] 
_pdbx_struct_oper_list.matrix[3][2] 
_pdbx_struct_oper_list.matrix[3][3] 
_pdbx_struct_oper_list.vector[3] 
1 'identity operation'         1_555 x,y,z          1.0000000000  0.0000000000  0.0000000000 0.0000000000  0.0000000000  1.0000000000 0.0000000000  0.0000000000  0.0000000000 0.0000000000  1.0000000000  0.0000000000 
2 'crystal symmetry operation' 6_555 -x,-x+y,-z+1/3 -0.3369421704 -0.8567142066 0.3905262374 23.8543401542 -0.8567142066 0.1069309477 -0.5045855137 21.9099247816 0.3905262374 -0.5045855137 -0.7699887774 7.5634785382 
# 
_struct_biol.id        1 
_struct_biol.details   
;THE STRUCTURE IS A DOMAIN SWAPPED DIMER OF CTLA-4           
 WHICH CAN BE DERIVED BY APPLYING THE CRYSTALLOGRAPHIC SYMMETRY.
;
# 
_struct_conf.conf_type_id            HELX_P 
_struct_conf.id                      HELX_P1 
_struct_conf.pdbx_PDB_helix_id       1 
_struct_conf.beg_label_comp_id       ARG 
_struct_conf.beg_label_asym_id       A 
_struct_conf.beg_label_seq_id        86 
_struct_conf.pdbx_beg_PDB_ins_code   ? 
_struct_conf.end_label_comp_id       THR 
_struct_conf.end_label_asym_id       A 
_struct_conf.end_label_seq_id        90 
_struct_conf.pdbx_end_PDB_ins_code   ? 
_struct_conf.beg_auth_comp_id        ARG 
_struct_conf.beg_auth_asym_id        D 
_struct_conf.beg_auth_seq_id         85 
_struct_conf.end_auth_comp_id        THR 
_struct_conf.end_auth_asym_id        D 
_struct_conf.end_auth_seq_id         89 
_struct_conf.pdbx_PDB_helix_class    5 
_struct_conf.details                 ? 
_struct_conf.pdbx_PDB_helix_length   5 
# 
_struct_conf_type.id          HELX_P 
_struct_conf_type.criteria    ? 
_struct_conf_type.reference   ? 
# 
loop_
_struct_conn.id 
_struct_conn.conn_type_id 
_struct_conn.pdbx_leaving_atom_flag 
_struct_conn.pdbx_PDB_id 
_struct_conn.ptnr1_label_asym_id 
_struct_conn.ptnr1_label_comp_id 
_struct_conn.ptnr1_label_seq_id 
_struct_conn.ptnr1_label_atom_id 
_struct_conn.pdbx_ptnr1_label_alt_id 
_struct_conn.pdbx_ptnr1_PDB_ins_code 
_struct_conn.pdbx_ptnr1_standard_comp_id 
_struct_conn.ptnr1_symmetry 
_struct_conn.ptnr2_label_asym_id 
_struct_conn.ptnr2_label_comp_id 
_struct_conn.ptnr2_label_seq_id 
_struct_conn.ptnr2_label_atom_id 
_struct_conn.pdbx_ptnr2_label_alt_id 
_struct_conn.pdbx_ptnr2_PDB_ins_code 
_struct_conn.ptnr1_auth_asym_id 
_struct_conn.ptnr1_auth_comp_id 
_struct_conn.ptnr1_auth_seq_id 
_struct_conn.ptnr2_auth_asym_id 
_struct_conn.ptnr2_auth_comp_id 
_struct_conn.ptnr2_auth_seq_id 
_struct_conn.ptnr2_symmetry 
_struct_conn.pdbx_ptnr3_label_atom_id 
_struct_conn.pdbx_ptnr3_label_seq_id 
_struct_conn.pdbx_ptnr3_label_comp_id 
_struct_conn.pdbx_ptnr3_label_asym_id 
_struct_conn.pdbx_ptnr3_label_alt_id 
_struct_conn.pdbx_ptnr3_PDB_ins_code 
_struct_conn.details 
_struct_conn.pdbx_dist_value 
_struct_conn.pdbx_value_order 
_struct_conn.pdbx_role 
disulf1 disulf ? ? A CYS 24 SG ? ? ? 1_555 A CYS 95 SG ? ? D CYS 23 D CYS 94 1_555 ? ? ? ? ? ? ? 2.033 ? ? 
disulf2 disulf ? ? A CYS 51 SG ? ? ? 1_555 A CYS 69 SG ? ? D CYS 50 D CYS 68 1_555 ? ? ? ? ? ? ? 2.031 ? ? 
# 
_struct_conn_type.id          disulf 
_struct_conn_type.criteria    ? 
_struct_conn_type.reference   ? 
# 
loop_
_pdbx_modification_feature.ordinal 
_pdbx_modification_feature.label_comp_id 
_pdbx_modification_feature.label_asym_id 
_pdbx_modification_feature.label_seq_id 
_pdbx_modification_feature.label_alt_id 
_pdbx_modification_feature.modified_residue_label_comp_id 
_pdbx_modification_feature.modified_residue_label_asym_id 
_pdbx_modification_feature.modified_residue_label_seq_id 
_pdbx_modification_feature.modified_residue_label_alt_id 
_pdbx_modification_feature.auth_comp_id 
_pdbx_modification_feature.auth_asym_id 
_pdbx_modification_feature.auth_seq_id 
_pdbx_modification_feature.PDB_ins_code 
_pdbx_modification_feature.symmetry 
_pdbx_modification_feature.modified_residue_auth_comp_id 
_pdbx_modification_feature.modified_residue_auth_asym_id 
_pdbx_modification_feature.modified_residue_auth_seq_id 
_pdbx_modification_feature.modified_residue_PDB_ins_code 
_pdbx_modification_feature.modified_residue_symmetry 
_pdbx_modification_feature.comp_id_linking_atom 
_pdbx_modification_feature.modified_residue_id_linking_atom 
_pdbx_modification_feature.modified_residue_id 
_pdbx_modification_feature.ref_pcm_id 
_pdbx_modification_feature.ref_comp_id 
_pdbx_modification_feature.type 
_pdbx_modification_feature.category 
1 CYS A 24 ? CYS A 95 ? CYS D 23 ? 1_555 CYS D 94 ? 1_555 SG SG . . . None 'Disulfide bridge' 
2 CYS A 51 ? CYS A 69 ? CYS D 50 ? 1_555 CYS D 68 ? 1_555 SG SG . . . None 'Disulfide bridge' 
# 
loop_
_struct_sheet.id 
_struct_sheet.type 
_struct_sheet.number_strands 
_struct_sheet.details 
DA ? 4 ? 
DB ? 3 ? 
# 
loop_
_struct_sheet_order.sheet_id 
_struct_sheet_order.range_id_1 
_struct_sheet_order.range_id_2 
_struct_sheet_order.offset 
_struct_sheet_order.sense 
DA 1 2 ? anti-parallel 
DA 2 3 ? anti-parallel 
DA 3 4 ? anti-parallel 
DB 1 2 ? anti-parallel 
DB 2 3 ? anti-parallel 
# 
loop_
_struct_sheet_range.sheet_id 
_struct_sheet_range.id 
_struct_sheet_range.beg_label_comp_id 
_struct_sheet_range.beg_label_asym_id 
_struct_sheet_range.beg_label_seq_id 
_struct_sheet_range.pdbx_beg_PDB_ins_code 
_struct_sheet_range.end_label_comp_id 
_struct_sheet_range.end_label_asym_id 
_struct_sheet_range.end_label_seq_id 
_struct_sheet_range.pdbx_end_PDB_ins_code 
_struct_sheet_range.beg_auth_comp_id 
_struct_sheet_range.beg_auth_asym_id 
_struct_sheet_range.beg_auth_seq_id 
_struct_sheet_range.end_auth_comp_id 
_struct_sheet_range.end_auth_asym_id 
_struct_sheet_range.end_auth_seq_id 
DA 1 VAL A 6  ? ALA A 7   ? VAL D 5  ALA D 6  
DA 2 ALA A 20 ? TYR A 26  ? ALA D 19 TYR D 25 
DA 3 GLN A 77 ? ILE A 82  ? GLN D 76 ILE D 81 
DA 4 CYS A 69 ? SER A 73  ? CYS D 68 SER D 72 
DB 1 GLN A 46 ? TYR A 55  ? GLN D 45 TYR D 54 
DB 2 GLU A 34 ? ALA A 43  ? GLU D 33 ALA D 42 
DB 3 LEU A 92 ? MET A 100 ? LEU D 91 MET D 99 
# 
loop_
_pdbx_struct_sheet_hbond.sheet_id 
_pdbx_struct_sheet_hbond.range_id_1 
_pdbx_struct_sheet_hbond.range_id_2 
_pdbx_struct_sheet_hbond.range_1_label_atom_id 
_pdbx_struct_sheet_hbond.range_1_label_comp_id 
_pdbx_struct_sheet_hbond.range_1_label_asym_id 
_pdbx_struct_sheet_hbond.range_1_label_seq_id 
_pdbx_struct_sheet_hbond.range_1_PDB_ins_code 
_pdbx_struct_sheet_hbond.range_1_auth_atom_id 
_pdbx_struct_sheet_hbond.range_1_auth_comp_id 
_pdbx_struct_sheet_hbond.range_1_auth_asym_id 
_pdbx_struct_sheet_hbond.range_1_auth_seq_id 
_pdbx_struct_sheet_hbond.range_2_label_atom_id 
_pdbx_struct_sheet_hbond.range_2_label_comp_id 
_pdbx_struct_sheet_hbond.range_2_label_asym_id 
_pdbx_struct_sheet_hbond.range_2_label_seq_id 
_pdbx_struct_sheet_hbond.range_2_PDB_ins_code 
_pdbx_struct_sheet_hbond.range_2_auth_atom_id 
_pdbx_struct_sheet_hbond.range_2_auth_comp_id 
_pdbx_struct_sheet_hbond.range_2_auth_asym_id 
_pdbx_struct_sheet_hbond.range_2_auth_seq_id 
DA 1 2 N ALA A 7  ? N ALA D 6  O GLU A 25 ? O GLU D 24 
DA 2 3 N CYS A 24 ? N CYS D 23 O VAL A 78 ? O VAL D 77 
DA 3 4 N THR A 81 ? N THR D 80 O THR A 70 ? O THR D 69 
DB 1 2 N TYR A 55 ? N TYR D 54 O VAL A 35 ? O VAL D 34 
DB 2 3 N GLN A 42 ? N GLN D 41 O LEU A 92 ? O LEU D 91 
# 
_pdbx_entry_details.entry_id                   2X44 
_pdbx_entry_details.compound_details           'ENGINEERED RESIDUE IN CHAIN D, CYS 157 TO SER' 
_pdbx_entry_details.source_details             ? 
_pdbx_entry_details.nonpolymer_details         ? 
_pdbx_entry_details.sequence_details           ? 
_pdbx_entry_details.has_ligand_of_interest     ? 
_pdbx_entry_details.has_protein_modification   Y 
# 
loop_
_pdbx_validate_torsion.id 
_pdbx_validate_torsion.PDB_model_num 
_pdbx_validate_torsion.auth_comp_id 
_pdbx_validate_torsion.auth_asym_id 
_pdbx_validate_torsion.auth_seq_id 
_pdbx_validate_torsion.PDB_ins_code 
_pdbx_validate_torsion.label_alt_id 
_pdbx_validate_torsion.phi 
_pdbx_validate_torsion.psi 
1 1 SER D 44  ? ? 74.41  -10.22  
2 1 ASN D 75  ? ? -96.82 54.49   
3 1 PRO D 119 ? ? -91.62 -157.86 
# 
_pdbx_refine_tls.pdbx_refine_id   'X-RAY DIFFRACTION' 
_pdbx_refine_tls.id               1 
_pdbx_refine_tls.details          ? 
_pdbx_refine_tls.method           refined 
_pdbx_refine_tls.origin_x         0.2242 
_pdbx_refine_tls.origin_y         0.5721 
_pdbx_refine_tls.origin_z         0.0678 
_pdbx_refine_tls.T[1][1]          0.2600 
_pdbx_refine_tls.T[2][2]          0.3422 
_pdbx_refine_tls.T[3][3]          0.2610 
_pdbx_refine_tls.T[1][2]          -0.0524 
_pdbx_refine_tls.T[1][3]          -0.0094 
_pdbx_refine_tls.T[2][3]          -0.0487 
_pdbx_refine_tls.L[1][1]          3.8417 
_pdbx_refine_tls.L[2][2]          3.5353 
_pdbx_refine_tls.L[3][3]          1.5614 
_pdbx_refine_tls.L[1][2]          3.5805 
_pdbx_refine_tls.L[1][3]          2.4438 
_pdbx_refine_tls.L[2][3]          2.2834 
_pdbx_refine_tls.S[1][1]          0.0227 
_pdbx_refine_tls.S[1][2]          -0.4084 
_pdbx_refine_tls.S[1][3]          0.3475 
_pdbx_refine_tls.S[2][1]          -0.0700 
_pdbx_refine_tls.S[2][2]          -0.2250 
_pdbx_refine_tls.S[2][3]          0.2394 
_pdbx_refine_tls.S[3][1]          0.0018 
_pdbx_refine_tls.S[3][2]          -0.2364 
_pdbx_refine_tls.S[3][3]          0.2022 
# 
loop_
_pdbx_refine_tls_group.pdbx_refine_id 
_pdbx_refine_tls_group.id 
_pdbx_refine_tls_group.refine_tls_id 
_pdbx_refine_tls_group.beg_auth_asym_id 
_pdbx_refine_tls_group.beg_auth_seq_id 
_pdbx_refine_tls_group.beg_label_asym_id 
_pdbx_refine_tls_group.beg_label_seq_id 
_pdbx_refine_tls_group.end_auth_asym_id 
_pdbx_refine_tls_group.end_auth_seq_id 
_pdbx_refine_tls_group.end_label_asym_id 
_pdbx_refine_tls_group.end_label_seq_id 
_pdbx_refine_tls_group.selection 
_pdbx_refine_tls_group.selection_details 
'X-RAY DIFFRACTION' 1 1 D 0    ? ? D 120  ? ? ? ? 
'X-RAY DIFFRACTION' 2 1 D 2001 ? ? D 2050 ? ? ? ? 
# 
loop_
_pdbx_unobs_or_zero_occ_residues.id 
_pdbx_unobs_or_zero_occ_residues.PDB_model_num 
_pdbx_unobs_or_zero_occ_residues.polymer_flag 
_pdbx_unobs_or_zero_occ_residues.occupancy_flag 
_pdbx_unobs_or_zero_occ_residues.auth_asym_id 
_pdbx_unobs_or_zero_occ_residues.auth_comp_id 
_pdbx_unobs_or_zero_occ_residues.auth_seq_id 
_pdbx_unobs_or_zero_occ_residues.PDB_ins_code 
_pdbx_unobs_or_zero_occ_residues.label_asym_id 
_pdbx_unobs_or_zero_occ_residues.label_comp_id 
_pdbx_unobs_or_zero_occ_residues.label_seq_id 
1  1 Y 1 D PRO 121 ? A PRO 122 
2  1 Y 1 D SER 122 ? A SER 123 
3  1 Y 1 D PRO 123 ? A PRO 124 
4  1 Y 1 D ASP 124 ? A ASP 125 
5  1 Y 1 D SER 125 ? A SER 126 
6  1 Y 1 D ASP 126 ? A ASP 127 
7  1 Y 1 D LEU 127 ? A LEU 128 
8  1 Y 1 D VAL 128 ? A VAL 129 
9  1 Y 1 D PRO 129 ? A PRO 130 
10 1 Y 1 D ARG 130 ? A ARG 131 
# 
loop_
_chem_comp_atom.comp_id 
_chem_comp_atom.atom_id 
_chem_comp_atom.type_symbol 
_chem_comp_atom.pdbx_aromatic_flag 
_chem_comp_atom.pdbx_stereo_config 
_chem_comp_atom.pdbx_ordinal 
ALA N    N N N 1   
ALA CA   C N S 2   
ALA C    C N N 3   
ALA O    O N N 4   
ALA CB   C N N 5   
ALA OXT  O N N 6   
ALA H    H N N 7   
ALA H2   H N N 8   
ALA HA   H N N 9   
ALA HB1  H N N 10  
ALA HB2  H N N 11  
ALA HB3  H N N 12  
ALA HXT  H N N 13  
ARG N    N N N 14  
ARG CA   C N S 15  
ARG C    C N N 16  
ARG O    O N N 17  
ARG CB   C N N 18  
ARG CG   C N N 19  
ARG CD   C N N 20  
ARG NE   N N N 21  
ARG CZ   C N N 22  
ARG NH1  N N N 23  
ARG NH2  N N N 24  
ARG OXT  O N N 25  
ARG H    H N N 26  
ARG H2   H N N 27  
ARG HA   H N N 28  
ARG HB2  H N N 29  
ARG HB3  H N N 30  
ARG HG2  H N N 31  
ARG HG3  H N N 32  
ARG HD2  H N N 33  
ARG HD3  H N N 34  
ARG HE   H N N 35  
ARG HH11 H N N 36  
ARG HH12 H N N 37  
ARG HH21 H N N 38  
ARG HH22 H N N 39  
ARG HXT  H N N 40  
ASN N    N N N 41  
ASN CA   C N S 42  
ASN C    C N N 43  
ASN O    O N N 44  
ASN CB   C N N 45  
ASN CG   C N N 46  
ASN OD1  O N N 47  
ASN ND2  N N N 48  
ASN OXT  O N N 49  
ASN H    H N N 50  
ASN H2   H N N 51  
ASN HA   H N N 52  
ASN HB2  H N N 53  
ASN HB3  H N N 54  
ASN HD21 H N N 55  
ASN HD22 H N N 56  
ASN HXT  H N N 57  
ASP N    N N N 58  
ASP CA   C N S 59  
ASP C    C N N 60  
ASP O    O N N 61  
ASP CB   C N N 62  
ASP CG   C N N 63  
ASP OD1  O N N 64  
ASP OD2  O N N 65  
ASP OXT  O N N 66  
ASP H    H N N 67  
ASP H2   H N N 68  
ASP HA   H N N 69  
ASP HB2  H N N 70  
ASP HB3  H N N 71  
ASP HD2  H N N 72  
ASP HXT  H N N 73  
CYS N    N N N 74  
CYS CA   C N R 75  
CYS C    C N N 76  
CYS O    O N N 77  
CYS CB   C N N 78  
CYS SG   S N N 79  
CYS OXT  O N N 80  
CYS H    H N N 81  
CYS H2   H N N 82  
CYS HA   H N N 83  
CYS HB2  H N N 84  
CYS HB3  H N N 85  
CYS HG   H N N 86  
CYS HXT  H N N 87  
GLN N    N N N 88  
GLN CA   C N S 89  
GLN C    C N N 90  
GLN O    O N N 91  
GLN CB   C N N 92  
GLN CG   C N N 93  
GLN CD   C N N 94  
GLN OE1  O N N 95  
GLN NE2  N N N 96  
GLN OXT  O N N 97  
GLN H    H N N 98  
GLN H2   H N N 99  
GLN HA   H N N 100 
GLN HB2  H N N 101 
GLN HB3  H N N 102 
GLN HG2  H N N 103 
GLN HG3  H N N 104 
GLN HE21 H N N 105 
GLN HE22 H N N 106 
GLN HXT  H N N 107 
GLU N    N N N 108 
GLU CA   C N S 109 
GLU C    C N N 110 
GLU O    O N N 111 
GLU CB   C N N 112 
GLU CG   C N N 113 
GLU CD   C N N 114 
GLU OE1  O N N 115 
GLU OE2  O N N 116 
GLU OXT  O N N 117 
GLU H    H N N 118 
GLU H2   H N N 119 
GLU HA   H N N 120 
GLU HB2  H N N 121 
GLU HB3  H N N 122 
GLU HG2  H N N 123 
GLU HG3  H N N 124 
GLU HE2  H N N 125 
GLU HXT  H N N 126 
GLY N    N N N 127 
GLY CA   C N N 128 
GLY C    C N N 129 
GLY O    O N N 130 
GLY OXT  O N N 131 
GLY H    H N N 132 
GLY H2   H N N 133 
GLY HA2  H N N 134 
GLY HA3  H N N 135 
GLY HXT  H N N 136 
HIS N    N N N 137 
HIS CA   C N S 138 
HIS C    C N N 139 
HIS O    O N N 140 
HIS CB   C N N 141 
HIS CG   C Y N 142 
HIS ND1  N Y N 143 
HIS CD2  C Y N 144 
HIS CE1  C Y N 145 
HIS NE2  N Y N 146 
HIS OXT  O N N 147 
HIS H    H N N 148 
HIS H2   H N N 149 
HIS HA   H N N 150 
HIS HB2  H N N 151 
HIS HB3  H N N 152 
HIS HD1  H N N 153 
HIS HD2  H N N 154 
HIS HE1  H N N 155 
HIS HE2  H N N 156 
HIS HXT  H N N 157 
HOH O    O N N 158 
HOH H1   H N N 159 
HOH H2   H N N 160 
ILE N    N N N 161 
ILE CA   C N S 162 
ILE C    C N N 163 
ILE O    O N N 164 
ILE CB   C N S 165 
ILE CG1  C N N 166 
ILE CG2  C N N 167 
ILE CD1  C N N 168 
ILE OXT  O N N 169 
ILE H    H N N 170 
ILE H2   H N N 171 
ILE HA   H N N 172 
ILE HB   H N N 173 
ILE HG12 H N N 174 
ILE HG13 H N N 175 
ILE HG21 H N N 176 
ILE HG22 H N N 177 
ILE HG23 H N N 178 
ILE HD11 H N N 179 
ILE HD12 H N N 180 
ILE HD13 H N N 181 
ILE HXT  H N N 182 
LEU N    N N N 183 
LEU CA   C N S 184 
LEU C    C N N 185 
LEU O    O N N 186 
LEU CB   C N N 187 
LEU CG   C N N 188 
LEU CD1  C N N 189 
LEU CD2  C N N 190 
LEU OXT  O N N 191 
LEU H    H N N 192 
LEU H2   H N N 193 
LEU HA   H N N 194 
LEU HB2  H N N 195 
LEU HB3  H N N 196 
LEU HG   H N N 197 
LEU HD11 H N N 198 
LEU HD12 H N N 199 
LEU HD13 H N N 200 
LEU HD21 H N N 201 
LEU HD22 H N N 202 
LEU HD23 H N N 203 
LEU HXT  H N N 204 
LYS N    N N N 205 
LYS CA   C N S 206 
LYS C    C N N 207 
LYS O    O N N 208 
LYS CB   C N N 209 
LYS CG   C N N 210 
LYS CD   C N N 211 
LYS CE   C N N 212 
LYS NZ   N N N 213 
LYS OXT  O N N 214 
LYS H    H N N 215 
LYS H2   H N N 216 
LYS HA   H N N 217 
LYS HB2  H N N 218 
LYS HB3  H N N 219 
LYS HG2  H N N 220 
LYS HG3  H N N 221 
LYS HD2  H N N 222 
LYS HD3  H N N 223 
LYS HE2  H N N 224 
LYS HE3  H N N 225 
LYS HZ1  H N N 226 
LYS HZ2  H N N 227 
LYS HZ3  H N N 228 
LYS HXT  H N N 229 
MET N    N N N 230 
MET CA   C N S 231 
MET C    C N N 232 
MET O    O N N 233 
MET CB   C N N 234 
MET CG   C N N 235 
MET SD   S N N 236 
MET CE   C N N 237 
MET OXT  O N N 238 
MET H    H N N 239 
MET H2   H N N 240 
MET HA   H N N 241 
MET HB2  H N N 242 
MET HB3  H N N 243 
MET HG2  H N N 244 
MET HG3  H N N 245 
MET HE1  H N N 246 
MET HE2  H N N 247 
MET HE3  H N N 248 
MET HXT  H N N 249 
PHE N    N N N 250 
PHE CA   C N S 251 
PHE C    C N N 252 
PHE O    O N N 253 
PHE CB   C N N 254 
PHE CG   C Y N 255 
PHE CD1  C Y N 256 
PHE CD2  C Y N 257 
PHE CE1  C Y N 258 
PHE CE2  C Y N 259 
PHE CZ   C Y N 260 
PHE OXT  O N N 261 
PHE H    H N N 262 
PHE H2   H N N 263 
PHE HA   H N N 264 
PHE HB2  H N N 265 
PHE HB3  H N N 266 
PHE HD1  H N N 267 
PHE HD2  H N N 268 
PHE HE1  H N N 269 
PHE HE2  H N N 270 
PHE HZ   H N N 271 
PHE HXT  H N N 272 
PRO N    N N N 273 
PRO CA   C N S 274 
PRO C    C N N 275 
PRO O    O N N 276 
PRO CB   C N N 277 
PRO CG   C N N 278 
PRO CD   C N N 279 
PRO OXT  O N N 280 
PRO H    H N N 281 
PRO HA   H N N 282 
PRO HB2  H N N 283 
PRO HB3  H N N 284 
PRO HG2  H N N 285 
PRO HG3  H N N 286 
PRO HD2  H N N 287 
PRO HD3  H N N 288 
PRO HXT  H N N 289 
SER N    N N N 290 
SER CA   C N S 291 
SER C    C N N 292 
SER O    O N N 293 
SER CB   C N N 294 
SER OG   O N N 295 
SER OXT  O N N 296 
SER H    H N N 297 
SER H2   H N N 298 
SER HA   H N N 299 
SER HB2  H N N 300 
SER HB3  H N N 301 
SER HG   H N N 302 
SER HXT  H N N 303 
THR N    N N N 304 
THR CA   C N S 305 
THR C    C N N 306 
THR O    O N N 307 
THR CB   C N R 308 
THR OG1  O N N 309 
THR CG2  C N N 310 
THR OXT  O N N 311 
THR H    H N N 312 
THR H2   H N N 313 
THR HA   H N N 314 
THR HB   H N N 315 
THR HG1  H N N 316 
THR HG21 H N N 317 
THR HG22 H N N 318 
THR HG23 H N N 319 
THR HXT  H N N 320 
TYR N    N N N 321 
TYR CA   C N S 322 
TYR C    C N N 323 
TYR O    O N N 324 
TYR CB   C N N 325 
TYR CG   C Y N 326 
TYR CD1  C Y N 327 
TYR CD2  C Y N 328 
TYR CE1  C Y N 329 
TYR CE2  C Y N 330 
TYR CZ   C Y N 331 
TYR OH   O N N 332 
TYR OXT  O N N 333 
TYR H    H N N 334 
TYR H2   H N N 335 
TYR HA   H N N 336 
TYR HB2  H N N 337 
TYR HB3  H N N 338 
TYR HD1  H N N 339 
TYR HD2  H N N 340 
TYR HE1  H N N 341 
TYR HE2  H N N 342 
TYR HH   H N N 343 
TYR HXT  H N N 344 
VAL N    N N N 345 
VAL CA   C N S 346 
VAL C    C N N 347 
VAL O    O N N 348 
VAL CB   C N N 349 
VAL CG1  C N N 350 
VAL CG2  C N N 351 
VAL OXT  O N N 352 
VAL H    H N N 353 
VAL H2   H N N 354 
VAL HA   H N N 355 
VAL HB   H N N 356 
VAL HG11 H N N 357 
VAL HG12 H N N 358 
VAL HG13 H N N 359 
VAL HG21 H N N 360 
VAL HG22 H N N 361 
VAL HG23 H N N 362 
VAL HXT  H N N 363 
# 
loop_
_chem_comp_bond.comp_id 
_chem_comp_bond.atom_id_1 
_chem_comp_bond.atom_id_2 
_chem_comp_bond.value_order 
_chem_comp_bond.pdbx_aromatic_flag 
_chem_comp_bond.pdbx_stereo_config 
_chem_comp_bond.pdbx_ordinal 
ALA N   CA   sing N N 1   
ALA N   H    sing N N 2   
ALA N   H2   sing N N 3   
ALA CA  C    sing N N 4   
ALA CA  CB   sing N N 5   
ALA CA  HA   sing N N 6   
ALA C   O    doub N N 7   
ALA C   OXT  sing N N 8   
ALA CB  HB1  sing N N 9   
ALA CB  HB2  sing N N 10  
ALA CB  HB3  sing N N 11  
ALA OXT HXT  sing N N 12  
ARG N   CA   sing N N 13  
ARG N   H    sing N N 14  
ARG N   H2   sing N N 15  
ARG CA  C    sing N N 16  
ARG CA  CB   sing N N 17  
ARG CA  HA   sing N N 18  
ARG C   O    doub N N 19  
ARG C   OXT  sing N N 20  
ARG CB  CG   sing N N 21  
ARG CB  HB2  sing N N 22  
ARG CB  HB3  sing N N 23  
ARG CG  CD   sing N N 24  
ARG CG  HG2  sing N N 25  
ARG CG  HG3  sing N N 26  
ARG CD  NE   sing N N 27  
ARG CD  HD2  sing N N 28  
ARG CD  HD3  sing N N 29  
ARG NE  CZ   sing N N 30  
ARG NE  HE   sing N N 31  
ARG CZ  NH1  sing N N 32  
ARG CZ  NH2  doub N N 33  
ARG NH1 HH11 sing N N 34  
ARG NH1 HH12 sing N N 35  
ARG NH2 HH21 sing N N 36  
ARG NH2 HH22 sing N N 37  
ARG OXT HXT  sing N N 38  
ASN N   CA   sing N N 39  
ASN N   H    sing N N 40  
ASN N   H2   sing N N 41  
ASN CA  C    sing N N 42  
ASN CA  CB   sing N N 43  
ASN CA  HA   sing N N 44  
ASN C   O    doub N N 45  
ASN C   OXT  sing N N 46  
ASN CB  CG   sing N N 47  
ASN CB  HB2  sing N N 48  
ASN CB  HB3  sing N N 49  
ASN CG  OD1  doub N N 50  
ASN CG  ND2  sing N N 51  
ASN ND2 HD21 sing N N 52  
ASN ND2 HD22 sing N N 53  
ASN OXT HXT  sing N N 54  
ASP N   CA   sing N N 55  
ASP N   H    sing N N 56  
ASP N   H2   sing N N 57  
ASP CA  C    sing N N 58  
ASP CA  CB   sing N N 59  
ASP CA  HA   sing N N 60  
ASP C   O    doub N N 61  
ASP C   OXT  sing N N 62  
ASP CB  CG   sing N N 63  
ASP CB  HB2  sing N N 64  
ASP CB  HB3  sing N N 65  
ASP CG  OD1  doub N N 66  
ASP CG  OD2  sing N N 67  
ASP OD2 HD2  sing N N 68  
ASP OXT HXT  sing N N 69  
CYS N   CA   sing N N 70  
CYS N   H    sing N N 71  
CYS N   H2   sing N N 72  
CYS CA  C    sing N N 73  
CYS CA  CB   sing N N 74  
CYS CA  HA   sing N N 75  
CYS C   O    doub N N 76  
CYS C   OXT  sing N N 77  
CYS CB  SG   sing N N 78  
CYS CB  HB2  sing N N 79  
CYS CB  HB3  sing N N 80  
CYS SG  HG   sing N N 81  
CYS OXT HXT  sing N N 82  
GLN N   CA   sing N N 83  
GLN N   H    sing N N 84  
GLN N   H2   sing N N 85  
GLN CA  C    sing N N 86  
GLN CA  CB   sing N N 87  
GLN CA  HA   sing N N 88  
GLN C   O    doub N N 89  
GLN C   OXT  sing N N 90  
GLN CB  CG   sing N N 91  
GLN CB  HB2  sing N N 92  
GLN CB  HB3  sing N N 93  
GLN CG  CD   sing N N 94  
GLN CG  HG2  sing N N 95  
GLN CG  HG3  sing N N 96  
GLN CD  OE1  doub N N 97  
GLN CD  NE2  sing N N 98  
GLN NE2 HE21 sing N N 99  
GLN NE2 HE22 sing N N 100 
GLN OXT HXT  sing N N 101 
GLU N   CA   sing N N 102 
GLU N   H    sing N N 103 
GLU N   H2   sing N N 104 
GLU CA  C    sing N N 105 
GLU CA  CB   sing N N 106 
GLU CA  HA   sing N N 107 
GLU C   O    doub N N 108 
GLU C   OXT  sing N N 109 
GLU CB  CG   sing N N 110 
GLU CB  HB2  sing N N 111 
GLU CB  HB3  sing N N 112 
GLU CG  CD   sing N N 113 
GLU CG  HG2  sing N N 114 
GLU CG  HG3  sing N N 115 
GLU CD  OE1  doub N N 116 
GLU CD  OE2  sing N N 117 
GLU OE2 HE2  sing N N 118 
GLU OXT HXT  sing N N 119 
GLY N   CA   sing N N 120 
GLY N   H    sing N N 121 
GLY N   H2   sing N N 122 
GLY CA  C    sing N N 123 
GLY CA  HA2  sing N N 124 
GLY CA  HA3  sing N N 125 
GLY C   O    doub N N 126 
GLY C   OXT  sing N N 127 
GLY OXT HXT  sing N N 128 
HIS N   CA   sing N N 129 
HIS N   H    sing N N 130 
HIS N   H2   sing N N 131 
HIS CA  C    sing N N 132 
HIS CA  CB   sing N N 133 
HIS CA  HA   sing N N 134 
HIS C   O    doub N N 135 
HIS C   OXT  sing N N 136 
HIS CB  CG   sing N N 137 
HIS CB  HB2  sing N N 138 
HIS CB  HB3  sing N N 139 
HIS CG  ND1  sing Y N 140 
HIS CG  CD2  doub Y N 141 
HIS ND1 CE1  doub Y N 142 
HIS ND1 HD1  sing N N 143 
HIS CD2 NE2  sing Y N 144 
HIS CD2 HD2  sing N N 145 
HIS CE1 NE2  sing Y N 146 
HIS CE1 HE1  sing N N 147 
HIS NE2 HE2  sing N N 148 
HIS OXT HXT  sing N N 149 
HOH O   H1   sing N N 150 
HOH O   H2   sing N N 151 
ILE N   CA   sing N N 152 
ILE N   H    sing N N 153 
ILE N   H2   sing N N 154 
ILE CA  C    sing N N 155 
ILE CA  CB   sing N N 156 
ILE CA  HA   sing N N 157 
ILE C   O    doub N N 158 
ILE C   OXT  sing N N 159 
ILE CB  CG1  sing N N 160 
ILE CB  CG2  sing N N 161 
ILE CB  HB   sing N N 162 
ILE CG1 CD1  sing N N 163 
ILE CG1 HG12 sing N N 164 
ILE CG1 HG13 sing N N 165 
ILE CG2 HG21 sing N N 166 
ILE CG2 HG22 sing N N 167 
ILE CG2 HG23 sing N N 168 
ILE CD1 HD11 sing N N 169 
ILE CD1 HD12 sing N N 170 
ILE CD1 HD13 sing N N 171 
ILE OXT HXT  sing N N 172 
LEU N   CA   sing N N 173 
LEU N   H    sing N N 174 
LEU N   H2   sing N N 175 
LEU CA  C    sing N N 176 
LEU CA  CB   sing N N 177 
LEU CA  HA   sing N N 178 
LEU C   O    doub N N 179 
LEU C   OXT  sing N N 180 
LEU CB  CG   sing N N 181 
LEU CB  HB2  sing N N 182 
LEU CB  HB3  sing N N 183 
LEU CG  CD1  sing N N 184 
LEU CG  CD2  sing N N 185 
LEU CG  HG   sing N N 186 
LEU CD1 HD11 sing N N 187 
LEU CD1 HD12 sing N N 188 
LEU CD1 HD13 sing N N 189 
LEU CD2 HD21 sing N N 190 
LEU CD2 HD22 sing N N 191 
LEU CD2 HD23 sing N N 192 
LEU OXT HXT  sing N N 193 
LYS N   CA   sing N N 194 
LYS N   H    sing N N 195 
LYS N   H2   sing N N 196 
LYS CA  C    sing N N 197 
LYS CA  CB   sing N N 198 
LYS CA  HA   sing N N 199 
LYS C   O    doub N N 200 
LYS C   OXT  sing N N 201 
LYS CB  CG   sing N N 202 
LYS CB  HB2  sing N N 203 
LYS CB  HB3  sing N N 204 
LYS CG  CD   sing N N 205 
LYS CG  HG2  sing N N 206 
LYS CG  HG3  sing N N 207 
LYS CD  CE   sing N N 208 
LYS CD  HD2  sing N N 209 
LYS CD  HD3  sing N N 210 
LYS CE  NZ   sing N N 211 
LYS CE  HE2  sing N N 212 
LYS CE  HE3  sing N N 213 
LYS NZ  HZ1  sing N N 214 
LYS NZ  HZ2  sing N N 215 
LYS NZ  HZ3  sing N N 216 
LYS OXT HXT  sing N N 217 
MET N   CA   sing N N 218 
MET N   H    sing N N 219 
MET N   H2   sing N N 220 
MET CA  C    sing N N 221 
MET CA  CB   sing N N 222 
MET CA  HA   sing N N 223 
MET C   O    doub N N 224 
MET C   OXT  sing N N 225 
MET CB  CG   sing N N 226 
MET CB  HB2  sing N N 227 
MET CB  HB3  sing N N 228 
MET CG  SD   sing N N 229 
MET CG  HG2  sing N N 230 
MET CG  HG3  sing N N 231 
MET SD  CE   sing N N 232 
MET CE  HE1  sing N N 233 
MET CE  HE2  sing N N 234 
MET CE  HE3  sing N N 235 
MET OXT HXT  sing N N 236 
PHE N   CA   sing N N 237 
PHE N   H    sing N N 238 
PHE N   H2   sing N N 239 
PHE CA  C    sing N N 240 
PHE CA  CB   sing N N 241 
PHE CA  HA   sing N N 242 
PHE C   O    doub N N 243 
PHE C   OXT  sing N N 244 
PHE CB  CG   sing N N 245 
PHE CB  HB2  sing N N 246 
PHE CB  HB3  sing N N 247 
PHE CG  CD1  doub Y N 248 
PHE CG  CD2  sing Y N 249 
PHE CD1 CE1  sing Y N 250 
PHE CD1 HD1  sing N N 251 
PHE CD2 CE2  doub Y N 252 
PHE CD2 HD2  sing N N 253 
PHE CE1 CZ   doub Y N 254 
PHE CE1 HE1  sing N N 255 
PHE CE2 CZ   sing Y N 256 
PHE CE2 HE2  sing N N 257 
PHE CZ  HZ   sing N N 258 
PHE OXT HXT  sing N N 259 
PRO N   CA   sing N N 260 
PRO N   CD   sing N N 261 
PRO N   H    sing N N 262 
PRO CA  C    sing N N 263 
PRO CA  CB   sing N N 264 
PRO CA  HA   sing N N 265 
PRO C   O    doub N N 266 
PRO C   OXT  sing N N 267 
PRO CB  CG   sing N N 268 
PRO CB  HB2  sing N N 269 
PRO CB  HB3  sing N N 270 
PRO CG  CD   sing N N 271 
PRO CG  HG2  sing N N 272 
PRO CG  HG3  sing N N 273 
PRO CD  HD2  sing N N 274 
PRO CD  HD3  sing N N 275 
PRO OXT HXT  sing N N 276 
SER N   CA   sing N N 277 
SER N   H    sing N N 278 
SER N   H2   sing N N 279 
SER CA  C    sing N N 280 
SER CA  CB   sing N N 281 
SER CA  HA   sing N N 282 
SER C   O    doub N N 283 
SER C   OXT  sing N N 284 
SER CB  OG   sing N N 285 
SER CB  HB2  sing N N 286 
SER CB  HB3  sing N N 287 
SER OG  HG   sing N N 288 
SER OXT HXT  sing N N 289 
THR N   CA   sing N N 290 
THR N   H    sing N N 291 
THR N   H2   sing N N 292 
THR CA  C    sing N N 293 
THR CA  CB   sing N N 294 
THR CA  HA   sing N N 295 
THR C   O    doub N N 296 
THR C   OXT  sing N N 297 
THR CB  OG1  sing N N 298 
THR CB  CG2  sing N N 299 
THR CB  HB   sing N N 300 
THR OG1 HG1  sing N N 301 
THR CG2 HG21 sing N N 302 
THR CG2 HG22 sing N N 303 
THR CG2 HG23 sing N N 304 
THR OXT HXT  sing N N 305 
TYR N   CA   sing N N 306 
TYR N   H    sing N N 307 
TYR N   H2   sing N N 308 
TYR CA  C    sing N N 309 
TYR CA  CB   sing N N 310 
TYR CA  HA   sing N N 311 
TYR C   O    doub N N 312 
TYR C   OXT  sing N N 313 
TYR CB  CG   sing N N 314 
TYR CB  HB2  sing N N 315 
TYR CB  HB3  sing N N 316 
TYR CG  CD1  doub Y N 317 
TYR CG  CD2  sing Y N 318 
TYR CD1 CE1  sing Y N 319 
TYR CD1 HD1  sing N N 320 
TYR CD2 CE2  doub Y N 321 
TYR CD2 HD2  sing N N 322 
TYR CE1 CZ   doub Y N 323 
TYR CE1 HE1  sing N N 324 
TYR CE2 CZ   sing Y N 325 
TYR CE2 HE2  sing N N 326 
TYR CZ  OH   sing N N 327 
TYR OH  HH   sing N N 328 
TYR OXT HXT  sing N N 329 
VAL N   CA   sing N N 330 
VAL N   H    sing N N 331 
VAL N   H2   sing N N 332 
VAL CA  C    sing N N 333 
VAL CA  CB   sing N N 334 
VAL CA  HA   sing N N 335 
VAL C   O    doub N N 336 
VAL C   OXT  sing N N 337 
VAL CB  CG1  sing N N 338 
VAL CB  CG2  sing N N 339 
VAL CB  HB   sing N N 340 
VAL CG1 HG11 sing N N 341 
VAL CG1 HG12 sing N N 342 
VAL CG1 HG13 sing N N 343 
VAL CG2 HG21 sing N N 344 
VAL CG2 HG22 sing N N 345 
VAL CG2 HG23 sing N N 346 
VAL OXT HXT  sing N N 347 
# 
_pdbx_initial_refinement_model.id               1 
_pdbx_initial_refinement_model.entity_id_list   ? 
_pdbx_initial_refinement_model.type             'experimental model' 
_pdbx_initial_refinement_model.source_name      PDB 
_pdbx_initial_refinement_model.accession_code   1I81 
_pdbx_initial_refinement_model.details          'PDB ENTRY 1I81' 
# 
_atom_sites.entry_id                    2X44 
_atom_sites.fract_transf_matrix[1][1]   -0.02198004 
_atom_sites.fract_transf_matrix[1][2]   -0.01412032 
_atom_sites.fract_transf_matrix[1][3]   0.00634296 
_atom_sites.fract_transf_matrix[2][1]   0.00241543 
_atom_sites.fract_transf_matrix[2][2]   -0.02438104 
_atom_sites.fract_transf_matrix[2][3]   0.01106707 
_atom_sites.fract_transf_matrix[3][1]   -0.00001850 
_atom_sites.fract_transf_matrix[3][2]   0.00294883 
_atom_sites.fract_transf_matrix[3][3]   0.00650039 
_atom_sites.fract_transf_vector[1]      0.392858 
_atom_sites.fract_transf_vector[2]      -0.079879 
_atom_sites.fract_transf_vector[3]      0.110007 
# 
loop_
_atom_type.symbol 
C 
N 
O 
S 
# 
loop_
_atom_site.group_PDB 
_atom_site.id 
_atom_site.type_symbol 
_atom_site.label_atom_id 
_atom_site.label_alt_id 
_atom_site.label_comp_id 
_atom_site.label_asym_id 
_atom_site.label_entity_id 
_atom_site.label_seq_id 
_atom_site.pdbx_PDB_ins_code 
_atom_site.Cartn_x 
_atom_site.Cartn_y 
_atom_site.Cartn_z 
_atom_site.occupancy 
_atom_site.B_iso_or_equiv 
_atom_site.pdbx_formal_charge 
_atom_site.auth_seq_id 
_atom_site.auth_comp_id 
_atom_site.auth_asym_id 
_atom_site.auth_atom_id 
_atom_site.pdbx_PDB_model_num 
ATOM   1   N N   . MET A 1 1   ? 11.838  6.426   -5.545  1.00 21.49  ? 0    MET D N   1 
ATOM   2   C CA  . MET A 1 1   ? 11.063  5.155   -5.415  1.00 24.66  ? 0    MET D CA  1 
ATOM   3   C C   . MET A 1 1   ? 11.987  3.981   -5.141  1.00 23.50  ? 0    MET D C   1 
ATOM   4   O O   . MET A 1 1   ? 12.927  3.736   -5.899  1.00 23.98  ? 0    MET D O   1 
ATOM   5   C CB  . MET A 1 1   ? 10.241  4.877   -6.685  1.00 29.03  ? 0    MET D CB  1 
ATOM   6   C CG  . MET A 1 1   ? 9.432   3.562   -6.660  1.00 24.61  ? 0    MET D CG  1 
ATOM   7   S SD  . MET A 1 1   ? 10.192  2.189   -7.576  1.00 26.44  ? 0    MET D SD  1 
ATOM   8   C CE  . MET A 1 1   ? 9.833   2.687   -9.263  1.00 2.00   ? 0    MET D CE  1 
ATOM   9   N N   . LYS A 1 2   ? 11.705  3.259   -4.059  1.00 22.55  ? 1    LYS D N   1 
ATOM   10  C CA  . LYS A 1 2   ? 12.408  2.021   -3.739  1.00 27.08  ? 1    LYS D CA  1 
ATOM   11  C C   . LYS A 1 2   ? 11.463  0.841   -3.939  1.00 23.44  ? 1    LYS D C   1 
ATOM   12  O O   . LYS A 1 2   ? 10.280  0.916   -3.594  1.00 22.89  ? 1    LYS D O   1 
ATOM   13  C CB  . LYS A 1 2   ? 12.922  2.050   -2.298  1.00 30.93  ? 1    LYS D CB  1 
ATOM   14  C CG  . LYS A 1 2   ? 13.865  3.205   -2.000  1.00 34.70  ? 1    LYS D CG  1 
ATOM   15  C CD  . LYS A 1 2   ? 14.446  3.104   -0.599  1.00 42.84  ? 1    LYS D CD  1 
ATOM   16  C CE  . LYS A 1 2   ? 15.230  4.356   -0.225  1.00 47.34  ? 1    LYS D CE  1 
ATOM   17  N NZ  . LYS A 1 2   ? 16.361  4.620   -1.157  1.00 44.24  ? 1    LYS D NZ  1 
ATOM   18  N N   . ALA A 1 3   ? 11.989  -0.243  -4.504  1.00 21.12  ? 2    ALA D N   1 
ATOM   19  C CA  . ALA A 1 3   ? 11.200  -1.445  -4.751  1.00 14.17  ? 2    ALA D CA  1 
ATOM   20  C C   . ALA A 1 3   ? 10.887  -2.163  -3.449  1.00 19.49  ? 2    ALA D C   1 
ATOM   21  O O   . ALA A 1 3   ? 11.624  -2.070  -2.470  1.00 23.65  ? 2    ALA D O   1 
ATOM   22  C CB  . ALA A 1 3   ? 11.928  -2.376  -5.692  1.00 18.63  ? 2    ALA D CB  1 
ATOM   23  N N   . MET A 1 4   ? 9.778   -2.887  -3.458  1.00 22.10  ? 3    MET D N   1 
ATOM   24  C CA  . MET A 1 4   ? 9.282   -3.573  -2.282  1.00 19.15  ? 3    MET D CA  1 
ATOM   25  C C   . MET A 1 4   ? 8.623   -4.864  -2.751  1.00 20.26  ? 3    MET D C   1 
ATOM   26  O O   . MET A 1 4   ? 7.905   -4.866  -3.752  1.00 23.04  ? 3    MET D O   1 
ATOM   27  C CB  . MET A 1 4   ? 8.270   -2.679  -1.572  1.00 18.09  ? 3    MET D CB  1 
ATOM   28  C CG  . MET A 1 4   ? 7.633   -3.274  -0.341  1.00 13.14  ? 3    MET D CG  1 
ATOM   29  S SD  . MET A 1 4   ? 6.587   -2.059  0.454   1.00 5.54   ? 3    MET D SD  1 
ATOM   30  C CE  . MET A 1 4   ? 5.350   -1.778  -0.804  1.00 2.00   ? 3    MET D CE  1 
ATOM   31  N N   . HIS A 1 5   ? 8.878   -5.962  -2.048  1.00 17.52  ? 4    HIS D N   1 
ATOM   32  C CA  . HIS A 1 5   ? 8.257   -7.226  -2.407  1.00 15.92  ? 4    HIS D CA  1 
ATOM   33  C C   . HIS A 1 5   ? 6.818   -7.264  -1.903  1.00 14.22  ? 4    HIS D C   1 
ATOM   34  O O   . HIS A 1 5   ? 6.528   -6.825  -0.789  1.00 11.26  ? 4    HIS D O   1 
ATOM   35  C CB  . HIS A 1 5   ? 9.030   -8.420  -1.856  1.00 13.70  ? 4    HIS D CB  1 
ATOM   36  C CG  . HIS A 1 5   ? 8.446   -9.732  -2.266  1.00 16.09  ? 4    HIS D CG  1 
ATOM   37  N ND1 . HIS A 1 5   ? 8.642   -10.270 -3.520  1.00 21.15  ? 4    HIS D ND1 1 
ATOM   38  C CD2 . HIS A 1 5   ? 7.634   -10.593 -1.609  1.00 25.95  ? 4    HIS D CD2 1 
ATOM   39  C CE1 . HIS A 1 5   ? 7.992   -11.417 -3.610  1.00 35.57  ? 4    HIS D CE1 1 
ATOM   40  N NE2 . HIS A 1 5   ? 7.371   -11.636 -2.465  1.00 30.99  ? 4    HIS D NE2 1 
ATOM   41  N N   . VAL A 1 6   ? 5.922   -7.775  -2.741  1.00 10.00  ? 5    VAL D N   1 
ATOM   42  C CA  . VAL A 1 6   ? 4.535   -7.990  -2.349  1.00 10.33  ? 5    VAL D CA  1 
ATOM   43  C C   . VAL A 1 6   ? 4.166   -9.439  -2.649  1.00 14.29  ? 5    VAL D C   1 
ATOM   44  O O   . VAL A 1 6   ? 4.303   -9.902  -3.784  1.00 19.83  ? 5    VAL D O   1 
ATOM   45  C CB  . VAL A 1 6   ? 3.570   -7.030  -3.067  1.00 5.17   ? 5    VAL D CB  1 
ATOM   46  C CG1 . VAL A 1 6   ? 2.127   -7.368  -2.720  1.00 4.02   ? 5    VAL D CG1 1 
ATOM   47  C CG2 . VAL A 1 6   ? 3.879   -5.597  -2.678  1.00 2.51   ? 5    VAL D CG2 1 
ATOM   48  N N   . ALA A 1 7   ? 3.719   -10.153 -1.617  1.00 13.51  ? 6    ALA D N   1 
ATOM   49  C CA  . ALA A 1 7   ? 3.320   -11.549 -1.748  1.00 6.84   ? 6    ALA D CA  1 
ATOM   50  C C   . ALA A 1 7   ? 1.802   -11.691 -1.652  1.00 5.96   ? 6    ALA D C   1 
ATOM   51  O O   . ALA A 1 7   ? 1.138   -10.999 -0.878  1.00 2.00   ? 6    ALA D O   1 
ATOM   52  C CB  . ALA A 1 7   ? 4.000   -12.388 -0.681  1.00 8.51   ? 6    ALA D CB  1 
ATOM   53  N N   . GLN A 1 8   ? 1.262   -12.592 -2.458  1.00 7.70   ? 7    GLN D N   1 
ATOM   54  C CA  . GLN A 1 8   ? -0.160  -12.906 -2.427  1.00 10.36  ? 7    GLN D CA  1 
ATOM   55  C C   . GLN A 1 8   ? -0.388  -14.331 -2.936  1.00 9.26   ? 7    GLN D C   1 
ATOM   56  O O   . GLN A 1 8   ? 0.445   -14.866 -3.673  1.00 8.05   ? 7    GLN D O   1 
ATOM   57  C CB  . GLN A 1 8   ? -0.944  -11.889 -3.262  1.00 11.86  ? 7    GLN D CB  1 
ATOM   58  C CG  . GLN A 1 8   ? -0.395  -11.650 -4.649  1.00 17.36  ? 7    GLN D CG  1 
ATOM   59  C CD  . GLN A 1 8   ? -1.250  -10.691 -5.441  1.00 23.28  ? 7    GLN D CD  1 
ATOM   60  O OE1 . GLN A 1 8   ? -2.460  -10.884 -5.583  1.00 19.09  ? 7    GLN D OE1 1 
ATOM   61  N NE2 . GLN A 1 8   ? -0.627  -9.649  -5.967  1.00 4.58   ? 7    GLN D NE2 1 
ATOM   62  N N   . PRO A 1 9   ? -1.513  -14.954 -2.543  1.00 4.57   ? 8    PRO D N   1 
ATOM   63  C CA  . PRO A 1 9   ? -1.759  -16.334 -2.945  1.00 6.07   ? 8    PRO D CA  1 
ATOM   64  C C   . PRO A 1 9   ? -1.844  -16.494 -4.459  1.00 7.47   ? 8    PRO D C   1 
ATOM   65  O O   . PRO A 1 9   ? -2.483  -15.687 -5.128  1.00 12.14  ? 8    PRO D O   1 
ATOM   66  C CB  . PRO A 1 9   ? -3.112  -16.650 -2.304  1.00 8.46   ? 8    PRO D CB  1 
ATOM   67  C CG  . PRO A 1 9   ? -3.764  -15.328 -2.140  1.00 15.53  ? 8    PRO D CG  1 
ATOM   68  C CD  . PRO A 1 9   ? -2.646  -14.402 -1.782  1.00 9.71   ? 8    PRO D CD  1 
ATOM   69  N N   . ALA A 1 10  ? -1.204  -17.535 -4.978  1.00 9.50   ? 9    ALA D N   1 
ATOM   70  C CA  . ALA A 1 10  ? -1.141  -17.782 -6.418  1.00 10.31  ? 9    ALA D CA  1 
ATOM   71  C C   . ALA A 1 10  ? -2.524  -17.966 -7.032  1.00 7.79   ? 9    ALA D C   1 
ATOM   72  O O   . ALA A 1 10  ? -2.805  -17.428 -8.106  1.00 10.15  ? 9    ALA D O   1 
ATOM   73  C CB  . ALA A 1 10  ? -0.272  -19.008 -6.701  1.00 6.86   ? 9    ALA D CB  1 
ATOM   74  N N   . VAL A 1 11  ? -3.372  -18.731 -6.343  1.00 7.38   ? 10   VAL D N   1 
ATOM   75  C CA  . VAL A 1 11  ? -4.728  -19.046 -6.809  1.00 5.97   ? 10   VAL D CA  1 
ATOM   76  C C   . VAL A 1 11  ? -5.764  -18.881 -5.690  1.00 10.29  ? 10   VAL D C   1 
ATOM   77  O O   . VAL A 1 11  ? -5.502  -19.201 -4.528  1.00 17.15  ? 10   VAL D O   1 
ATOM   78  C CB  . VAL A 1 11  ? -4.820  -20.495 -7.330  1.00 5.56   ? 10   VAL D CB  1 
ATOM   79  C CG1 . VAL A 1 11  ? -6.180  -20.749 -7.984  1.00 7.48   ? 10   VAL D CG1 1 
ATOM   80  C CG2 . VAL A 1 11  ? -3.679  -20.790 -8.307  1.00 2.28   ? 10   VAL D CG2 1 
ATOM   81  N N   . VAL A 1 12  ? -6.936  -18.372 -6.052  1.00 12.77  ? 11   VAL D N   1 
ATOM   82  C CA  . VAL A 1 12  ? -8.065  -18.269 -5.136  1.00 11.64  ? 11   VAL D CA  1 
ATOM   83  C C   . VAL A 1 12  ? -9.345  -18.672 -5.863  1.00 11.89  ? 11   VAL D C   1 
ATOM   84  O O   . VAL A 1 12  ? -9.579  -18.243 -6.988  1.00 12.14  ? 11   VAL D O   1 
ATOM   85  C CB  . VAL A 1 12  ? -8.208  -16.839 -4.592  1.00 12.39  ? 11   VAL D CB  1 
ATOM   86  C CG1 . VAL A 1 12  ? -9.522  -16.686 -3.839  1.00 7.84   ? 11   VAL D CG1 1 
ATOM   87  C CG2 . VAL A 1 12  ? -7.028  -16.503 -3.690  1.00 11.97  ? 11   VAL D CG2 1 
ATOM   88  N N   . LEU A 1 13  ? -10.158 -19.510 -5.225  1.00 14.68  ? 12   LEU D N   1 
ATOM   89  C CA  . LEU A 1 13  ? -11.458 -19.894 -5.780  1.00 16.98  ? 12   LEU D CA  1 
ATOM   90  C C   . LEU A 1 13  ? -12.564 -19.050 -5.165  1.00 13.16  ? 12   LEU D C   1 
ATOM   91  O O   . LEU A 1 13  ? -12.794 -19.097 -3.956  1.00 13.66  ? 12   LEU D O   1 
ATOM   92  C CB  . LEU A 1 13  ? -11.758 -21.380 -5.538  1.00 15.04  ? 12   LEU D CB  1 
ATOM   93  C CG  . LEU A 1 13  ? -10.897 -22.441 -6.246  1.00 21.05  ? 12   LEU D CG  1 
ATOM   94  C CD1 . LEU A 1 13  ? -10.291 -21.941 -7.560  1.00 19.29  ? 12   LEU D CD1 1 
ATOM   95  C CD2 . LEU A 1 13  ? -9.807  -22.979 -5.325  1.00 33.19  ? 12   LEU D CD2 1 
ATOM   96  N N   . ALA A 1 14  ? -13.240 -18.270 -6.002  1.00 11.64  ? 13   ALA D N   1 
ATOM   97  C CA  . ALA A 1 14  ? -14.373 -17.486 -5.551  1.00 11.37  ? 13   ALA D CA  1 
ATOM   98  C C   . ALA A 1 14  ? -15.467 -18.447 -5.116  1.00 14.32  ? 13   ALA D C   1 
ATOM   99  O O   . ALA A 1 14  ? -15.675 -19.488 -5.747  1.00 13.89  ? 13   ALA D O   1 
ATOM   100 C CB  . ALA A 1 14  ? -14.873 -16.565 -6.659  1.00 11.47  ? 13   ALA D CB  1 
ATOM   101 N N   . SER A 1 15  ? -16.151 -18.099 -4.029  1.00 18.91  ? 14   SER D N   1 
ATOM   102 C CA  . SER A 1 15  ? -17.273 -18.887 -3.529  1.00 16.69  ? 14   SER D CA  1 
ATOM   103 C C   . SER A 1 15  ? -18.437 -18.872 -4.512  1.00 19.82  ? 14   SER D C   1 
ATOM   104 O O   . SER A 1 15  ? -18.418 -18.146 -5.513  1.00 14.27  ? 14   SER D O   1 
ATOM   105 C CB  . SER A 1 15  ? -17.743 -18.335 -2.185  1.00 17.97  ? 14   SER D CB  1 
ATOM   106 O OG  . SER A 1 15  ? -18.224 -17.012 -2.330  1.00 21.08  ? 14   SER D OG  1 
ATOM   107 N N   . SER A 1 16  ? -19.457 -19.671 -4.207  1.00 22.74  ? 15   SER D N   1 
ATOM   108 C CA  . SER A 1 16  ? -20.695 -19.709 -5.000  1.00 24.72  ? 15   SER D CA  1 
ATOM   109 C C   . SER A 1 16  ? -21.473 -18.386 -4.920  1.00 24.80  ? 15   SER D C   1 
ATOM   110 O O   . SER A 1 16  ? -22.295 -18.082 -5.788  1.00 23.28  ? 15   SER D O   1 
ATOM   111 C CB  . SER A 1 16  ? -21.579 -20.865 -4.531  1.00 22.83  ? 15   SER D CB  1 
ATOM   112 O OG  . SER A 1 16  ? -21.783 -20.809 -3.129  1.00 26.60  ? 15   SER D OG  1 
ATOM   113 N N   . ARG A 1 17  ? -21.208 -17.620 -3.864  1.00 26.30  ? 16   ARG D N   1 
ATOM   114 C CA  . ARG A 1 17  ? -21.708 -16.251 -3.705  1.00 28.41  ? 16   ARG D CA  1 
ATOM   115 C C   . ARG A 1 17  ? -20.892 -15.244 -4.545  1.00 25.76  ? 16   ARG D C   1 
ATOM   116 O O   . ARG A 1 17  ? -21.251 -14.070 -4.650  1.00 24.11  ? 16   ARG D O   1 
ATOM   117 C CB  . ARG A 1 17  ? -21.643 -15.884 -2.217  1.00 31.13  ? 16   ARG D CB  1 
ATOM   118 C CG  . ARG A 1 17  ? -22.356 -14.611 -1.794  1.00 40.54  ? 16   ARG D CG  1 
ATOM   119 C CD  . ARG A 1 17  ? -22.436 -14.552 -0.271  1.00 53.99  ? 16   ARG D CD  1 
ATOM   120 N NE  . ARG A 1 17  ? -23.146 -13.374 0.224   1.00 65.66  ? 16   ARG D NE  1 
ATOM   121 C CZ  . ARG A 1 17  ? -23.620 -13.237 1.464   1.00 82.03  ? 16   ARG D CZ  1 
ATOM   122 N NH1 . ARG A 1 17  ? -23.473 -14.207 2.365   1.00 86.51  ? 16   ARG D NH1 1 
ATOM   123 N NH2 . ARG A 1 17  ? -24.256 -12.121 1.809   1.00 89.25  ? 16   ARG D NH2 1 
ATOM   124 N N   . GLY A 1 18  ? -19.793 -15.705 -5.136  1.00 22.62  ? 17   GLY D N   1 
ATOM   125 C CA  . GLY A 1 18  ? -18.926 -14.850 -5.935  1.00 20.76  ? 17   GLY D CA  1 
ATOM   126 C C   . GLY A 1 18  ? -18.117 -13.875 -5.102  1.00 16.63  ? 17   GLY D C   1 
ATOM   127 O O   . GLY A 1 18  ? -17.780 -12.795 -5.576  1.00 21.93  ? 17   GLY D O   1 
ATOM   128 N N   . ILE A 1 19  ? -17.827 -14.244 -3.855  1.00 15.59  ? 18   ILE D N   1 
ATOM   129 C CA  . ILE A 1 19  ? -16.919 -13.466 -3.005  1.00 11.04  ? 18   ILE D CA  1 
ATOM   130 C C   . ILE A 1 19  ? -15.552 -14.147 -2.987  1.00 11.71  ? 18   ILE D C   1 
ATOM   131 O O   . ILE A 1 19  ? -15.447 -15.346 -2.694  1.00 12.16  ? 18   ILE D O   1 
ATOM   132 C CB  . ILE A 1 19  ? -17.443 -13.326 -1.560  1.00 7.04   ? 18   ILE D CB  1 
ATOM   133 C CG1 . ILE A 1 19  ? -18.827 -12.675 -1.556  1.00 16.95  ? 18   ILE D CG1 1 
ATOM   134 C CG2 . ILE A 1 19  ? -16.491 -12.483 -0.723  1.00 3.37   ? 18   ILE D CG2 1 
ATOM   135 C CD1 . ILE A 1 19  ? -19.233 -12.071 -0.210  1.00 14.30  ? 18   ILE D CD1 1 
ATOM   136 N N   . ALA A 1 20  ? -14.512 -13.387 -3.321  1.00 8.05   ? 19   ALA D N   1 
ATOM   137 C CA  . ALA A 1 20  ? -13.140 -13.890 -3.290  1.00 8.21   ? 19   ALA D CA  1 
ATOM   138 C C   . ALA A 1 20  ? -12.290 -13.034 -2.361  1.00 11.87  ? 19   ALA D C   1 
ATOM   139 O O   . ALA A 1 20  ? -12.333 -11.805 -2.428  1.00 9.69   ? 19   ALA D O   1 
ATOM   140 C CB  . ALA A 1 20  ? -12.554 -13.890 -4.666  1.00 4.43   ? 19   ALA D CB  1 
ATOM   141 N N   . SER A 1 21  ? -11.514 -13.688 -1.501  1.00 14.09  ? 20   SER D N   1 
ATOM   142 C CA  . SER A 1 21  ? -10.663 -12.984 -0.542  1.00 20.16  ? 20   SER D CA  1 
ATOM   143 C C   . SER A 1 21  ? -9.194  -13.399 -0.684  1.00 18.63  ? 20   SER D C   1 
ATOM   144 O O   . SER A 1 21  ? -8.886  -14.573 -0.914  1.00 20.80  ? 20   SER D O   1 
ATOM   145 C CB  . SER A 1 21  ? -11.147 -13.254 0.886   1.00 19.10  ? 20   SER D CB  1 
ATOM   146 O OG  . SER A 1 21  ? -12.548 -13.054 1.003   1.00 20.10  ? 20   SER D OG  1 
ATOM   147 N N   . PHE A 1 22  ? -8.295  -12.430 -0.549  1.00 17.03  ? 21   PHE D N   1 
ATOM   148 C CA  . PHE A 1 22  ? -6.856  -12.709 -0.521  1.00 19.27  ? 21   PHE D CA  1 
ATOM   149 C C   . PHE A 1 22  ? -6.076  -11.634 0.255   1.00 21.11  ? 21   PHE D C   1 
ATOM   150 O O   . PHE A 1 22  ? -6.550  -10.506 0.441   1.00 21.32  ? 21   PHE D O   1 
ATOM   151 C CB  . PHE A 1 22  ? -6.302  -12.880 -1.945  1.00 16.26  ? 21   PHE D CB  1 
ATOM   152 C CG  . PHE A 1 22  ? -6.524  -11.691 -2.831  1.00 15.40  ? 21   PHE D CG  1 
ATOM   153 C CD1 . PHE A 1 22  ? -5.489  -10.802 -3.097  1.00 26.42  ? 21   PHE D CD1 1 
ATOM   154 C CD2 . PHE A 1 22  ? -7.768  -11.451 -3.392  1.00 16.40  ? 21   PHE D CD2 1 
ATOM   155 C CE1 . PHE A 1 22  ? -5.691  -9.693  -3.914  1.00 19.32  ? 21   PHE D CE1 1 
ATOM   156 C CE2 . PHE A 1 22  ? -7.982  -10.346 -4.208  1.00 14.82  ? 21   PHE D CE2 1 
ATOM   157 C CZ  . PHE A 1 22  ? -6.939  -9.467  -4.469  1.00 22.53  ? 21   PHE D CZ  1 
ATOM   158 N N   . VAL A 1 23  ? -4.886  -12.013 0.719   1.00 21.79  ? 22   VAL D N   1 
ATOM   159 C CA  . VAL A 1 23  ? -3.999  -11.116 1.452   1.00 20.16  ? 22   VAL D CA  1 
ATOM   160 C C   . VAL A 1 23  ? -2.832  -10.695 0.576   1.00 24.77  ? 22   VAL D C   1 
ATOM   161 O O   . VAL A 1 23  ? -2.273  -11.526 -0.141  1.00 28.82  ? 22   VAL D O   1 
ATOM   162 C CB  . VAL A 1 23  ? -3.402  -11.802 2.691   1.00 18.71  ? 22   VAL D CB  1 
ATOM   163 C CG1 . VAL A 1 23  ? -2.591  -10.794 3.517   1.00 2.83   ? 22   VAL D CG1 1 
ATOM   164 C CG2 . VAL A 1 23  ? -4.498  -12.453 3.519   1.00 11.21  ? 22   VAL D CG2 1 
ATOM   165 N N   . CYS A 1 24  ? -2.459  -9.418  0.651   1.00 28.42  ? 23   CYS D N   1 
ATOM   166 C CA  . CYS A 1 24  ? -1.222  -8.928  0.041   1.00 32.06  ? 23   CYS D CA  1 
ATOM   167 C C   . CYS A 1 24  ? -0.291  -8.383  1.127   1.00 33.37  ? 23   CYS D C   1 
ATOM   168 O O   . CYS A 1 24  ? -0.548  -7.326  1.709   1.00 28.47  ? 23   CYS D O   1 
ATOM   169 C CB  . CYS A 1 24  ? -1.511  -7.859  -1.014  1.00 32.62  ? 23   CYS D CB  1 
ATOM   170 S SG  . CYS A 1 24  ? -2.726  -8.391  -2.240  1.00 47.30  ? 23   CYS D SG  1 
ATOM   171 N N   . GLU A 1 25  ? 0.782   -9.127  1.394   1.00 34.25  ? 24   GLU D N   1 
ATOM   172 C CA  . GLU A 1 25  ? 1.768   -8.761  2.407   1.00 37.54  ? 24   GLU D CA  1 
ATOM   173 C C   . GLU A 1 25  ? 2.929   -8.048  1.738   1.00 36.04  ? 24   GLU D C   1 
ATOM   174 O O   . GLU A 1 25  ? 3.161   -8.226  0.547   1.00 38.09  ? 24   GLU D O   1 
ATOM   175 C CB  . GLU A 1 25  ? 2.304   -10.004 3.122   1.00 42.45  ? 24   GLU D CB  1 
ATOM   176 C CG  . GLU A 1 25  ? 1.239   -11.016 3.548   1.00 50.74  ? 24   GLU D CG  1 
ATOM   177 C CD  . GLU A 1 25  ? 1.811   -12.194 4.328   1.00 55.74  ? 24   GLU D CD  1 
ATOM   178 O OE1 . GLU A 1 25  ? 3.052   -12.293 4.463   1.00 60.73  ? 24   GLU D OE1 1 
ATOM   179 O OE2 . GLU A 1 25  ? 1.010   -13.025 4.807   1.00 60.15  ? 24   GLU D OE2 1 
ATOM   180 N N   . TYR A 1 26  ? 3.667   -7.263  2.519   1.00 37.57  ? 25   TYR D N   1 
ATOM   181 C CA  . TYR A 1 26  ? 4.847   -6.544  2.026   1.00 35.41  ? 25   TYR D CA  1 
ATOM   182 C C   . TYR A 1 26  ? 5.842   -6.296  3.159   1.00 41.86  ? 25   TYR D C   1 
ATOM   183 O O   . TYR A 1 26  ? 5.473   -6.319  4.334   1.00 40.82  ? 25   TYR D O   1 
ATOM   184 C CB  . TYR A 1 26  ? 4.439   -5.218  1.376   1.00 31.28  ? 25   TYR D CB  1 
ATOM   185 C CG  . TYR A 1 26  ? 3.408   -4.445  2.169   1.00 24.80  ? 25   TYR D CG  1 
ATOM   186 C CD1 . TYR A 1 26  ? 3.793   -3.512  3.124   1.00 24.14  ? 25   TYR D CD1 1 
ATOM   187 C CD2 . TYR A 1 26  ? 2.047   -4.657  1.973   1.00 20.72  ? 25   TYR D CD2 1 
ATOM   188 C CE1 . TYR A 1 26  ? 2.851   -2.804  3.858   1.00 21.02  ? 25   TYR D CE1 1 
ATOM   189 C CE2 . TYR A 1 26  ? 1.096   -3.956  2.701   1.00 20.11  ? 25   TYR D CE2 1 
ATOM   190 C CZ  . TYR A 1 26  ? 1.503   -3.030  3.642   1.00 26.75  ? 25   TYR D CZ  1 
ATOM   191 O OH  . TYR A 1 26  ? 0.566   -2.327  4.373   1.00 37.31  ? 25   TYR D OH  1 
ATOM   192 N N   . ALA A 1 27  ? 7.104   -6.074  2.796   1.00 48.16  ? 26   ALA D N   1 
ATOM   193 C CA  . ALA A 1 27  ? 8.166   -5.814  3.772   1.00 52.41  ? 26   ALA D CA  1 
ATOM   194 C C   . ALA A 1 27  ? 8.478   -4.318  3.844   1.00 54.14  ? 26   ALA D C   1 
ATOM   195 O O   . ALA A 1 27  ? 9.405   -3.832  3.187   1.00 53.37  ? 26   ALA D O   1 
ATOM   196 C CB  . ALA A 1 27  ? 9.421   -6.606  3.414   1.00 54.00  ? 26   ALA D CB  1 
ATOM   197 N N   . SER A 1 28  ? 7.695   -3.599  4.646   1.00 55.42  ? 27   SER D N   1 
ATOM   198 C CA  . SER A 1 28  ? 7.848   -2.151  4.799   1.00 58.37  ? 27   SER D CA  1 
ATOM   199 C C   . SER A 1 28  ? 8.902   -1.796  5.854   1.00 60.63  ? 27   SER D C   1 
ATOM   200 O O   . SER A 1 28  ? 9.212   -2.612  6.724   1.00 62.81  ? 27   SER D O   1 
ATOM   201 C CB  . SER A 1 28  ? 6.509   -1.507  5.173   1.00 58.76  ? 27   SER D CB  1 
ATOM   202 O OG  . SER A 1 28  ? 5.983   -2.060  6.368   1.00 54.06  ? 27   SER D OG  1 
ATOM   203 N N   . PRO A 1 29  ? 9.465   -0.575  5.775   1.00 64.23  ? 28   PRO D N   1 
ATOM   204 C CA  . PRO A 1 29  ? 10.373  -0.086  6.821   1.00 65.07  ? 28   PRO D CA  1 
ATOM   205 C C   . PRO A 1 29  ? 9.688   0.214   8.161   1.00 65.63  ? 28   PRO D C   1 
ATOM   206 O O   . PRO A 1 29  ? 10.175  -0.221  9.204   1.00 70.03  ? 28   PRO D O   1 
ATOM   207 C CB  . PRO A 1 29  ? 10.950  1.209   6.231   1.00 65.97  ? 28   PRO D CB  1 
ATOM   208 C CG  . PRO A 1 29  ? 10.622  1.194   4.797   1.00 66.07  ? 28   PRO D CG  1 
ATOM   209 C CD  . PRO A 1 29  ? 9.463   0.292   4.583   1.00 63.33  ? 28   PRO D CD  1 
ATOM   210 N N   . GLY A 1 30  ? 8.582   0.956   8.134   1.00 65.27  ? 29   GLY D N   1 
ATOM   211 C CA  . GLY A 1 30  ? 7.893   1.348   9.370   1.00 65.72  ? 29   GLY D CA  1 
ATOM   212 C C   . GLY A 1 30  ? 6.531   1.989   9.159   1.00 65.73  ? 29   GLY D C   1 
ATOM   213 O O   . GLY A 1 30  ? 5.829   1.668   8.198   1.00 66.81  ? 29   GLY D O   1 
ATOM   214 N N   . LYS A 1 31  ? 6.163   2.897   10.061  1.00 65.62  ? 30   LYS D N   1 
ATOM   215 C CA  . LYS A 1 31  ? 4.860   3.571   10.007  1.00 66.26  ? 30   LYS D CA  1 
ATOM   216 C C   . LYS A 1 31  ? 4.811   4.581   8.859   1.00 64.44  ? 30   LYS D C   1 
ATOM   217 O O   . LYS A 1 31  ? 5.358   5.688   8.957   1.00 64.21  ? 30   LYS D O   1 
ATOM   218 C CB  . LYS A 1 31  ? 4.535   4.251   11.344  1.00 68.32  ? 30   LYS D CB  1 
ATOM   219 C CG  . LYS A 1 31  ? 3.070   4.703   11.501  1.00 72.82  ? 30   LYS D CG  1 
ATOM   220 C CD  . LYS A 1 31  ? 2.840   6.149   11.041  1.00 75.71  ? 30   LYS D CD  1 
ATOM   221 C CE  . LYS A 1 31  ? 1.422   6.625   11.344  1.00 73.21  ? 30   LYS D CE  1 
ATOM   222 N NZ  . LYS A 1 31  ? 0.388   5.922   10.531  1.00 66.95  ? 30   LYS D NZ  1 
ATOM   223 N N   . ALA A 1 32  ? 4.154   4.182   7.773   1.00 57.68  ? 31   ALA D N   1 
ATOM   224 C CA  . ALA A 1 32  ? 3.980   5.042   6.612   1.00 54.60  ? 31   ALA D CA  1 
ATOM   225 C C   . ALA A 1 32  ? 2.857   6.032   6.876   1.00 50.82  ? 31   ALA D C   1 
ATOM   226 O O   . ALA A 1 32  ? 1.757   5.626   7.253   1.00 49.96  ? 31   ALA D O   1 
ATOM   227 C CB  . ALA A 1 32  ? 3.664   4.206   5.385   1.00 53.33  ? 31   ALA D CB  1 
ATOM   228 N N   . THR A 1 33  ? 3.144   7.322   6.688   1.00 50.21  ? 32   THR D N   1 
ATOM   229 C CA  . THR A 1 33  ? 2.130   8.379   6.798   1.00 49.85  ? 32   THR D CA  1 
ATOM   230 C C   . THR A 1 33  ? 0.937   8.021   5.916   1.00 50.27  ? 32   THR D C   1 
ATOM   231 O O   . THR A 1 33  ? -0.208  7.996   6.371   1.00 53.43  ? 32   THR D O   1 
ATOM   232 C CB  . THR A 1 33  ? 2.674   9.767   6.354   1.00 48.92  ? 32   THR D CB  1 
ATOM   233 O OG1 . THR A 1 33  ? 4.047   9.904   6.735   1.00 46.55  ? 32   THR D OG1 1 
ATOM   234 C CG2 . THR A 1 33  ? 1.859   10.891  6.980   1.00 46.53  ? 32   THR D CG2 1 
ATOM   235 N N   . GLU A 1 34  ? 1.234   7.735   4.651   1.00 46.61  ? 33   GLU D N   1 
ATOM   236 C CA  . GLU A 1 34  ? 0.248   7.258   3.696   1.00 41.20  ? 33   GLU D CA  1 
ATOM   237 C C   . GLU A 1 34  ? 0.506   5.796   3.350   1.00 37.83  ? 33   GLU D C   1 
ATOM   238 O O   . GLU A 1 34  ? 1.637   5.309   3.427   1.00 34.62  ? 33   GLU D O   1 
ATOM   239 C CB  . GLU A 1 34  ? 0.305   8.094   2.414   1.00 43.33  ? 33   GLU D CB  1 
ATOM   240 C CG  . GLU A 1 34  ? -0.890  8.990   2.175   1.00 51.39  ? 33   GLU D CG  1 
ATOM   241 C CD  . GLU A 1 34  ? -0.947  9.490   0.742   1.00 60.99  ? 33   GLU D CD  1 
ATOM   242 O OE1 . GLU A 1 34  ? 0.044   10.103  0.290   1.00 64.92  ? 33   GLU D OE1 1 
ATOM   243 O OE2 . GLU A 1 34  ? -1.977  9.264   0.067   1.00 63.64  ? 33   GLU D OE2 1 
ATOM   244 N N   . VAL A 1 35  ? -0.561  5.103   2.977   1.00 31.76  ? 34   VAL D N   1 
ATOM   245 C CA  . VAL A 1 35  ? -0.464  3.801   2.326   1.00 28.37  ? 34   VAL D CA  1 
ATOM   246 C C   . VAL A 1 35  ? -1.622  3.694   1.340   1.00 23.52  ? 34   VAL D C   1 
ATOM   247 O O   . VAL A 1 35  ? -2.781  3.866   1.715   1.00 24.37  ? 34   VAL D O   1 
ATOM   248 C CB  . VAL A 1 35  ? -0.461  2.627   3.338   1.00 29.19  ? 34   VAL D CB  1 
ATOM   249 C CG1 . VAL A 1 35  ? -1.476  2.862   4.436   1.00 34.06  ? 34   VAL D CG1 1 
ATOM   250 C CG2 . VAL A 1 35  ? -0.715  1.299   2.634   1.00 21.97  ? 34   VAL D CG2 1 
ATOM   251 N N   . ARG A 1 36  ? -1.293  3.445   0.076   1.00 22.95  ? 35   ARG D N   1 
ATOM   252 C CA  . ARG A 1 36  ? -2.285  3.399   -0.993  1.00 19.63  ? 35   ARG D CA  1 
ATOM   253 C C   . ARG A 1 36  ? -2.243  2.054   -1.707  1.00 17.38  ? 35   ARG D C   1 
ATOM   254 O O   . ARG A 1 36  ? -1.222  1.692   -2.291  1.00 11.90  ? 35   ARG D O   1 
ATOM   255 C CB  . ARG A 1 36  ? -2.033  4.531   -1.988  1.00 22.94  ? 35   ARG D CB  1 
ATOM   256 C CG  . ARG A 1 36  ? -2.938  4.500   -3.199  1.00 38.68  ? 35   ARG D CG  1 
ATOM   257 C CD  . ARG A 1 36  ? -2.923  5.818   -3.960  1.00 54.71  ? 35   ARG D CD  1 
ATOM   258 N NE  . ARG A 1 36  ? -3.681  5.713   -5.210  1.00 70.36  ? 35   ARG D NE  1 
ATOM   259 C CZ  . ARG A 1 36  ? -5.013  5.680   -5.303  1.00 78.59  ? 35   ARG D CZ  1 
ATOM   260 N NH1 . ARG A 1 36  ? -5.785  5.744   -4.218  1.00 78.14  ? 35   ARG D NH1 1 
ATOM   261 N NH2 . ARG A 1 36  ? -5.583  5.579   -6.500  1.00 86.68  ? 35   ARG D NH2 1 
ATOM   262 N N   . VAL A 1 37  ? -3.358  1.324   -1.650  1.00 15.15  ? 36   VAL D N   1 
ATOM   263 C CA  . VAL A 1 37  ? -3.499  0.031   -2.327  1.00 16.05  ? 36   VAL D CA  1 
ATOM   264 C C   . VAL A 1 37  ? -4.354  0.160   -3.598  1.00 17.44  ? 36   VAL D C   1 
ATOM   265 O O   . VAL A 1 37  ? -5.365  0.870   -3.623  1.00 11.39  ? 36   VAL D O   1 
ATOM   266 C CB  . VAL A 1 37  ? -4.100  -1.053  -1.389  1.00 16.55  ? 36   VAL D CB  1 
ATOM   267 C CG1 . VAL A 1 37  ? -5.492  -0.664  -0.931  1.00 23.91  ? 36   VAL D CG1 1 
ATOM   268 C CG2 . VAL A 1 37  ? -4.122  -2.411  -2.078  1.00 15.21  ? 36   VAL D CG2 1 
ATOM   269 N N   . THR A 1 38  ? -3.916  -0.526  -4.651  1.00 16.48  ? 37   THR D N   1 
ATOM   270 C CA  . THR A 1 38  ? -4.595  -0.523  -5.937  1.00 13.29  ? 37   THR D CA  1 
ATOM   271 C C   . THR A 1 38  ? -4.636  -1.954  -6.445  1.00 15.90  ? 37   THR D C   1 
ATOM   272 O O   . THR A 1 38  ? -3.597  -2.628  -6.493  1.00 16.50  ? 37   THR D O   1 
ATOM   273 C CB  . THR A 1 38  ? -3.846  0.351   -6.966  1.00 14.61  ? 37   THR D CB  1 
ATOM   274 O OG1 . THR A 1 38  ? -3.774  1.702   -6.496  1.00 14.31  ? 37   THR D OG1 1 
ATOM   275 C CG2 . THR A 1 38  ? -4.547  0.326   -8.321  1.00 6.50   ? 37   THR D CG2 1 
ATOM   276 N N   . VAL A 1 39  ? -5.830  -2.415  -6.810  1.00 10.82  ? 38   VAL D N   1 
ATOM   277 C CA  . VAL A 1 39  ? -6.008  -3.750  -7.379  1.00 7.93   ? 38   VAL D CA  1 
ATOM   278 C C   . VAL A 1 39  ? -6.183  -3.625  -8.885  1.00 8.33   ? 38   VAL D C   1 
ATOM   279 O O   . VAL A 1 39  ? -7.036  -2.868  -9.357  1.00 11.44  ? 38   VAL D O   1 
ATOM   280 C CB  . VAL A 1 39  ? -7.219  -4.476  -6.760  1.00 5.75   ? 38   VAL D CB  1 
ATOM   281 C CG1 . VAL A 1 39  ? -7.408  -5.857  -7.382  1.00 2.00   ? 38   VAL D CG1 1 
ATOM   282 C CG2 . VAL A 1 39  ? -7.045  -4.586  -5.247  1.00 2.00   ? 38   VAL D CG2 1 
ATOM   283 N N   . LEU A 1 40  ? -5.353  -4.352  -9.629  1.00 9.61   ? 39   LEU D N   1 
ATOM   284 C CA  . LEU A 1 40  ? -5.413  -4.388  -11.091 1.00 7.90   ? 39   LEU D CA  1 
ATOM   285 C C   . LEU A 1 40  ? -5.818  -5.791  -11.546 1.00 5.79   ? 39   LEU D C   1 
ATOM   286 O O   . LEU A 1 40  ? -5.465  -6.775  -10.908 1.00 11.23  ? 39   LEU D O   1 
ATOM   287 C CB  . LEU A 1 40  ? -4.044  -4.055  -11.688 1.00 12.07  ? 39   LEU D CB  1 
ATOM   288 C CG  . LEU A 1 40  ? -3.546  -2.613  -11.710 1.00 7.67   ? 39   LEU D CG  1 
ATOM   289 C CD1 . LEU A 1 40  ? -3.716  -1.935  -10.374 1.00 27.78  ? 39   LEU D CD1 1 
ATOM   290 C CD2 . LEU A 1 40  ? -2.085  -2.621  -12.114 1.00 11.24  ? 39   LEU D CD2 1 
ATOM   291 N N   . ARG A 1 41  ? -6.538  -5.875  -12.658 1.00 2.51   ? 40   ARG D N   1 
ATOM   292 C CA  . ARG A 1 41  ? -6.936  -7.154  -13.230 1.00 5.40   ? 40   ARG D CA  1 
ATOM   293 C C   . ARG A 1 41  ? -6.288  -7.361  -14.599 1.00 7.31   ? 40   ARG D C   1 
ATOM   294 O O   . ARG A 1 41  ? -6.295  -6.455  -15.433 1.00 2.00   ? 40   ARG D O   1 
ATOM   295 C CB  . ARG A 1 41  ? -8.462  -7.209  -13.369 1.00 12.21  ? 40   ARG D CB  1 
ATOM   296 C CG  . ARG A 1 41  ? -9.003  -8.500  -13.988 1.00 13.90  ? 40   ARG D CG  1 
ATOM   297 C CD  . ARG A 1 41  ? -10.516 -8.472  -14.076 1.00 19.16  ? 40   ARG D CD  1 
ATOM   298 N NE  . ARG A 1 41  ? -11.044 -9.681  -14.706 1.00 30.08  ? 40   ARG D NE  1 
ATOM   299 C CZ  . ARG A 1 41  ? -11.019 -9.935  -16.016 1.00 32.89  ? 40   ARG D CZ  1 
ATOM   300 N NH1 . ARG A 1 41  ? -10.484 -9.065  -16.874 1.00 32.71  ? 40   ARG D NH1 1 
ATOM   301 N NH2 . ARG A 1 41  ? -11.534 -11.075 -16.476 1.00 24.25  ? 40   ARG D NH2 1 
ATOM   302 N N   . GLN A 1 42  ? -5.756  -8.563  -14.825 1.00 7.66   ? 41   GLN D N   1 
ATOM   303 C CA  . GLN A 1 42  ? -5.190  -8.945  -16.119 1.00 7.34   ? 41   GLN D CA  1 
ATOM   304 C C   . GLN A 1 42  ? -5.948  -10.115 -16.754 1.00 7.73   ? 41   GLN D C   1 
ATOM   305 O O   . GLN A 1 42  ? -6.093  -11.180 -16.157 1.00 8.09   ? 41   GLN D O   1 
ATOM   306 C CB  . GLN A 1 42  ? -3.711  -9.308  -15.977 1.00 9.94   ? 41   GLN D CB  1 
ATOM   307 C CG  . GLN A 1 42  ? -2.983  -9.444  -17.318 1.00 18.61  ? 41   GLN D CG  1 
ATOM   308 C CD  . GLN A 1 42  ? -1.522  -9.806  -17.162 1.00 18.46  ? 41   GLN D CD  1 
ATOM   309 O OE1 . GLN A 1 42  ? -1.183  -10.786 -16.503 1.00 24.68  ? 41   GLN D OE1 1 
ATOM   310 N NE2 . GLN A 1 42  ? -0.646  -9.015  -17.773 1.00 21.32  ? 41   GLN D NE2 1 
ATOM   311 N N   . ALA A 1 43  ? -6.429  -9.897  -17.971 1.00 16.50  ? 42   ALA D N   1 
ATOM   312 C CA  . ALA A 1 43  ? -7.058  -10.940 -18.775 1.00 22.03  ? 42   ALA D CA  1 
ATOM   313 C C   . ALA A 1 43  ? -6.931  -10.546 -20.244 1.00 28.62  ? 42   ALA D C   1 
ATOM   314 O O   . ALA A 1 43  ? -7.115  -9.376  -20.593 1.00 30.93  ? 42   ALA D O   1 
ATOM   315 C CB  . ALA A 1 43  ? -8.517  -11.109 -18.390 1.00 21.39  ? 42   ALA D CB  1 
ATOM   316 N N   . ASP A 1 44  ? -6.598  -11.521 -21.090 1.00 34.65  ? 43   ASP D N   1 
ATOM   317 C CA  . ASP A 1 44  ? -6.358  -11.291 -22.527 1.00 40.18  ? 43   ASP D CA  1 
ATOM   318 C C   . ASP A 1 44  ? -5.174  -10.332 -22.778 1.00 40.49  ? 43   ASP D C   1 
ATOM   319 O O   . ASP A 1 44  ? -5.097  -9.690  -23.829 1.00 35.45  ? 43   ASP D O   1 
ATOM   320 C CB  . ASP A 1 44  ? -7.630  -10.759 -23.212 1.00 42.48  ? 43   ASP D CB  1 
ATOM   321 C CG  . ASP A 1 44  ? -8.889  -11.541 -22.828 1.00 52.61  ? 43   ASP D CG  1 
ATOM   322 O OD1 . ASP A 1 44  ? -8.848  -12.347 -21.870 1.00 62.00  ? 43   ASP D OD1 1 
ATOM   323 O OD2 . ASP A 1 44  ? -9.931  -11.340 -23.492 1.00 65.65  ? 43   ASP D OD2 1 
ATOM   324 N N   . SER A 1 45  ? -4.261  -10.267 -21.805 1.00 42.13  ? 44   SER D N   1 
ATOM   325 C CA  . SER A 1 45  ? -3.174  -9.274  -21.740 1.00 43.80  ? 44   SER D CA  1 
ATOM   326 C C   . SER A 1 45  ? -3.631  -7.859  -21.337 1.00 42.15  ? 44   SER D C   1 
ATOM   327 O O   . SER A 1 45  ? -2.790  -7.003  -21.044 1.00 44.55  ? 44   SER D O   1 
ATOM   328 C CB  . SER A 1 45  ? -2.381  -9.217  -23.051 1.00 45.19  ? 44   SER D CB  1 
ATOM   329 O OG  . SER A 1 45  ? -1.090  -8.672  -22.830 1.00 50.87  ? 44   SER D OG  1 
ATOM   330 N N   . GLN A 1 46  ? -4.944  -7.626  -21.297 1.00 36.32  ? 45   GLN D N   1 
ATOM   331 C CA  . GLN A 1 46  ? -5.495  -6.305  -20.986 1.00 30.82  ? 45   GLN D CA  1 
ATOM   332 C C   . GLN A 1 46  ? -5.488  -6.089  -19.480 1.00 21.60  ? 45   GLN D C   1 
ATOM   333 O O   . GLN A 1 46  ? -5.970  -6.937  -18.736 1.00 17.92  ? 45   GLN D O   1 
ATOM   334 C CB  . GLN A 1 46  ? -6.935  -6.173  -21.505 1.00 31.91  ? 45   GLN D CB  1 
ATOM   335 C CG  . GLN A 1 46  ? -7.151  -6.611  -22.955 1.00 38.89  ? 45   GLN D CG  1 
ATOM   336 C CD  . GLN A 1 46  ? -6.183  -5.957  -23.928 1.00 47.28  ? 45   GLN D CD  1 
ATOM   337 O OE1 . GLN A 1 46  ? -5.770  -4.811  -23.739 1.00 55.24  ? 45   GLN D OE1 1 
ATOM   338 N NE2 . GLN A 1 46  ? -5.819  -6.686  -24.979 1.00 48.05  ? 45   GLN D NE2 1 
ATOM   339 N N   . VAL A 1 47  ? -4.949  -4.955  -19.038 1.00 16.04  ? 46   VAL D N   1 
ATOM   340 C CA  . VAL A 1 47  ? -4.922  -4.605  -17.612 1.00 11.52  ? 46   VAL D CA  1 
ATOM   341 C C   . VAL A 1 47  ? -5.907  -3.468  -17.304 1.00 16.73  ? 46   VAL D C   1 
ATOM   342 O O   . VAL A 1 47  ? -5.850  -2.401  -17.921 1.00 15.67  ? 46   VAL D O   1 
ATOM   343 C CB  . VAL A 1 47  ? -3.503  -4.224  -17.152 1.00 5.74   ? 46   VAL D CB  1 
ATOM   344 C CG1 . VAL A 1 47  ? -3.467  -3.930  -15.651 1.00 3.01   ? 46   VAL D CG1 1 
ATOM   345 C CG2 . VAL A 1 47  ? -2.543  -5.337  -17.488 1.00 2.00   ? 46   VAL D CG2 1 
ATOM   346 N N   . THR A 1 48  ? -6.811  -3.724  -16.354 1.00 21.42  ? 47   THR D N   1 
ATOM   347 C CA  . THR A 1 48  ? -7.787  -2.739  -15.876 1.00 19.93  ? 47   THR D CA  1 
ATOM   348 C C   . THR A 1 48  ? -7.593  -2.501  -14.380 1.00 17.96  ? 47   THR D C   1 
ATOM   349 O O   . THR A 1 48  ? -7.172  -3.399  -13.655 1.00 18.19  ? 47   THR D O   1 
ATOM   350 C CB  . THR A 1 48  ? -9.232  -3.237  -16.095 1.00 22.12  ? 47   THR D CB  1 
ATOM   351 O OG1 . THR A 1 48  ? -9.458  -3.472  -17.489 1.00 22.58  ? 47   THR D OG1 1 
ATOM   352 C CG2 . THR A 1 48  ? -10.246 -2.216  -15.586 1.00 25.12  ? 47   THR D CG2 1 
ATOM   353 N N   . GLU A 1 49  ? -7.900  -1.288  -13.928 1.00 14.96  ? 48   GLU D N   1 
ATOM   354 C CA  . GLU A 1 49  ? -7.936  -0.973  -12.502 1.00 13.19  ? 48   GLU D CA  1 
ATOM   355 C C   . GLU A 1 49  ? -9.315  -1.322  -11.948 1.00 13.01  ? 48   GLU D C   1 
ATOM   356 O O   . GLU A 1 49  ? -10.311 -0.712  -12.339 1.00 13.20  ? 48   GLU D O   1 
ATOM   357 C CB  . GLU A 1 49  ? -7.644  0.508   -12.271 1.00 12.32  ? 48   GLU D CB  1 
ATOM   358 C CG  . GLU A 1 49  ? -7.706  0.935   -10.809 1.00 20.33  ? 48   GLU D CG  1 
ATOM   359 C CD  . GLU A 1 49  ? -6.979  2.244   -10.535 1.00 26.75  ? 48   GLU D CD  1 
ATOM   360 O OE1 . GLU A 1 49  ? -5.816  2.393   -10.975 1.00 33.04  ? 48   GLU D OE1 1 
ATOM   361 O OE2 . GLU A 1 49  ? -7.569  3.118   -9.865  1.00 29.83  ? 48   GLU D OE2 1 
ATOM   362 N N   . VAL A 1 50  ? -9.368  -2.293  -11.037 1.00 11.51  ? 49   VAL D N   1 
ATOM   363 C CA  . VAL A 1 50  ? -10.638 -2.744  -10.471 1.00 11.57  ? 49   VAL D CA  1 
ATOM   364 C C   . VAL A 1 50  ? -11.041 -1.854  -9.301  1.00 12.16  ? 49   VAL D C   1 
ATOM   365 O O   . VAL A 1 50  ? -12.215 -1.505  -9.163  1.00 18.81  ? 49   VAL D O   1 
ATOM   366 C CB  . VAL A 1 50  ? -10.619 -4.246  -10.039 1.00 10.95  ? 49   VAL D CB  1 
ATOM   367 C CG1 . VAL A 1 50  ? -9.844  -5.092  -11.041 1.00 15.70  ? 49   VAL D CG1 1 
ATOM   368 C CG2 . VAL A 1 50  ? -10.066 -4.423  -8.648  1.00 8.39   ? 49   VAL D CG2 1 
ATOM   369 N N   . CYS A 1 51  ? -10.071 -1.480  -8.470  1.00 13.21  ? 50   CYS D N   1 
ATOM   370 C CA  . CYS A 1 51  ? -10.329 -0.587  -7.339  1.00 15.59  ? 50   CYS D CA  1 
ATOM   371 C C   . CYS A 1 51  ? -9.048  0.011   -6.759  1.00 16.60  ? 50   CYS D C   1 
ATOM   372 O O   . CYS A 1 51  ? -7.941  -0.486  -6.999  1.00 8.31   ? 50   CYS D O   1 
ATOM   373 C CB  . CYS A 1 51  ? -11.128 -1.299  -6.233  1.00 18.85  ? 50   CYS D CB  1 
ATOM   374 S SG  . CYS A 1 51  ? -10.332 -2.754  -5.469  1.00 31.79  ? 50   CYS D SG  1 
ATOM   375 N N   . ALA A 1 52  ? -9.227  1.095   -6.005  1.00 19.09  ? 51   ALA D N   1 
ATOM   376 C CA  . ALA A 1 52  ? -8.138  1.793   -5.334  1.00 21.95  ? 51   ALA D CA  1 
ATOM   377 C C   . ALA A 1 52  ? -8.630  2.395   -4.016  1.00 25.77  ? 51   ALA D C   1 
ATOM   378 O O   . ALA A 1 52  ? -9.753  2.902   -3.940  1.00 29.40  ? 51   ALA D O   1 
ATOM   379 C CB  . ALA A 1 52  ? -7.591  2.880   -6.233  1.00 24.01  ? 51   ALA D CB  1 
ATOM   380 N N   . ALA A 1 53  ? -7.789  2.326   -2.985  1.00 27.65  ? 52   ALA D N   1 
ATOM   381 C CA  . ALA A 1 53  ? -8.075  2.944   -1.687  1.00 30.78  ? 52   ALA D CA  1 
ATOM   382 C C   . ALA A 1 53  ? -6.793  3.517   -1.091  1.00 36.28  ? 52   ALA D C   1 
ATOM   383 O O   . ALA A 1 53  ? -5.702  3.006   -1.355  1.00 39.16  ? 52   ALA D O   1 
ATOM   384 C CB  . ALA A 1 53  ? -8.683  1.931   -0.737  1.00 24.60  ? 52   ALA D CB  1 
ATOM   385 N N   . THR A 1 54  ? -6.931  4.579   -0.295  1.00 44.20  ? 53   THR D N   1 
ATOM   386 C CA  . THR A 1 54  ? -5.806  5.182   0.431   1.00 46.94  ? 53   THR D CA  1 
ATOM   387 C C   . THR A 1 54  ? -6.152  5.349   1.907   1.00 50.98  ? 53   THR D C   1 
ATOM   388 O O   . THR A 1 54  ? -7.306  5.597   2.260   1.00 50.81  ? 53   THR D O   1 
ATOM   389 C CB  . THR A 1 54  ? -5.419  6.554   -0.147  1.00 46.39  ? 53   THR D CB  1 
ATOM   390 O OG1 . THR A 1 54  ? -5.199  6.434   -1.556  1.00 46.30  ? 53   THR D OG1 1 
ATOM   391 C CG2 . THR A 1 54  ? -4.151  7.083   0.512   1.00 42.61  ? 53   THR D CG2 1 
ATOM   392 N N   . TYR A 1 55  ? -5.140  5.214   2.760   1.00 57.34  ? 54   TYR D N   1 
ATOM   393 C CA  . TYR A 1 55  ? -5.325  5.274   4.208   1.00 63.45  ? 54   TYR D CA  1 
ATOM   394 C C   . TYR A 1 55  ? -3.976  5.449   4.921   1.00 69.65  ? 54   TYR D C   1 
ATOM   395 O O   . TYR A 1 55  ? -2.935  5.513   4.267   1.00 72.27  ? 54   TYR D O   1 
ATOM   396 C CB  . TYR A 1 55  ? -6.024  4.002   4.690   1.00 61.91  ? 54   TYR D CB  1 
ATOM   397 C CG  . TYR A 1 55  ? -5.196  2.753   4.506   1.00 57.55  ? 54   TYR D CG  1 
ATOM   398 C CD1 . TYR A 1 55  ? -4.578  2.151   5.589   1.00 55.55  ? 54   TYR D CD1 1 
ATOM   399 C CD2 . TYR A 1 55  ? -5.023  2.180   3.250   1.00 61.85  ? 54   TYR D CD2 1 
ATOM   400 C CE1 . TYR A 1 55  ? -3.816  1.009   5.442   1.00 59.00  ? 54   TYR D CE1 1 
ATOM   401 C CE2 . TYR A 1 55  ? -4.254  1.032   3.086   1.00 64.56  ? 54   TYR D CE2 1 
ATOM   402 C CZ  . TYR A 1 55  ? -3.654  0.449   4.191   1.00 61.83  ? 54   TYR D CZ  1 
ATOM   403 O OH  . TYR A 1 55  ? -2.889  -0.685  4.053   1.00 64.47  ? 54   TYR D OH  1 
ATOM   404 N N   . MET A 1 56  ? -4.006  5.535   6.253   1.00 77.21  ? 55   MET D N   1 
ATOM   405 C CA  . MET A 1 56  ? -2.783  5.622   7.070   1.00 82.21  ? 55   MET D CA  1 
ATOM   406 C C   . MET A 1 56  ? -2.495  4.241   7.670   1.00 87.14  ? 55   MET D C   1 
ATOM   407 O O   . MET A 1 56  ? -3.429  3.517   8.011   1.00 88.41  ? 55   MET D O   1 
ATOM   408 C CB  . MET A 1 56  ? -2.927  6.644   8.213   1.00 81.65  ? 55   MET D CB  1 
ATOM   409 C CG  . MET A 1 56  ? -3.902  7.815   7.997   1.00 81.80  ? 55   MET D CG  1 
ATOM   410 S SD  . MET A 1 56  ? -3.702  8.770   6.479   1.00 79.54  ? 55   MET D SD  1 
ATOM   411 C CE  . MET A 1 56  ? -5.259  8.447   5.651   1.00 75.33  ? 55   MET D CE  1 
ATOM   412 N N   . MET A 1 57  ? -1.216  3.882   7.820   1.00 92.00  ? 56   MET D N   1 
ATOM   413 C CA  . MET A 1 57  ? -0.852  2.558   8.360   1.00 95.27  ? 56   MET D CA  1 
ATOM   414 C C   . MET A 1 57  ? -1.591  2.270   9.674   1.00 95.26  ? 56   MET D C   1 
ATOM   415 O O   . MET A 1 57  ? -1.484  3.038   10.635  1.00 96.51  ? 56   MET D O   1 
ATOM   416 C CB  . MET A 1 57  ? 0.665   2.422   8.572   1.00 96.17  ? 56   MET D CB  1 
ATOM   417 C CG  . MET A 1 57  ? 1.065   1.144   9.340   1.00 101.37 ? 56   MET D CG  1 
ATOM   418 S SD  . MET A 1 57  ? 2.792   0.634   9.191   1.00 104.59 ? 56   MET D SD  1 
ATOM   419 C CE  . MET A 1 57  ? 2.888   -0.608  10.483  1.00 92.96  ? 56   MET D CE  1 
ATOM   420 N N   . GLY A 1 58  ? -2.338  1.166   9.699   1.00 94.06  ? 57   GLY D N   1 
ATOM   421 C CA  . GLY A 1 58  ? -3.146  0.788   10.859  1.00 93.11  ? 57   GLY D CA  1 
ATOM   422 C C   . GLY A 1 58  ? -4.610  1.144   10.670  1.00 92.01  ? 57   GLY D C   1 
ATOM   423 O O   . GLY A 1 58  ? -5.486  0.280   10.801  1.00 92.35  ? 57   GLY D O   1 
ATOM   424 N N   . ASN A 1 59  ? -4.875  2.416   10.364  1.00 89.55  ? 58   ASN D N   1 
ATOM   425 C CA  . ASN A 1 59  ? -6.237  2.891   10.080  1.00 85.78  ? 58   ASN D CA  1 
ATOM   426 C C   . ASN A 1 59  ? -6.868  2.062   8.970   1.00 82.02  ? 58   ASN D C   1 
ATOM   427 O O   . ASN A 1 59  ? -6.164  1.484   8.143   1.00 82.83  ? 58   ASN D O   1 
ATOM   428 C CB  . ASN A 1 59  ? -6.248  4.378   9.687   1.00 85.90  ? 58   ASN D CB  1 
ATOM   429 C CG  . ASN A 1 59  ? -6.025  5.311   10.873  1.00 84.19  ? 58   ASN D CG  1 
ATOM   430 O OD1 . ASN A 1 59  ? -5.232  5.025   11.770  1.00 83.53  ? 58   ASN D OD1 1 
ATOM   431 N ND2 . ASN A 1 59  ? -6.719  6.443   10.869  1.00 78.65  ? 58   ASN D ND2 1 
ATOM   432 N N   . GLU A 1 60  ? -8.192  2.012   8.951   1.00 76.88  ? 59   GLU D N   1 
ATOM   433 C CA  . GLU A 1 60  ? -8.904  1.101   8.061   1.00 74.06  ? 59   GLU D CA  1 
ATOM   434 C C   . GLU A 1 60  ? -8.934  1.583   6.611   1.00 68.18  ? 59   GLU D C   1 
ATOM   435 O O   . GLU A 1 60  ? -8.888  2.787   6.346   1.00 65.85  ? 59   GLU D O   1 
ATOM   436 C CB  . GLU A 1 60  ? -10.329 0.890   8.577   1.00 76.24  ? 59   GLU D CB  1 
ATOM   437 C CG  . GLU A 1 60  ? -11.070 -0.288  7.959   1.00 83.00  ? 59   GLU D CG  1 
ATOM   438 C CD  . GLU A 1 60  ? -10.427 -1.635  8.255   1.00 92.46  ? 59   GLU D CD  1 
ATOM   439 O OE1 . GLU A 1 60  ? -9.393  -1.689  8.960   1.00 92.54  ? 59   GLU D OE1 1 
ATOM   440 O OE2 . GLU A 1 60  ? -10.972 -2.653  7.779   1.00 101.07 ? 59   GLU D OE2 1 
ATOM   441 N N   . LEU A 1 61  ? -8.995  0.629   5.680   1.00 62.13  ? 60   LEU D N   1 
ATOM   442 C CA  . LEU A 1 61  ? -9.205  0.935   4.263   1.00 58.60  ? 60   LEU D CA  1 
ATOM   443 C C   . LEU A 1 61  ? -10.663 1.267   4.021   1.00 58.70  ? 60   LEU D C   1 
ATOM   444 O O   . LEU A 1 61  ? -11.543 0.823   4.760   1.00 60.68  ? 60   LEU D O   1 
ATOM   445 C CB  . LEU A 1 61  ? -8.864  -0.255  3.366   1.00 56.16  ? 60   LEU D CB  1 
ATOM   446 C CG  . LEU A 1 61  ? -7.411  -0.681  3.212   1.00 52.35  ? 60   LEU D CG  1 
ATOM   447 C CD1 . LEU A 1 61  ? -7.011  -1.586  4.349   1.00 53.16  ? 60   LEU D CD1 1 
ATOM   448 C CD2 . LEU A 1 61  ? -7.202  -1.375  1.876   1.00 41.69  ? 60   LEU D CD2 1 
ATOM   449 N N   . THR A 1 62  ? -10.914 2.038   2.968   1.00 58.00  ? 61   THR D N   1 
ATOM   450 C CA  . THR A 1 62  ? -12.272 2.253   2.470   1.00 56.94  ? 61   THR D CA  1 
ATOM   451 C C   . THR A 1 62  ? -12.219 2.634   0.997   1.00 53.30  ? 61   THR D C   1 
ATOM   452 O O   . THR A 1 62  ? -11.520 3.574   0.611   1.00 52.63  ? 61   THR D O   1 
ATOM   453 C CB  . THR A 1 62  ? -13.030 3.342   3.259   1.00 58.00  ? 61   THR D CB  1 
ATOM   454 O OG1 . THR A 1 62  ? -13.158 2.948   4.631   1.00 56.52  ? 61   THR D OG1 1 
ATOM   455 C CG2 . THR A 1 62  ? -14.427 3.554   2.671   1.00 60.03  ? 61   THR D CG2 1 
ATOM   456 N N   . PHE A 1 63  ? -12.962 1.896   0.181   1.00 50.17  ? 62   PHE D N   1 
ATOM   457 C CA  . PHE A 1 63  ? -12.939 2.082   -1.262  1.00 47.93  ? 62   PHE D CA  1 
ATOM   458 C C   . PHE A 1 63  ? -14.081 2.988   -1.696  1.00 49.27  ? 62   PHE D C   1 
ATOM   459 O O   . PHE A 1 63  ? -14.954 3.328   -0.892  1.00 49.26  ? 62   PHE D O   1 
ATOM   460 C CB  . PHE A 1 63  ? -13.017 0.724   -1.963  1.00 47.22  ? 62   PHE D CB  1 
ATOM   461 C CG  . PHE A 1 63  ? -11.845 -0.164  -1.670  1.00 37.53  ? 62   PHE D CG  1 
ATOM   462 C CD1 . PHE A 1 63  ? -11.831 -0.962  -0.535  1.00 28.45  ? 62   PHE D CD1 1 
ATOM   463 C CD2 . PHE A 1 63  ? -10.743 -0.184  -2.515  1.00 34.47  ? 62   PHE D CD2 1 
ATOM   464 C CE1 . PHE A 1 63  ? -10.745 -1.773  -0.253  1.00 31.45  ? 62   PHE D CE1 1 
ATOM   465 C CE2 . PHE A 1 63  ? -9.648  -0.994  -2.240  1.00 30.61  ? 62   PHE D CE2 1 
ATOM   466 C CZ  . PHE A 1 63  ? -9.649  -1.790  -1.108  1.00 32.42  ? 62   PHE D CZ  1 
ATOM   467 N N   . LEU A 1 64  ? -14.063 3.370   -2.971  1.00 50.95  ? 63   LEU D N   1 
ATOM   468 C CA  . LEU A 1 64  ? -15.072 4.264   -3.546  1.00 50.54  ? 63   LEU D CA  1 
ATOM   469 C C   . LEU A 1 64  ? -16.488 3.693   -3.387  1.00 52.88  ? 63   LEU D C   1 
ATOM   470 O O   . LEU A 1 64  ? -16.665 2.516   -3.064  1.00 50.60  ? 63   LEU D O   1 
ATOM   471 C CB  . LEU A 1 64  ? -14.768 4.542   -5.030  1.00 50.02  ? 63   LEU D CB  1 
ATOM   472 C CG  . LEU A 1 64  ? -13.623 5.503   -5.407  1.00 51.75  ? 63   LEU D CG  1 
ATOM   473 C CD1 . LEU A 1 64  ? -13.786 6.870   -4.743  1.00 51.24  ? 63   LEU D CD1 1 
ATOM   474 C CD2 . LEU A 1 64  ? -12.247 4.918   -5.094  1.00 55.99  ? 63   LEU D CD2 1 
ATOM   475 N N   . ASP A 1 65  ? -17.490 4.540   -3.612  1.00 56.50  ? 64   ASP D N   1 
ATOM   476 C CA  . ASP A 1 65  ? -18.897 4.159   -3.430  1.00 58.65  ? 64   ASP D CA  1 
ATOM   477 C C   . ASP A 1 65  ? -19.260 2.889   -4.208  1.00 56.87  ? 64   ASP D C   1 
ATOM   478 O O   . ASP A 1 65  ? -18.950 2.769   -5.398  1.00 58.52  ? 64   ASP D O   1 
ATOM   479 C CB  . ASP A 1 65  ? -19.832 5.307   -3.850  1.00 60.38  ? 64   ASP D CB  1 
ATOM   480 C CG  . ASP A 1 65  ? -19.796 6.486   -2.885  1.00 64.52  ? 64   ASP D CG  1 
ATOM   481 O OD1 . ASP A 1 65  ? -18.800 6.628   -2.139  1.00 66.94  ? 64   ASP D OD1 1 
ATOM   482 O OD2 . ASP A 1 65  ? -20.766 7.278   -2.881  1.00 65.72  ? 64   ASP D OD2 1 
ATOM   483 N N   . ASP A 1 66  ? -19.914 1.950   -3.521  1.00 51.42  ? 65   ASP D N   1 
ATOM   484 C CA  . ASP A 1 66  ? -20.364 0.688   -4.118  1.00 47.60  ? 65   ASP D CA  1 
ATOM   485 C C   . ASP A 1 66  ? -19.227 -0.037  -4.846  1.00 40.97  ? 65   ASP D C   1 
ATOM   486 O O   . ASP A 1 66  ? -19.387 -0.497  -5.980  1.00 37.41  ? 65   ASP D O   1 
ATOM   487 C CB  . ASP A 1 66  ? -21.548 0.927   -5.071  1.00 50.53  ? 65   ASP D CB  1 
ATOM   488 C CG  . ASP A 1 66  ? -22.783 1.477   -4.363  1.00 52.95  ? 65   ASP D CG  1 
ATOM   489 O OD1 . ASP A 1 66  ? -23.871 1.458   -4.980  1.00 58.44  ? 65   ASP D OD1 1 
ATOM   490 O OD2 . ASP A 1 66  ? -22.675 1.924   -3.199  1.00 53.66  ? 65   ASP D OD2 1 
ATOM   491 N N   . SER A 1 67  ? -18.080 -0.134  -4.182  1.00 33.95  ? 66   SER D N   1 
ATOM   492 C CA  . SER A 1 67  ? -16.917 -0.788  -4.767  1.00 30.90  ? 66   SER D CA  1 
ATOM   493 C C   . SER A 1 67  ? -17.111 -2.297  -4.794  1.00 29.47  ? 66   SER D C   1 
ATOM   494 O O   . SER A 1 67  ? -17.899 -2.853  -4.019  1.00 23.73  ? 66   SER D O   1 
ATOM   495 C CB  . SER A 1 67  ? -15.645 -0.441  -3.984  1.00 30.73  ? 66   SER D CB  1 
ATOM   496 O OG  . SER A 1 67  ? -14.503 -1.071  -4.539  1.00 25.37  ? 66   SER D OG  1 
ATOM   497 N N   . ILE A 1 68  ? -16.391 -2.944  -5.706  1.00 26.51  ? 67   ILE D N   1 
ATOM   498 C CA  . ILE A 1 68  ? -16.298 -4.399  -5.745  1.00 24.46  ? 67   ILE D CA  1 
ATOM   499 C C   . ILE A 1 68  ? -15.535 -4.882  -4.510  1.00 20.81  ? 67   ILE D C   1 
ATOM   500 O O   . ILE A 1 68  ? -15.825 -5.951  -3.975  1.00 20.00  ? 67   ILE D O   1 
ATOM   501 C CB  . ILE A 1 68  ? -15.535 -4.896  -7.002  1.00 25.72  ? 67   ILE D CB  1 
ATOM   502 C CG1 . ILE A 1 68  ? -16.227 -4.458  -8.290  1.00 33.82  ? 67   ILE D CG1 1 
ATOM   503 C CG2 . ILE A 1 68  ? -15.433 -6.407  -7.009  1.00 27.75  ? 67   ILE D CG2 1 
ATOM   504 C CD1 . ILE A 1 68  ? -15.418 -4.776  -9.533  1.00 45.58  ? 67   ILE D CD1 1 
ATOM   505 N N   . CYS A 1 69  ? -14.573 -4.074  -4.060  1.00 17.10  ? 68   CYS D N   1 
ATOM   506 C CA  . CYS A 1 69  ? -13.605 -4.493  -3.052  1.00 17.48  ? 68   CYS D CA  1 
ATOM   507 C C   . CYS A 1 69  ? -13.911 -3.984  -1.645  1.00 15.94  ? 68   CYS D C   1 
ATOM   508 O O   . CYS A 1 69  ? -14.411 -2.875  -1.461  1.00 17.36  ? 68   CYS D O   1 
ATOM   509 C CB  . CYS A 1 69  ? -12.191 -4.041  -3.449  1.00 17.62  ? 68   CYS D CB  1 
ATOM   510 S SG  . CYS A 1 69  ? -11.857 -4.075  -5.229  1.00 21.30  ? 68   CYS D SG  1 
ATOM   511 N N   . THR A 1 70  ? -13.591 -4.825  -0.664  1.00 15.06  ? 69   THR D N   1 
ATOM   512 C CA  . THR A 1 70  ? -13.573 -4.467  0.751   1.00 14.67  ? 69   THR D CA  1 
ATOM   513 C C   . THR A 1 70  ? -12.157 -4.747  1.247   1.00 18.00  ? 69   THR D C   1 
ATOM   514 O O   . THR A 1 70  ? -11.492 -5.636  0.715   1.00 15.15  ? 69   THR D O   1 
ATOM   515 C CB  . THR A 1 70  ? -14.600 -5.306  1.531   1.00 12.25  ? 69   THR D CB  1 
ATOM   516 O OG1 . THR A 1 70  ? -15.909 -4.777  1.301   1.00 18.78  ? 69   THR D OG1 1 
ATOM   517 C CG2 . THR A 1 70  ? -14.320 -5.295  3.019   1.00 9.00   ? 69   THR D CG2 1 
ATOM   518 N N   . GLY A 1 71  ? -11.690 -3.994  2.245   1.00 22.33  ? 70   GLY D N   1 
ATOM   519 C CA  . GLY A 1 71  ? -10.295 -4.106  2.697   1.00 25.33  ? 70   GLY D CA  1 
ATOM   520 C C   . GLY A 1 71  ? -10.050 -3.818  4.167   1.00 27.28  ? 70   GLY D C   1 
ATOM   521 O O   . GLY A 1 71  ? -10.787 -3.052  4.788   1.00 25.86  ? 70   GLY D O   1 
ATOM   522 N N   . THR A 1 72  ? -8.991  -4.428  4.706   1.00 29.99  ? 71   THR D N   1 
ATOM   523 C CA  . THR A 1 72  ? -8.607  -4.292  6.118   1.00 31.46  ? 71   THR D CA  1 
ATOM   524 C C   . THR A 1 72  ? -7.096  -4.395  6.293   1.00 32.58  ? 71   THR D C   1 
ATOM   525 O O   . THR A 1 72  ? -6.514  -5.445  6.023   1.00 36.85  ? 71   THR D O   1 
ATOM   526 C CB  . THR A 1 72  ? -9.249  -5.401  6.979   1.00 32.58  ? 71   THR D CB  1 
ATOM   527 O OG1 . THR A 1 72  ? -10.661 -5.186  7.067   1.00 36.92  ? 71   THR D OG1 1 
ATOM   528 C CG2 . THR A 1 72  ? -8.649  -5.424  8.391   1.00 33.46  ? 71   THR D CG2 1 
ATOM   529 N N   . SER A 1 73  ? -6.468  -3.322  6.768   1.00 35.57  ? 72   SER D N   1 
ATOM   530 C CA  . SER A 1 73  ? -5.021  -3.316  6.983   1.00 36.71  ? 72   SER D CA  1 
ATOM   531 C C   . SER A 1 73  ? -4.714  -3.721  8.416   1.00 40.20  ? 72   SER D C   1 
ATOM   532 O O   . SER A 1 73  ? -5.276  -3.162  9.363   1.00 42.62  ? 72   SER D O   1 
ATOM   533 C CB  . SER A 1 73  ? -4.414  -1.942  6.704   1.00 34.12  ? 72   SER D CB  1 
ATOM   534 O OG  . SER A 1 73  ? -4.277  -1.182  7.895   1.00 37.96  ? 72   SER D OG  1 
ATOM   535 N N   . SER A 1 74  ? -3.814  -4.688  8.563   1.00 43.58  ? 73   SER D N   1 
ATOM   536 C CA  . SER A 1 74  ? -3.369  -5.158  9.873   1.00 44.33  ? 73   SER D CA  1 
ATOM   537 C C   . SER A 1 74  ? -1.853  -5.395  9.856   1.00 45.65  ? 73   SER D C   1 
ATOM   538 O O   . SER A 1 74  ? -1.379  -6.476  9.492   1.00 45.16  ? 73   SER D O   1 
ATOM   539 C CB  . SER A 1 74  ? -4.153  -6.413  10.303  1.00 43.23  ? 73   SER D CB  1 
ATOM   540 O OG  . SER A 1 74  ? -4.726  -7.091  9.194   1.00 37.58  ? 73   SER D OG  1 
ATOM   541 N N   . GLY A 1 75  ? -1.104  -4.361  10.239  1.00 47.04  ? 74   GLY D N   1 
ATOM   542 C CA  . GLY A 1 75  ? 0.357   -4.407  10.241  1.00 45.63  ? 74   GLY D CA  1 
ATOM   543 C C   . GLY A 1 75  ? 0.900   -4.277  8.833   1.00 44.44  ? 74   GLY D C   1 
ATOM   544 O O   . GLY A 1 75  ? 0.590   -3.308  8.134   1.00 47.23  ? 74   GLY D O   1 
ATOM   545 N N   . ASN A 1 76  ? 1.703   -5.256  8.416   1.00 41.46  ? 75   ASN D N   1 
ATOM   546 C CA  . ASN A 1 76  ? 2.235   -5.314  7.052   1.00 41.15  ? 75   ASN D CA  1 
ATOM   547 C C   . ASN A 1 76  ? 1.383   -6.234  6.171   1.00 38.98  ? 75   ASN D C   1 
ATOM   548 O O   . ASN A 1 76  ? 1.880   -7.174  5.546   1.00 33.90  ? 75   ASN D O   1 
ATOM   549 C CB  . ASN A 1 76  ? 3.701   -5.762  7.068   1.00 43.01  ? 75   ASN D CB  1 
ATOM   550 C CG  . ASN A 1 76  ? 4.637   -4.688  7.616   1.00 52.61  ? 75   ASN D CG  1 
ATOM   551 O OD1 . ASN A 1 76  ? 4.202   -3.734  8.267   1.00 63.50  ? 75   ASN D OD1 1 
ATOM   552 N ND2 . ASN A 1 76  ? 5.931   -4.841  7.349   1.00 57.70  ? 75   ASN D ND2 1 
ATOM   553 N N   . GLN A 1 77  ? 0.085   -5.939  6.139   1.00 35.15  ? 76   GLN D N   1 
ATOM   554 C CA  . GLN A 1 77  ? -0.881  -6.702  5.364   1.00 32.63  ? 76   GLN D CA  1 
ATOM   555 C C   . GLN A 1 77  ? -1.997  -5.797  4.884   1.00 32.30  ? 76   GLN D C   1 
ATOM   556 O O   . GLN A 1 77  ? -2.332  -4.807  5.538   1.00 30.68  ? 76   GLN D O   1 
ATOM   557 C CB  . GLN A 1 77  ? -1.527  -7.801  6.211   1.00 31.16  ? 76   GLN D CB  1 
ATOM   558 C CG  . GLN A 1 77  ? -0.627  -8.965  6.572   1.00 35.79  ? 76   GLN D CG  1 
ATOM   559 C CD  . GLN A 1 77  ? -1.407  -10.224 6.932   1.00 35.45  ? 76   GLN D CD  1 
ATOM   560 O OE1 . GLN A 1 77  ? -0.848  -11.320 6.970   1.00 37.28  ? 76   GLN D OE1 1 
ATOM   561 N NE2 . GLN A 1 77  ? -2.703  -10.072 7.188   1.00 31.50  ? 76   GLN D NE2 1 
ATOM   562 N N   . VAL A 1 78  ? -2.562  -6.149  3.735   1.00 27.41  ? 77   VAL D N   1 
ATOM   563 C CA  . VAL A 1 78  ? -3.880  -5.679  3.350   1.00 27.77  ? 77   VAL D CA  1 
ATOM   564 C C   . VAL A 1 78  ? -4.710  -6.917  3.037   1.00 24.86  ? 77   VAL D C   1 
ATOM   565 O O   . VAL A 1 78  ? -4.284  -7.775  2.266   1.00 22.76  ? 77   VAL D O   1 
ATOM   566 C CB  . VAL A 1 78  ? -3.837  -4.727  2.137   1.00 30.17  ? 77   VAL D CB  1 
ATOM   567 C CG1 . VAL A 1 78  ? -3.330  -5.448  0.898   1.00 27.15  ? 77   VAL D CG1 1 
ATOM   568 C CG2 . VAL A 1 78  ? -5.216  -4.125  1.891   1.00 33.95  ? 77   VAL D CG2 1 
ATOM   569 N N   . ASN A 1 79  ? -5.875  -7.020  3.667   1.00 23.69  ? 78   ASN D N   1 
ATOM   570 C CA  . ASN A 1 79  ? -6.770  -8.154  3.461   1.00 25.69  ? 78   ASN D CA  1 
ATOM   571 C C   . ASN A 1 79  ? -7.915  -7.755  2.547   1.00 25.23  ? 78   ASN D C   1 
ATOM   572 O O   . ASN A 1 79  ? -8.899  -7.163  3.002   1.00 22.51  ? 78   ASN D O   1 
ATOM   573 C CB  . ASN A 1 79  ? -7.309  -8.670  4.797   1.00 25.45  ? 78   ASN D CB  1 
ATOM   574 C CG  . ASN A 1 79  ? -6.214  -9.231  5.689   1.00 33.25  ? 78   ASN D CG  1 
ATOM   575 O OD1 . ASN A 1 79  ? -5.155  -8.619  5.856   1.00 43.94  ? 78   ASN D OD1 1 
ATOM   576 N ND2 . ASN A 1 79  ? -6.464  -10.400 6.269   1.00 31.51  ? 78   ASN D ND2 1 
ATOM   577 N N   . LEU A 1 80  ? -7.772  -8.073  1.259   1.00 22.64  ? 79   LEU D N   1 
ATOM   578 C CA  . LEU A 1 80  ? -8.774  -7.719  0.255   1.00 18.77  ? 79   LEU D CA  1 
ATOM   579 C C   . LEU A 1 80  ? -9.896  -8.748  0.162   1.00 15.98  ? 79   LEU D C   1 
ATOM   580 O O   . LEU A 1 80  ? -9.661  -9.950  0.268   1.00 15.07  ? 79   LEU D O   1 
ATOM   581 C CB  . LEU A 1 80  ? -8.140  -7.566  -1.135  1.00 21.31  ? 79   LEU D CB  1 
ATOM   582 C CG  . LEU A 1 80  ? -7.307  -6.324  -1.467  1.00 15.63  ? 79   LEU D CG  1 
ATOM   583 C CD1 . LEU A 1 80  ? -7.794  -5.089  -0.702  1.00 7.83   ? 79   LEU D CD1 1 
ATOM   584 C CD2 . LEU A 1 80  ? -5.845  -6.596  -1.218  1.00 13.30  ? 79   LEU D CD2 1 
ATOM   585 N N   . THR A 1 81  ? -11.112 -8.243  -0.029  1.00 12.84  ? 80   THR D N   1 
ATOM   586 C CA  . THR A 1 81  ? -12.267 -9.038  -0.428  1.00 13.52  ? 80   THR D CA  1 
ATOM   587 C C   . THR A 1 81  ? -12.747 -8.453  -1.751  1.00 14.71  ? 80   THR D C   1 
ATOM   588 O O   . THR A 1 81  ? -12.609 -7.259  -1.985  1.00 20.00  ? 80   THR D O   1 
ATOM   589 C CB  . THR A 1 81  ? -13.415 -8.938  0.595   1.00 10.27  ? 80   THR D CB  1 
ATOM   590 O OG1 . THR A 1 81  ? -12.915 -9.178  1.912   1.00 22.15  ? 80   THR D OG1 1 
ATOM   591 C CG2 . THR A 1 81  ? -14.521 -9.938  0.285   1.00 15.71  ? 80   THR D CG2 1 
ATOM   592 N N   . ILE A 1 82  ? -13.294 -9.292  -2.620  1.00 16.74  ? 81   ILE D N   1 
ATOM   593 C CA  . ILE A 1 82  ? -13.870 -8.833  -3.882  1.00 13.56  ? 81   ILE D CA  1 
ATOM   594 C C   . ILE A 1 82  ? -15.160 -9.591  -4.126  1.00 15.34  ? 81   ILE D C   1 
ATOM   595 O O   . ILE A 1 82  ? -15.140 -10.817 -4.243  1.00 13.96  ? 81   ILE D O   1 
ATOM   596 C CB  . ILE A 1 82  ? -12.934 -9.090  -5.061  1.00 10.70  ? 81   ILE D CB  1 
ATOM   597 C CG1 . ILE A 1 82  ? -11.632 -8.313  -4.891  1.00 8.36   ? 81   ILE D CG1 1 
ATOM   598 C CG2 . ILE A 1 82  ? -13.611 -8.697  -6.362  1.00 11.34  ? 81   ILE D CG2 1 
ATOM   599 C CD1 . ILE A 1 82  ? -10.664 -8.533  -6.022  1.00 8.85   ? 81   ILE D CD1 1 
ATOM   600 N N   . GLN A 1 83  ? -16.276 -8.868  -4.206  1.00 14.81  ? 82   GLN D N   1 
ATOM   601 C CA  . GLN A 1 83  ? -17.590 -9.505  -4.311  1.00 19.32  ? 82   GLN D CA  1 
ATOM   602 C C   . GLN A 1 83  ? -18.297 -9.194  -5.621  1.00 14.99  ? 82   GLN D C   1 
ATOM   603 O O   . GLN A 1 83  ? -17.889 -8.305  -6.369  1.00 12.78  ? 82   GLN D O   1 
ATOM   604 C CB  . GLN A 1 83  ? -18.480 -9.134  -3.117  1.00 23.96  ? 82   GLN D CB  1 
ATOM   605 C CG  . GLN A 1 83  ? -18.801 -7.648  -2.961  1.00 36.27  ? 82   GLN D CG  1 
ATOM   606 C CD  . GLN A 1 83  ? -19.437 -7.326  -1.610  1.00 50.78  ? 82   GLN D CD  1 
ATOM   607 O OE1 . GLN A 1 83  ? -20.523 -6.744  -1.546  1.00 62.36  ? 82   GLN D OE1 1 
ATOM   608 N NE2 . GLN A 1 83  ? -18.762 -7.708  -0.524  1.00 43.01  ? 82   GLN D NE2 1 
ATOM   609 N N   . GLY A 1 84  ? -19.353 -9.957  -5.890  1.00 12.16  ? 83   GLY D N   1 
ATOM   610 C CA  . GLY A 1 84  ? -20.164 -9.786  -7.094  1.00 11.41  ? 83   GLY D CA  1 
ATOM   611 C C   . GLY A 1 84  ? -19.556 -10.427 -8.325  1.00 10.29  ? 83   GLY D C   1 
ATOM   612 O O   . GLY A 1 84  ? -19.990 -10.157 -9.446  1.00 13.70  ? 83   GLY D O   1 
ATOM   613 N N   . LEU A 1 85  ? -18.556 -11.284 -8.120  1.00 8.63   ? 84   LEU D N   1 
ATOM   614 C CA  . LEU A 1 85  ? -17.846 -11.907 -9.233  1.00 2.71   ? 84   LEU D CA  1 
ATOM   615 C C   . LEU A 1 85  ? -18.728 -12.907 -9.973  1.00 4.62   ? 84   LEU D C   1 
ATOM   616 O O   . LEU A 1 85  ? -19.531 -13.618 -9.362  1.00 9.94   ? 84   LEU D O   1 
ATOM   617 C CB  . LEU A 1 85  ? -16.564 -12.615 -8.758  1.00 3.99   ? 84   LEU D CB  1 
ATOM   618 C CG  . LEU A 1 85  ? -15.229 -11.863 -8.558  1.00 3.98   ? 84   LEU D CG  1 
ATOM   619 C CD1 . LEU A 1 85  ? -15.193 -10.490 -9.232  1.00 2.00   ? 84   LEU D CD1 1 
ATOM   620 C CD2 . LEU A 1 85  ? -14.847 -11.762 -7.091  1.00 2.00   ? 84   LEU D CD2 1 
ATOM   621 N N   . ARG A 1 86  ? -18.565 -12.946 -11.293 1.00 7.69   ? 85   ARG D N   1 
ATOM   622 C CA  . ARG A 1 86  ? -19.201 -13.942 -12.153 1.00 6.82   ? 85   ARG D CA  1 
ATOM   623 C C   . ARG A 1 86  ? -18.150 -14.555 -13.076 1.00 8.46   ? 85   ARG D C   1 
ATOM   624 O O   . ARG A 1 86  ? -17.019 -14.074 -13.140 1.00 4.02   ? 85   ARG D O   1 
ATOM   625 C CB  . ARG A 1 86  ? -20.325 -13.305 -12.967 1.00 7.88   ? 85   ARG D CB  1 
ATOM   626 C CG  . ARG A 1 86  ? -21.487 -12.825 -12.120 1.00 10.69  ? 85   ARG D CG  1 
ATOM   627 C CD  . ARG A 1 86  ? -22.570 -12.201 -12.971 1.00 13.26  ? 85   ARG D CD  1 
ATOM   628 N NE  . ARG A 1 86  ? -22.174 -10.893 -13.497 1.00 24.08  ? 85   ARG D NE  1 
ATOM   629 C CZ  . ARG A 1 86  ? -22.938 -10.120 -14.271 1.00 17.94  ? 85   ARG D CZ  1 
ATOM   630 N NH1 . ARG A 1 86  ? -24.165 -10.510 -14.630 1.00 9.25   ? 85   ARG D NH1 1 
ATOM   631 N NH2 . ARG A 1 86  ? -22.471 -8.946  -14.688 1.00 7.47   ? 85   ARG D NH2 1 
ATOM   632 N N   . ALA A 1 87  ? -18.528 -15.618 -13.780 1.00 12.18  ? 86   ALA D N   1 
ATOM   633 C CA  . ALA A 1 87  ? -17.583 -16.415 -14.581 1.00 13.34  ? 86   ALA D CA  1 
ATOM   634 C C   . ALA A 1 87  ? -16.587 -15.585 -15.399 1.00 12.21  ? 86   ALA D C   1 
ATOM   635 O O   . ALA A 1 87  ? -15.376 -15.803 -15.320 1.00 13.48  ? 86   ALA D O   1 
ATOM   636 C CB  . ALA A 1 87  ? -18.348 -17.363 -15.502 1.00 9.96   ? 86   ALA D CB  1 
ATOM   637 N N   A MET A 1 88  ? -17.107 -14.628 -16.166 0.50 15.04  ? 87   MET D N   1 
ATOM   638 N N   B MET A 1 88  ? -17.095 -14.635 -16.176 0.50 12.88  ? 87   MET D N   1 
ATOM   639 C CA  A MET A 1 88  ? -16.281 -13.820 -17.067 0.50 16.90  ? 87   MET D CA  1 
ATOM   640 C CA  B MET A 1 88  ? -16.246 -13.850 -17.071 0.50 13.28  ? 87   MET D CA  1 
ATOM   641 C C   A MET A 1 88  ? -15.282 -12.932 -16.324 0.50 16.10  ? 87   MET D C   1 
ATOM   642 C C   B MET A 1 88  ? -15.291 -12.912 -16.328 0.50 14.00  ? 87   MET D C   1 
ATOM   643 O O   A MET A 1 88  ? -14.355 -12.398 -16.933 0.50 18.77  ? 87   MET D O   1 
ATOM   644 O O   B MET A 1 88  ? -14.405 -12.318 -16.943 0.50 17.07  ? 87   MET D O   1 
ATOM   645 C CB  A MET A 1 88  ? -17.160 -12.965 -17.991 0.50 18.48  ? 87   MET D CB  1 
ATOM   646 C CB  B MET A 1 88  ? -17.111 -13.067 -18.058 0.50 12.53  ? 87   MET D CB  1 
ATOM   647 C CG  A MET A 1 88  ? -17.694 -11.669 -17.382 0.50 21.71  ? 87   MET D CG  1 
ATOM   648 C CG  B MET A 1 88  ? -17.899 -13.969 -18.991 0.50 10.24  ? 87   MET D CG  1 
ATOM   649 S SD  A MET A 1 88  ? -19.297 -11.844 -16.576 0.50 25.45  ? 87   MET D SD  1 
ATOM   650 S SD  B MET A 1 88  ? -16.832 -14.923 -20.090 0.50 2.00   ? 87   MET D SD  1 
ATOM   651 C CE  A MET A 1 88  ? -20.118 -10.358 -17.143 0.50 19.96  ? 87   MET D CE  1 
ATOM   652 C CE  B MET A 1 88  ? -16.346 -13.637 -21.236 0.50 2.00   ? 87   MET D CE  1 
ATOM   653 N N   . ASP A 1 89  ? -15.466 -12.792 -15.011 1.00 15.76  ? 88   ASP D N   1 
ATOM   654 C CA  . ASP A 1 89  ? -14.570 -11.995 -14.169 1.00 11.39  ? 88   ASP D CA  1 
ATOM   655 C C   . ASP A 1 89  ? -13.331 -12.771 -13.699 1.00 13.52  ? 88   ASP D C   1 
ATOM   656 O O   . ASP A 1 89  ? -12.529 -12.241 -12.924 1.00 6.40   ? 88   ASP D O   1 
ATOM   657 C CB  . ASP A 1 89  ? -15.324 -11.448 -12.956 1.00 12.56  ? 88   ASP D CB  1 
ATOM   658 C CG  . ASP A 1 89  ? -16.545 -10.633 -13.344 1.00 20.18  ? 88   ASP D CG  1 
ATOM   659 O OD1 . ASP A 1 89  ? -16.518 -9.979  -14.408 1.00 31.65  ? 88   ASP D OD1 1 
ATOM   660 O OD2 . ASP A 1 89  ? -17.535 -10.644 -12.579 1.00 28.71  ? 88   ASP D OD2 1 
ATOM   661 N N   . THR A 1 90  ? -13.173 -14.015 -14.156 1.00 13.35  ? 89   THR D N   1 
ATOM   662 C CA  . THR A 1 90  ? -11.946 -14.778 -13.904 1.00 10.20  ? 89   THR D CA  1 
ATOM   663 C C   . THR A 1 90  ? -10.742 -14.082 -14.533 1.00 8.45   ? 89   THR D C   1 
ATOM   664 O O   . THR A 1 90  ? -10.835 -13.556 -15.636 1.00 9.34   ? 89   THR D O   1 
ATOM   665 C CB  . THR A 1 90  ? -12.026 -16.214 -14.471 1.00 7.14   ? 89   THR D CB  1 
ATOM   666 O OG1 . THR A 1 90  ? -13.071 -16.946 -13.811 1.00 7.90   ? 89   THR D OG1 1 
ATOM   667 C CG2 . THR A 1 90  ? -10.704 -16.940 -14.263 1.00 5.93   ? 89   THR D CG2 1 
ATOM   668 N N   . GLY A 1 91  ? -9.617  -14.087 -13.823 1.00 9.02   ? 90   GLY D N   1 
ATOM   669 C CA  . GLY A 1 91  ? -8.390  -13.457 -14.307 1.00 7.69   ? 90   GLY D CA  1 
ATOM   670 C C   . GLY A 1 91  ? -7.380  -13.267 -13.191 1.00 4.77   ? 90   GLY D C   1 
ATOM   671 O O   . GLY A 1 91  ? -7.625  -13.678 -12.062 1.00 6.27   ? 90   GLY D O   1 
ATOM   672 N N   . LEU A 1 92  ? -6.245  -12.645 -13.507 1.00 4.72   ? 91   LEU D N   1 
ATOM   673 C CA  . LEU A 1 92  ? -5.185  -12.416 -12.521 1.00 4.57   ? 91   LEU D CA  1 
ATOM   674 C C   . LEU A 1 92  ? -5.390  -11.072 -11.825 1.00 4.24   ? 91   LEU D C   1 
ATOM   675 O O   . LEU A 1 92  ? -5.449  -10.037 -12.478 1.00 13.44  ? 91   LEU D O   1 
ATOM   676 C CB  . LEU A 1 92  ? -3.819  -12.454 -13.203 1.00 2.00   ? 91   LEU D CB  1 
ATOM   677 C CG  . LEU A 1 92  ? -2.592  -12.635 -12.310 1.00 4.04   ? 91   LEU D CG  1 
ATOM   678 C CD1 . LEU A 1 92  ? -2.606  -13.983 -11.611 1.00 7.90   ? 91   LEU D CD1 1 
ATOM   679 C CD2 . LEU A 1 92  ? -1.322  -12.487 -13.134 1.00 7.44   ? 91   LEU D CD2 1 
ATOM   680 N N   . TYR A 1 93  ? -5.502  -11.091 -10.500 1.00 7.55   ? 92   TYR D N   1 
ATOM   681 C CA  . TYR A 1 93  ? -5.740  -9.869  -9.720  1.00 10.27  ? 92   TYR D CA  1 
ATOM   682 C C   . TYR A 1 93  ? -4.485  -9.481  -8.931  1.00 7.49   ? 92   TYR D C   1 
ATOM   683 O O   . TYR A 1 93  ? -4.066  -10.195 -8.021  1.00 11.57  ? 92   TYR D O   1 
ATOM   684 C CB  . TYR A 1 93  ? -6.948  -10.046 -8.789  1.00 10.91  ? 92   TYR D CB  1 
ATOM   685 C CG  . TYR A 1 93  ? -8.276  -10.084 -9.527  1.00 11.01  ? 92   TYR D CG  1 
ATOM   686 C CD1 . TYR A 1 93  ? -9.223  -9.071  -9.363  1.00 14.37  ? 92   TYR D CD1 1 
ATOM   687 C CD2 . TYR A 1 93  ? -8.579  -11.125 -10.403 1.00 13.09  ? 92   TYR D CD2 1 
ATOM   688 C CE1 . TYR A 1 93  ? -10.440 -9.105  -10.047 1.00 2.11   ? 92   TYR D CE1 1 
ATOM   689 C CE2 . TYR A 1 93  ? -9.789  -11.166 -11.095 1.00 3.57   ? 92   TYR D CE2 1 
ATOM   690 C CZ  . TYR A 1 93  ? -10.715 -10.157 -10.911 1.00 5.71   ? 92   TYR D CZ  1 
ATOM   691 O OH  . TYR A 1 93  ? -11.913 -10.203 -11.591 1.00 3.39   ? 92   TYR D OH  1 
ATOM   692 N N   . ILE A 1 94  ? -3.912  -8.334  -9.290  1.00 10.72  ? 93   ILE D N   1 
ATOM   693 C CA  . ILE A 1 94  ? -2.593  -7.909  -8.821  1.00 7.03   ? 93   ILE D CA  1 
ATOM   694 C C   . ILE A 1 94  ? -2.692  -6.788  -7.801  1.00 9.45   ? 93   ILE D C   1 
ATOM   695 O O   . ILE A 1 94  ? -3.399  -5.808  -8.015  1.00 7.78   ? 93   ILE D O   1 
ATOM   696 C CB  . ILE A 1 94  ? -1.733  -7.417  -10.012 1.00 11.09  ? 93   ILE D CB  1 
ATOM   697 C CG1 . ILE A 1 94  ? -1.430  -8.583  -10.965 1.00 6.44   ? 93   ILE D CG1 1 
ATOM   698 C CG2 . ILE A 1 94  ? -0.427  -6.773  -9.522  1.00 3.61   ? 93   ILE D CG2 1 
ATOM   699 C CD1 . ILE A 1 94  ? -1.710  -8.277  -12.414 1.00 6.37   ? 93   ILE D CD1 1 
ATOM   700 N N   . CYS A 1 95  ? -1.966  -6.941  -6.697  1.00 16.21  ? 94   CYS D N   1 
ATOM   701 C CA  . CYS A 1 95  ? -1.833  -5.888  -5.689  1.00 20.04  ? 94   CYS D CA  1 
ATOM   702 C C   . CYS A 1 95  ? -0.705  -4.914  -6.039  1.00 16.87  ? 94   CYS D C   1 
ATOM   703 O O   . CYS A 1 95  ? 0.442   -5.322  -6.262  1.00 10.87  ? 94   CYS D O   1 
ATOM   704 C CB  . CYS A 1 95  ? -1.574  -6.486  -4.300  1.00 22.83  ? 94   CYS D CB  1 
ATOM   705 S SG  . CYS A 1 95  ? -3.076  -6.732  -3.363  1.00 40.65  ? 94   CYS D SG  1 
ATOM   706 N N   . LYS A 1 96  ? -1.050  -3.633  -6.098  1.00 11.04  ? 95   LYS D N   1 
ATOM   707 C CA  . LYS A 1 96  ? -0.072  -2.565  -6.183  1.00 11.73  ? 95   LYS D CA  1 
ATOM   708 C C   . LYS A 1 96  ? -0.200  -1.783  -4.886  1.00 11.93  ? 95   LYS D C   1 
ATOM   709 O O   . LYS A 1 96  ? -1.279  -1.280  -4.574  1.00 10.45  ? 95   LYS D O   1 
ATOM   710 C CB  . LYS A 1 96  ? -0.354  -1.680  -7.400  1.00 19.75  ? 95   LYS D CB  1 
ATOM   711 C CG  . LYS A 1 96  ? 0.481   -0.387  -7.492  1.00 19.26  ? 95   LYS D CG  1 
ATOM   712 C CD  . LYS A 1 96  ? 0.030   0.464   -8.683  1.00 20.89  ? 95   LYS D CD  1 
ATOM   713 C CE  . LYS A 1 96  ? 0.403   1.931   -8.527  1.00 19.84  ? 95   LYS D CE  1 
ATOM   714 N NZ  . LYS A 1 96  ? -0.371  2.797   -9.461  1.00 11.30  ? 95   LYS D NZ  1 
ATOM   715 N N   . VAL A 1 97  ? 0.891   -1.710  -4.125  1.00 9.38   ? 96   VAL D N   1 
ATOM   716 C CA  . VAL A 1 97  ? 0.897   -1.056  -2.815  1.00 10.00  ? 96   VAL D CA  1 
ATOM   717 C C   . VAL A 1 97  ? 1.935   0.058   -2.801  1.00 12.67  ? 96   VAL D C   1 
ATOM   718 O O   . VAL A 1 97  ? 3.117   -0.182  -3.077  1.00 11.99  ? 96   VAL D O   1 
ATOM   719 C CB  . VAL A 1 97  ? 1.219   -2.049  -1.669  1.00 10.56  ? 96   VAL D CB  1 
ATOM   720 C CG1 . VAL A 1 97  ? 1.110   -1.357  -0.317  1.00 7.83   ? 96   VAL D CG1 1 
ATOM   721 C CG2 . VAL A 1 97  ? 0.298   -3.261  -1.722  1.00 7.42   ? 96   VAL D CG2 1 
ATOM   722 N N   . GLU A 1 98  ? 1.483   1.269   -2.487  1.00 11.16  ? 97   GLU D N   1 
ATOM   723 C CA  . GLU A 1 98  ? 2.360   2.427   -2.358  1.00 13.36  ? 97   GLU D CA  1 
ATOM   724 C C   . GLU A 1 98  ? 2.435   2.853   -0.900  1.00 14.76  ? 97   GLU D C   1 
ATOM   725 O O   . GLU A 1 98  ? 1.403   3.050   -0.258  1.00 13.83  ? 97   GLU D O   1 
ATOM   726 C CB  . GLU A 1 98  ? 1.833   3.591   -3.188  1.00 14.39  ? 97   GLU D CB  1 
ATOM   727 C CG  . GLU A 1 98  ? 2.108   3.471   -4.663  1.00 21.52  ? 97   GLU D CG  1 
ATOM   728 C CD  . GLU A 1 98  ? 1.227   4.392   -5.486  1.00 33.04  ? 97   GLU D CD  1 
ATOM   729 O OE1 . GLU A 1 98  ? 1.747   5.394   -6.024  1.00 39.23  ? 97   GLU D OE1 1 
ATOM   730 O OE2 . GLU A 1 98  ? 0.008   4.116   -5.581  1.00 28.60  ? 97   GLU D OE2 1 
ATOM   731 N N   . LEU A 1 99  ? 3.655   2.994   -0.388  1.00 19.95  ? 98   LEU D N   1 
ATOM   732 C CA  . LEU A 1 99  ? 3.896   3.493   0.971   1.00 19.36  ? 98   LEU D CA  1 
ATOM   733 C C   . LEU A 1 99  ? 4.596   4.844   0.872   1.00 17.55  ? 98   LEU D C   1 
ATOM   734 O O   . LEU A 1 99  ? 5.549   5.000   0.112   1.00 15.63  ? 98   LEU D O   1 
ATOM   735 C CB  . LEU A 1 99  ? 4.769   2.510   1.761   1.00 20.99  ? 98   LEU D CB  1 
ATOM   736 C CG  . LEU A 1 99  ? 4.152   1.223   2.338   1.00 16.99  ? 98   LEU D CG  1 
ATOM   737 C CD1 . LEU A 1 99  ? 2.833   0.841   1.695   1.00 16.38  ? 98   LEU D CD1 1 
ATOM   738 C CD2 . LEU A 1 99  ? 5.147   0.076   2.188   1.00 16.28  ? 98   LEU D CD2 1 
ATOM   739 N N   . MET A 1 100 ? 4.122   5.814   1.642   1.00 23.86  ? 99   MET D N   1 
ATOM   740 C CA  . MET A 1 100 ? 4.698   7.157   1.629   1.00 26.94  ? 99   MET D CA  1 
ATOM   741 C C   . MET A 1 100 ? 5.089   7.574   3.047   1.00 28.16  ? 99   MET D C   1 
ATOM   742 O O   . MET A 1 100 ? 4.326   7.377   3.996   1.00 19.51  ? 99   MET D O   1 
ATOM   743 C CB  . MET A 1 100 ? 3.714   8.159   1.004   1.00 30.00  ? 99   MET D CB  1 
ATOM   744 C CG  . MET A 1 100 ? 3.519   7.998   -0.517  1.00 34.18  ? 99   MET D CG  1 
ATOM   745 S SD  . MET A 1 100 ? 1.872   7.471   -1.077  1.00 33.17  ? 99   MET D SD  1 
ATOM   746 C CE  . MET A 1 100 ? 1.670   5.924   -0.224  1.00 22.07  ? 99   MET D CE  1 
ATOM   747 N N   . TYR A 1 101 ? 6.285   8.144   3.174   1.00 30.44  ? 100  TYR D N   1 
ATOM   748 C CA  . TYR A 1 101 ? 6.844   8.542   4.468   1.00 32.45  ? 100  TYR D CA  1 
ATOM   749 C C   . TYR A 1 101 ? 7.186   10.039  4.504   1.00 32.59  ? 100  TYR D C   1 
ATOM   750 O O   . TYR A 1 101 ? 7.311   10.679  3.452   1.00 28.49  ? 100  TYR D O   1 
ATOM   751 C CB  . TYR A 1 101 ? 8.095   7.714   4.756   1.00 33.65  ? 100  TYR D CB  1 
ATOM   752 C CG  . TYR A 1 101 ? 7.802   6.252   4.973   1.00 43.88  ? 100  TYR D CG  1 
ATOM   753 C CD1 . TYR A 1 101 ? 7.649   5.742   6.259   1.00 53.50  ? 100  TYR D CD1 1 
ATOM   754 C CD2 . TYR A 1 101 ? 7.657   5.380   3.897   1.00 42.83  ? 100  TYR D CD2 1 
ATOM   755 C CE1 . TYR A 1 101 ? 7.372   4.399   6.470   1.00 51.63  ? 100  TYR D CE1 1 
ATOM   756 C CE2 . TYR A 1 101 ? 7.379   4.034   4.097   1.00 43.90  ? 100  TYR D CE2 1 
ATOM   757 C CZ  . TYR A 1 101 ? 7.238   3.552   5.388   1.00 47.63  ? 100  TYR D CZ  1 
ATOM   758 O OH  . TYR A 1 101 ? 6.958   2.224   5.608   1.00 51.74  ? 100  TYR D OH  1 
ATOM   759 N N   . PRO A 1 102 ? 7.344   10.606  5.718   1.00 34.57  ? 101  PRO D N   1 
ATOM   760 C CA  . PRO A 1 102 ? 7.678   12.032  5.800   1.00 37.02  ? 101  PRO D CA  1 
ATOM   761 C C   . PRO A 1 102 ? 9.131   12.315  5.404   1.00 38.00  ? 101  PRO D C   1 
ATOM   762 O O   . PRO A 1 102 ? 9.979   11.421  5.510   1.00 32.91  ? 101  PRO D O   1 
ATOM   763 C CB  . PRO A 1 102 ? 7.445   12.381  7.281   1.00 37.64  ? 101  PRO D CB  1 
ATOM   764 C CG  . PRO A 1 102 ? 6.991   11.112  7.957   1.00 38.88  ? 101  PRO D CG  1 
ATOM   765 C CD  . PRO A 1 102 ? 7.302   9.974   7.049   1.00 34.74  ? 101  PRO D CD  1 
ATOM   766 N N   . PRO A 1 103 ? 9.424   13.555  4.959   1.00 39.00  ? 102  PRO D N   1 
ATOM   767 C CA  . PRO A 1 103 ? 10.801  13.884  4.566   1.00 35.56  ? 102  PRO D CA  1 
ATOM   768 C C   . PRO A 1 103 ? 11.750  13.910  5.770   1.00 32.54  ? 102  PRO D C   1 
ATOM   769 O O   . PRO A 1 103 ? 11.459  14.591  6.758   1.00 30.40  ? 102  PRO D O   1 
ATOM   770 C CB  . PRO A 1 103 ? 10.681  15.285  3.935   1.00 35.85  ? 102  PRO D CB  1 
ATOM   771 C CG  . PRO A 1 103 ? 9.220   15.650  3.959   1.00 38.22  ? 102  PRO D CG  1 
ATOM   772 C CD  . PRO A 1 103 ? 8.536   14.733  4.915   1.00 39.12  ? 102  PRO D CD  1 
ATOM   773 N N   . PRO A 1 104 ? 12.868  13.160  5.701   1.00 29.06  ? 103  PRO D N   1 
ATOM   774 C CA  . PRO A 1 104 ? 13.816  13.220  6.808   1.00 27.55  ? 103  PRO D CA  1 
ATOM   775 C C   . PRO A 1 104 ? 14.415  14.614  7.001   1.00 26.00  ? 103  PRO D C   1 
ATOM   776 O O   . PRO A 1 104 ? 14.615  15.361  6.040   1.00 17.66  ? 103  PRO D O   1 
ATOM   777 C CB  . PRO A 1 104 ? 14.903  12.212  6.411   1.00 29.15  ? 103  PRO D CB  1 
ATOM   778 C CG  . PRO A 1 104 ? 14.273  11.319  5.420   1.00 26.32  ? 103  PRO D CG  1 
ATOM   779 C CD  . PRO A 1 104 ? 13.256  12.151  4.702   1.00 30.12  ? 103  PRO D CD  1 
ATOM   780 N N   . TYR A 1 105 ? 14.681  14.946  8.257   1.00 28.65  ? 104  TYR D N   1 
ATOM   781 C CA  . TYR A 1 105 ? 15.213  16.245  8.630   1.00 28.60  ? 104  TYR D CA  1 
ATOM   782 C C   . TYR A 1 105 ? 16.091  16.044  9.853   1.00 27.08  ? 104  TYR D C   1 
ATOM   783 O O   . TYR A 1 105 ? 15.631  15.505  10.859  1.00 20.39  ? 104  TYR D O   1 
ATOM   784 C CB  . TYR A 1 105 ? 14.063  17.206  8.932   1.00 33.14  ? 104  TYR D CB  1 
ATOM   785 C CG  . TYR A 1 105 ? 14.460  18.455  9.685   1.00 30.53  ? 104  TYR D CG  1 
ATOM   786 C CD1 . TYR A 1 105 ? 15.143  19.486  9.048   1.00 25.54  ? 104  TYR D CD1 1 
ATOM   787 C CD2 . TYR A 1 105 ? 14.136  18.610  11.032  1.00 27.21  ? 104  TYR D CD2 1 
ATOM   788 C CE1 . TYR A 1 105 ? 15.503  20.634  9.732   1.00 31.71  ? 104  TYR D CE1 1 
ATOM   789 C CE2 . TYR A 1 105 ? 14.488  19.753  11.726  1.00 26.72  ? 104  TYR D CE2 1 
ATOM   790 C CZ  . TYR A 1 105 ? 15.173  20.765  11.072  1.00 34.70  ? 104  TYR D CZ  1 
ATOM   791 O OH  . TYR A 1 105 ? 15.524  21.908  11.761  1.00 37.62  ? 104  TYR D OH  1 
ATOM   792 N N   . TYR A 1 106 ? 17.355  16.452  9.749   1.00 26.83  ? 105  TYR D N   1 
ATOM   793 C CA  . TYR A 1 106 ? 18.319  16.314  10.841  1.00 25.67  ? 105  TYR D CA  1 
ATOM   794 C C   . TYR A 1 106 ? 18.779  17.695  11.292  1.00 24.96  ? 105  TYR D C   1 
ATOM   795 O O   . TYR A 1 106 ? 19.138  18.536  10.465  1.00 25.84  ? 105  TYR D O   1 
ATOM   796 C CB  . TYR A 1 106 ? 19.531  15.483  10.395  1.00 28.81  ? 105  TYR D CB  1 
ATOM   797 C CG  . TYR A 1 106 ? 19.185  14.068  9.994   1.00 31.72  ? 105  TYR D CG  1 
ATOM   798 C CD1 . TYR A 1 106 ? 19.374  13.006  10.874  1.00 29.74  ? 105  TYR D CD1 1 
ATOM   799 C CD2 . TYR A 1 106 ? 18.657  13.791  8.735   1.00 39.22  ? 105  TYR D CD2 1 
ATOM   800 C CE1 . TYR A 1 106 ? 19.047  11.702  10.508  1.00 39.02  ? 105  TYR D CE1 1 
ATOM   801 C CE2 . TYR A 1 106 ? 18.325  12.493  8.360   1.00 35.75  ? 105  TYR D CE2 1 
ATOM   802 C CZ  . TYR A 1 106 ? 18.519  11.454  9.250   1.00 40.15  ? 105  TYR D CZ  1 
ATOM   803 O OH  . TYR A 1 106 ? 18.191  10.168  8.877   1.00 40.64  ? 105  TYR D OH  1 
ATOM   804 N N   . LEU A 1 107 ? 18.757  17.924  12.602  1.00 18.53  ? 106  LEU D N   1 
ATOM   805 C CA  . LEU A 1 107 ? 19.305  19.140  13.188  1.00 12.17  ? 106  LEU D CA  1 
ATOM   806 C C   . LEU A 1 107 ? 20.519  18.739  14.004  1.00 14.27  ? 106  LEU D C   1 
ATOM   807 O O   . LEU A 1 107 ? 20.440  17.826  14.835  1.00 8.30   ? 106  LEU D O   1 
ATOM   808 C CB  . LEU A 1 107 ? 18.275  19.823  14.094  1.00 13.44  ? 106  LEU D CB  1 
ATOM   809 C CG  . LEU A 1 107 ? 18.405  21.330  14.363  1.00 5.90   ? 106  LEU D CG  1 
ATOM   810 C CD1 . LEU A 1 107 ? 17.523  21.739  15.539  1.00 5.51   ? 106  LEU D CD1 1 
ATOM   811 C CD2 . LEU A 1 107 ? 19.830  21.747  14.611  1.00 18.07  ? 106  LEU D CD2 1 
ATOM   812 N N   . GLY A 1 108 ? 21.640  19.414  13.752  1.00 13.06  ? 107  GLY D N   1 
ATOM   813 C CA  . GLY A 1 108 ? 22.848  19.266  14.559  1.00 10.12  ? 107  GLY D CA  1 
ATOM   814 C C   . GLY A 1 108 ? 23.239  20.603  15.153  1.00 9.01   ? 107  GLY D C   1 
ATOM   815 O O   . GLY A 1 108 ? 23.259  21.619  14.457  1.00 9.74   ? 107  GLY D O   1 
ATOM   816 N N   . ILE A 1 109 ? 23.526  20.606  16.449  1.00 9.34   ? 108  ILE D N   1 
ATOM   817 C CA  . ILE A 1 109 ? 23.926  21.822  17.152  1.00 5.51   ? 108  ILE D CA  1 
ATOM   818 C C   . ILE A 1 109 ? 25.292  21.553  17.751  1.00 9.74   ? 108  ILE D C   1 
ATOM   819 O O   . ILE A 1 109 ? 25.463  20.612  18.532  1.00 9.96   ? 108  ILE D O   1 
ATOM   820 C CB  . ILE A 1 109 ? 22.908  22.201  18.256  1.00 6.87   ? 108  ILE D CB  1 
ATOM   821 C CG1 . ILE A 1 109 ? 21.527  22.454  17.637  1.00 9.84   ? 108  ILE D CG1 1 
ATOM   822 C CG2 . ILE A 1 109 ? 23.357  23.448  19.010  1.00 2.00   ? 108  ILE D CG2 1 
ATOM   823 C CD1 . ILE A 1 109 ? 20.366  21.994  18.502  1.00 29.03  ? 108  ILE D CD1 1 
ATOM   824 N N   . GLY A 1 110 ? 26.268  22.366  17.358  1.00 10.13  ? 109  GLY D N   1 
ATOM   825 C CA  . GLY A 1 110 ? 27.642  22.195  17.808  1.00 11.88  ? 109  GLY D CA  1 
ATOM   826 C C   . GLY A 1 110 ? 27.863  22.747  19.201  1.00 14.45  ? 109  GLY D C   1 
ATOM   827 O O   . GLY A 1 110 ? 27.074  23.560  19.698  1.00 11.21  ? 109  GLY D O   1 
ATOM   828 N N   . ASN A 1 111 ? 28.951  22.310  19.830  1.00 14.27  ? 110  ASN D N   1 
ATOM   829 C CA  . ASN A 1 111 ? 29.258  22.724  21.202  1.00 19.48  ? 110  ASN D CA  1 
ATOM   830 C C   . ASN A 1 111 ? 29.784  24.159  21.260  1.00 14.85  ? 110  ASN D C   1 
ATOM   831 O O   . ASN A 1 111 ? 29.759  24.799  22.317  1.00 11.81  ? 110  ASN D O   1 
ATOM   832 C CB  . ASN A 1 111 ? 30.260  21.754  21.842  1.00 24.36  ? 110  ASN D CB  1 
ATOM   833 C CG  . ASN A 1 111 ? 29.748  20.315  21.868  1.00 36.95  ? 110  ASN D CG  1 
ATOM   834 O OD1 . ASN A 1 111 ? 29.505  19.708  20.817  1.00 44.62  ? 110  ASN D OD1 1 
ATOM   835 N ND2 . ASN A 1 111 ? 29.582  19.765  23.070  1.00 37.50  ? 110  ASN D ND2 1 
ATOM   836 N N   . GLY A 1 112 ? 30.258  24.649  20.117  1.00 10.47  ? 111  GLY D N   1 
ATOM   837 C CA  . GLY A 1 112 ? 30.708  26.023  19.975  1.00 6.80   ? 111  GLY D CA  1 
ATOM   838 C C   . GLY A 1 112 ? 32.209  26.094  19.800  1.00 8.86   ? 111  GLY D C   1 
ATOM   839 O O   . GLY A 1 112 ? 32.946  25.211  20.247  1.00 8.34   ? 111  GLY D O   1 
ATOM   840 N N   . THR A 1 113 ? 32.653  27.144  19.124  1.00 2.82   ? 112  THR D N   1 
ATOM   841 C CA  . THR A 1 113 ? 34.062  27.464  19.017  1.00 2.00   ? 112  THR D CA  1 
ATOM   842 C C   . THR A 1 113 ? 34.272  28.821  19.678  1.00 4.96   ? 112  THR D C   1 
ATOM   843 O O   . THR A 1 113 ? 33.741  29.831  19.214  1.00 6.14   ? 112  THR D O   1 
ATOM   844 C CB  . THR A 1 113 ? 34.503  27.536  17.549  1.00 2.00   ? 112  THR D CB  1 
ATOM   845 O OG1 . THR A 1 113 ? 34.202  26.293  16.902  1.00 4.69   ? 112  THR D OG1 1 
ATOM   846 C CG2 . THR A 1 113 ? 35.991  27.807  17.445  1.00 2.00   ? 112  THR D CG2 1 
ATOM   847 N N   . GLN A 1 114 ? 35.025  28.844  20.773  1.00 3.65   ? 113  GLN D N   1 
ATOM   848 C CA  . GLN A 1 114 ? 35.378  30.104  21.408  1.00 6.51   ? 113  GLN D CA  1 
ATOM   849 C C   . GLN A 1 114 ? 36.398  30.802  20.522  1.00 7.13   ? 113  GLN D C   1 
ATOM   850 O O   . GLN A 1 114 ? 37.508  30.310  20.341  1.00 3.59   ? 113  GLN D O   1 
ATOM   851 C CB  . GLN A 1 114 ? 35.943  29.883  22.812  1.00 4.57   ? 113  GLN D CB  1 
ATOM   852 C CG  . GLN A 1 114 ? 36.354  31.166  23.540  1.00 10.82  ? 113  GLN D CG  1 
ATOM   853 C CD  . GLN A 1 114 ? 35.185  32.056  23.915  1.00 9.24   ? 113  GLN D CD  1 
ATOM   854 O OE1 . GLN A 1 114 ? 34.054  31.593  24.053  1.00 24.83  ? 113  GLN D OE1 1 
ATOM   855 N NE2 . GLN A 1 114 ? 35.460  33.345  24.099  1.00 3.53   ? 113  GLN D NE2 1 
ATOM   856 N N   . ILE A 1 115 ? 36.001  31.937  19.954  1.00 10.12  ? 114  ILE D N   1 
ATOM   857 C CA  . ILE A 1 115 ? 36.875  32.721  19.097  1.00 4.95   ? 114  ILE D CA  1 
ATOM   858 C C   . ILE A 1 115 ? 37.426  33.883  19.894  1.00 4.94   ? 114  ILE D C   1 
ATOM   859 O O   . ILE A 1 115 ? 36.661  34.694  20.415  1.00 3.45   ? 114  ILE D O   1 
ATOM   860 C CB  . ILE A 1 115 ? 36.125  33.262  17.875  1.00 9.40   ? 114  ILE D CB  1 
ATOM   861 C CG1 . ILE A 1 115 ? 35.668  32.099  16.986  1.00 8.71   ? 114  ILE D CG1 1 
ATOM   862 C CG2 . ILE A 1 115 ? 37.012  34.216  17.091  1.00 2.14   ? 114  ILE D CG2 1 
ATOM   863 C CD1 . ILE A 1 115 ? 35.058  32.541  15.673  1.00 10.09  ? 114  ILE D CD1 1 
ATOM   864 N N   . TYR A 1 116 ? 38.753  33.940  19.996  1.00 6.96   ? 115  TYR D N   1 
ATOM   865 C CA  . TYR A 1 116 ? 39.454  35.018  20.689  1.00 7.34   ? 115  TYR D CA  1 
ATOM   866 C C   . TYR A 1 116 ? 40.056  35.971  19.672  1.00 7.40   ? 115  TYR D C   1 
ATOM   867 O O   . TYR A 1 116 ? 40.800  35.542  18.789  1.00 4.50   ? 115  TYR D O   1 
ATOM   868 C CB  . TYR A 1 116 ? 40.574  34.460  21.565  1.00 8.18   ? 115  TYR D CB  1 
ATOM   869 C CG  . TYR A 1 116 ? 40.089  33.698  22.774  1.00 3.48   ? 115  TYR D CG  1 
ATOM   870 C CD1 . TYR A 1 116 ? 39.288  34.317  23.728  1.00 15.49  ? 115  TYR D CD1 1 
ATOM   871 C CD2 . TYR A 1 116 ? 40.442  32.365  22.975  1.00 2.00   ? 115  TYR D CD2 1 
ATOM   872 C CE1 . TYR A 1 116 ? 38.840  33.631  24.843  1.00 13.35  ? 115  TYR D CE1 1 
ATOM   873 C CE2 . TYR A 1 116 ? 40.000  31.670  24.088  1.00 3.35   ? 115  TYR D CE2 1 
ATOM   874 C CZ  . TYR A 1 116 ? 39.199  32.312  25.021  1.00 7.37   ? 115  TYR D CZ  1 
ATOM   875 O OH  . TYR A 1 116 ? 38.744  31.642  26.134  1.00 19.03  ? 115  TYR D OH  1 
ATOM   876 N N   . VAL A 1 117 ? 39.736  37.255  19.812  1.00 5.52   ? 116  VAL D N   1 
ATOM   877 C CA  . VAL A 1 117 ? 40.220  38.287  18.902  1.00 3.15   ? 116  VAL D CA  1 
ATOM   878 C C   . VAL A 1 117 ? 41.126  39.271  19.639  1.00 6.09   ? 116  VAL D C   1 
ATOM   879 O O   . VAL A 1 117 ? 40.762  39.804  20.692  1.00 7.48   ? 116  VAL D O   1 
ATOM   880 C CB  . VAL A 1 117 ? 39.054  39.044  18.252  1.00 2.49   ? 116  VAL D CB  1 
ATOM   881 C CG1 . VAL A 1 117 ? 39.579  40.093  17.278  1.00 2.00   ? 116  VAL D CG1 1 
ATOM   882 C CG2 . VAL A 1 117 ? 38.122  38.060  17.546  1.00 2.00   ? 116  VAL D CG2 1 
ATOM   883 N N   . ILE A 1 118 ? 42.299  39.510  19.064  1.00 10.74  ? 117  ILE D N   1 
ATOM   884 C CA  . ILE A 1 118 ? 43.327  40.349  19.676  1.00 11.62  ? 117  ILE D CA  1 
ATOM   885 C C   . ILE A 1 118 ? 42.979  41.831  19.599  1.00 15.77  ? 117  ILE D C   1 
ATOM   886 O O   . ILE A 1 118 ? 42.634  42.332  18.534  1.00 16.12  ? 117  ILE D O   1 
ATOM   887 C CB  . ILE A 1 118 ? 44.680  40.155  18.963  1.00 11.13  ? 117  ILE D CB  1 
ATOM   888 C CG1 . ILE A 1 118 ? 45.195  38.728  19.174  1.00 13.45  ? 117  ILE D CG1 1 
ATOM   889 C CG2 . ILE A 1 118 ? 45.696  41.169  19.457  1.00 8.49   ? 117  ILE D CG2 1 
ATOM   890 C CD1 . ILE A 1 118 ? 46.232  38.302  18.164  1.00 11.13  ? 117  ILE D CD1 1 
ATOM   891 N N   . ASP A 1 119 ? 43.078  42.520  20.733  1.00 27.50  ? 118  ASP D N   1 
ATOM   892 C CA  . ASP A 1 119 ? 43.028  43.981  20.762  1.00 34.81  ? 118  ASP D CA  1 
ATOM   893 C C   . ASP A 1 119 ? 44.449  44.523  20.554  1.00 38.39  ? 118  ASP D C   1 
ATOM   894 O O   . ASP A 1 119 ? 45.294  44.396  21.445  1.00 40.73  ? 118  ASP D O   1 
ATOM   895 C CB  . ASP A 1 119 ? 42.461  44.480  22.097  1.00 35.97  ? 118  ASP D CB  1 
ATOM   896 C CG  . ASP A 1 119 ? 42.155  45.975  22.092  1.00 42.93  ? 118  ASP D CG  1 
ATOM   897 O OD1 . ASP A 1 119 ? 42.228  46.608  21.017  1.00 58.09  ? 118  ASP D OD1 1 
ATOM   898 O OD2 . ASP A 1 119 ? 41.837  46.520  23.173  1.00 46.22  ? 118  ASP D OD2 1 
ATOM   899 N N   . PRO A 1 120 ? 44.723  45.123  19.378  1.00 41.63  ? 119  PRO D N   1 
ATOM   900 C CA  . PRO A 1 120 ? 46.057  45.640  19.115  1.00 42.77  ? 119  PRO D CA  1 
ATOM   901 C C   . PRO A 1 120 ? 46.167  47.110  19.537  1.00 44.45  ? 119  PRO D C   1 
ATOM   902 O O   . PRO A 1 120 ? 45.400  47.558  20.393  1.00 43.32  ? 119  PRO D O   1 
ATOM   903 C CB  . PRO A 1 120 ? 46.177  45.471  17.595  1.00 43.81  ? 119  PRO D CB  1 
ATOM   904 C CG  . PRO A 1 120 ? 44.756  45.579  17.080  1.00 40.22  ? 119  PRO D CG  1 
ATOM   905 C CD  . PRO A 1 120 ? 43.818  45.423  18.253  1.00 39.67  ? 119  PRO D CD  1 
ATOM   906 N N   . GLU A 1 121 ? 47.126  47.839  18.971  1.00 47.46  ? 120  GLU D N   1 
ATOM   907 C CA  . GLU A 1 121 ? 47.174  49.298  19.096  1.00 48.72  ? 120  GLU D CA  1 
ATOM   908 C C   . GLU A 1 121 ? 47.710  49.948  17.821  1.00 50.07  ? 120  GLU D C   1 
ATOM   909 O O   . GLU A 1 121 ? 48.871  49.762  17.458  1.00 53.45  ? 120  GLU D O   1 
ATOM   910 C CB  . GLU A 1 121 ? 48.022  49.712  20.299  1.00 47.50  ? 120  GLU D CB  1 
ATOM   911 C CG  . GLU A 1 121 ? 47.243  49.764  21.602  1.00 47.81  ? 120  GLU D CG  1 
ATOM   912 C CD  . GLU A 1 121 ? 47.916  50.622  22.650  1.00 49.44  ? 120  GLU D CD  1 
ATOM   913 O OE1 . GLU A 1 121 ? 49.146  50.490  22.821  1.00 56.55  ? 120  GLU D OE1 1 
ATOM   914 O OE2 . GLU A 1 121 ? 47.215  51.427  23.303  1.00 48.93  ? 120  GLU D OE2 1 
HETATM 915 O O   . HOH B 2 .   ? 15.473  -2.437  -6.307  1.00 32.20  ? 2001 HOH D O   1 
HETATM 916 O O   . HOH B 2 .   ? 7.585   -5.084  -6.320  1.00 12.91  ? 2002 HOH D O   1 
HETATM 917 O O   . HOH B 2 .   ? -4.773  -19.751 -1.581  1.00 12.89  ? 2003 HOH D O   1 
HETATM 918 O O   . HOH B 2 .   ? -13.979 -20.937 -1.860  1.00 13.72  ? 2004 HOH D O   1 
HETATM 919 O O   . HOH B 2 .   ? -18.837 -16.497 0.186   1.00 18.86  ? 2005 HOH D O   1 
HETATM 920 O O   . HOH B 2 .   ? -15.538 -16.484 -0.210  1.00 42.61  ? 2006 HOH D O   1 
HETATM 921 O O   . HOH B 2 .   ? 0.240   12.640  5.182   1.00 33.38  ? 2007 HOH D O   1 
HETATM 922 O O   . HOH B 2 .   ? 5.584   13.298  9.728   1.00 34.58  ? 2008 HOH D O   1 
HETATM 923 O O   . HOH B 2 .   ? -22.564 -16.527 -10.982 1.00 30.93  ? 2009 HOH D O   1 
HETATM 924 O O   . HOH B 2 .   ? -3.037  10.257  3.999   1.00 26.86  ? 2010 HOH D O   1 
HETATM 925 O O   . HOH B 2 .   ? -1.592  1.855   -5.320  1.00 9.65   ? 2011 HOH D O   1 
HETATM 926 O O   . HOH B 2 .   ? -13.882 -8.646  -15.389 1.00 16.93  ? 2012 HOH D O   1 
HETATM 927 O O   . HOH B 2 .   ? -8.765  -6.501  -17.131 1.00 15.43  ? 2013 HOH D O   1 
HETATM 928 O O   . HOH B 2 .   ? -6.549  -14.240 -17.190 1.00 20.21  ? 2014 HOH D O   1 
HETATM 929 O O   . HOH B 2 .   ? 0.342   -7.110  -19.245 1.00 13.33  ? 2015 HOH D O   1 
HETATM 930 O O   . HOH B 2 .   ? 33.577  22.468  23.357  1.00 25.29  ? 2016 HOH D O   1 
HETATM 931 O O   . HOH B 2 .   ? -3.105  -12.154 -20.371 1.00 19.74  ? 2017 HOH D O   1 
HETATM 932 O O   . HOH B 2 .   ? -5.582  -5.197  -28.013 1.00 21.25  ? 2018 HOH D O   1 
HETATM 933 O O   . HOH B 2 .   ? -4.290  -0.942  -19.602 1.00 17.12  ? 2019 HOH D O   1 
HETATM 934 O O   . HOH B 2 .   ? -9.959  2.504   -8.708  1.00 20.16  ? 2020 HOH D O   1 
HETATM 935 O O   . HOH B 2 .   ? -12.433 1.766   -5.730  1.00 19.94  ? 2021 HOH D O   1 
HETATM 936 O O   . HOH B 2 .   ? -14.095 -0.020  -6.890  1.00 20.00  ? 2022 HOH D O   1 
HETATM 937 O O   . HOH B 2 .   ? -16.646 -0.207  -0.673  1.00 17.72  ? 2023 HOH D O   1 
HETATM 938 O O   . HOH B 2 .   ? -12.790 -6.719  4.969   1.00 36.62  ? 2024 HOH D O   1 
HETATM 939 O O   . HOH B 2 .   ? -11.023 -8.487  4.013   1.00 23.92  ? 2025 HOH D O   1 
HETATM 940 O O   . HOH B 2 .   ? -16.181 -7.239  -1.000  1.00 32.86  ? 2026 HOH D O   1 
HETATM 941 O O   . HOH B 2 .   ? -17.935 -7.800  -9.207  1.00 16.96  ? 2027 HOH D O   1 
HETATM 942 O O   . HOH B 2 .   ? -21.529 -6.011  -7.628  1.00 26.20  ? 2028 HOH D O   1 
HETATM 943 O O   . HOH B 2 .   ? -25.693 -12.830 -13.523 1.00 19.55  ? 2029 HOH D O   1 
HETATM 944 O O   . HOH B 2 .   ? -21.307 -17.053 -13.132 1.00 13.57  ? 2030 HOH D O   1 
HETATM 945 O O   . HOH B 2 .   ? -16.146 -8.150  -11.156 1.00 24.37  ? 2031 HOH D O   1 
HETATM 946 O O   . HOH B 2 .   ? -19.105 -9.147  -14.671 1.00 50.31  ? 2032 HOH D O   1 
HETATM 947 O O   . HOH B 2 .   ? -13.354 -7.930  -11.605 1.00 18.63  ? 2033 HOH D O   1 
HETATM 948 O O   . HOH B 2 .   ? 10.750  9.233   6.649   1.00 24.80  ? 2034 HOH D O   1 
HETATM 949 O O   . HOH B 2 .   ? 11.201  18.068  6.740   1.00 20.91  ? 2035 HOH D O   1 
HETATM 950 O O   . HOH B 2 .   ? 13.295  17.521  5.038   1.00 22.33  ? 2036 HOH D O   1 
HETATM 951 O O   . HOH B 2 .   ? 17.993  9.497   6.054   1.00 22.04  ? 2037 HOH D O   1 
HETATM 952 O O   . HOH B 2 .   ? 15.277  9.372   8.172   1.00 30.14  ? 2038 HOH D O   1 
HETATM 953 O O   . HOH B 2 .   ? 20.350  18.203  17.923  1.00 13.19  ? 2039 HOH D O   1 
HETATM 954 O O   . HOH B 2 .   ? 26.839  18.451  18.723  1.00 9.74   ? 2040 HOH D O   1 
HETATM 955 O O   . HOH B 2 .   ? 28.220  18.858  25.514  1.00 24.33  ? 2041 HOH D O   1 
HETATM 956 O O   . HOH B 2 .   ? 33.269  22.516  20.325  1.00 2.00   ? 2042 HOH D O   1 
HETATM 957 O O   . HOH B 2 .   ? 31.879  30.594  26.581  1.00 23.43  ? 2043 HOH D O   1 
HETATM 958 O O   . HOH B 2 .   ? 35.392  31.661  27.811  1.00 31.74  ? 2044 HOH D O   1 
HETATM 959 O O   . HOH B 2 .   ? 37.430  28.637  25.644  1.00 9.62   ? 2045 HOH D O   1 
HETATM 960 O O   . HOH B 2 .   ? 42.931  38.741  16.524  1.00 9.85   ? 2046 HOH D O   1 
HETATM 961 O O   . HOH B 2 .   ? 42.240  41.251  16.105  1.00 27.98  ? 2047 HOH D O   1 
HETATM 962 O O   . HOH B 2 .   ? 44.048  48.534  23.079  1.00 24.73  ? 2048 HOH D O   1 
HETATM 963 O O   . HOH B 2 .   ? 46.991  52.775  20.388  1.00 26.85  ? 2049 HOH D O   1 
HETATM 964 O O   . HOH B 2 .   ? 49.243  45.659  18.444  1.00 22.70  ? 2050 HOH D O   1 
# 
